data_4L7X
# 
_entry.id   4L7X 
# 
_audit_conform.dict_name       mmcif_pdbx.dic 
_audit_conform.dict_version    5.403 
_audit_conform.dict_location   http://mmcif.pdb.org/dictionaries/ascii/mmcif_pdbx.dic 
# 
loop_
_database_2.database_id 
_database_2.database_code 
_database_2.pdbx_database_accession 
_database_2.pdbx_DOI 
PDB   4L7X         pdb_00004l7x 10.2210/pdb4l7x/pdb 
RCSB  RCSB080293   ?            ?                   
WWPDB D_1000080293 ?            ?                   
# 
loop_
_pdbx_audit_revision_history.ordinal 
_pdbx_audit_revision_history.data_content_type 
_pdbx_audit_revision_history.major_revision 
_pdbx_audit_revision_history.minor_revision 
_pdbx_audit_revision_history.revision_date 
_pdbx_audit_revision_history.part_number 
1 'Structure model' 1 0 2013-07-24 ? 
2 'Structure model' 1 1 2025-03-26 ? 
# 
_pdbx_audit_revision_details.ordinal             1 
_pdbx_audit_revision_details.revision_ordinal    1 
_pdbx_audit_revision_details.data_content_type   'Structure model' 
_pdbx_audit_revision_details.provider            repository 
_pdbx_audit_revision_details.type                'Initial release' 
_pdbx_audit_revision_details.description         ? 
_pdbx_audit_revision_details.details             ? 
# 
loop_
_pdbx_audit_revision_group.ordinal 
_pdbx_audit_revision_group.revision_ordinal 
_pdbx_audit_revision_group.data_content_type 
_pdbx_audit_revision_group.group 
1 2 'Structure model' 'Data collection'      
2 2 'Structure model' 'Database references'  
3 2 'Structure model' 'Derived calculations' 
4 2 'Structure model' 'Structure summary'    
# 
loop_
_pdbx_audit_revision_category.ordinal 
_pdbx_audit_revision_category.revision_ordinal 
_pdbx_audit_revision_category.data_content_type 
_pdbx_audit_revision_category.category 
1 2 'Structure model' chem_comp_atom            
2 2 'Structure model' chem_comp_bond            
3 2 'Structure model' database_2                
4 2 'Structure model' pdbx_entry_details        
5 2 'Structure model' pdbx_modification_feature 
6 2 'Structure model' pdbx_struct_conn_angle    
7 2 'Structure model' struct_conn               
8 2 'Structure model' struct_ref_seq_dif        
9 2 'Structure model' struct_site               
# 
loop_
_pdbx_audit_revision_item.ordinal 
_pdbx_audit_revision_item.revision_ordinal 
_pdbx_audit_revision_item.data_content_type 
_pdbx_audit_revision_item.item 
1  2 'Structure model' '_database_2.pdbx_DOI'                        
2  2 'Structure model' '_database_2.pdbx_database_accession'         
3  2 'Structure model' '_pdbx_struct_conn_angle.ptnr1_auth_comp_id'  
4  2 'Structure model' '_pdbx_struct_conn_angle.ptnr1_auth_seq_id'   
5  2 'Structure model' '_pdbx_struct_conn_angle.ptnr1_label_atom_id' 
6  2 'Structure model' '_pdbx_struct_conn_angle.ptnr1_label_comp_id' 
7  2 'Structure model' '_pdbx_struct_conn_angle.ptnr1_label_seq_id'  
8  2 'Structure model' '_pdbx_struct_conn_angle.ptnr3_auth_comp_id'  
9  2 'Structure model' '_pdbx_struct_conn_angle.ptnr3_auth_seq_id'   
10 2 'Structure model' '_pdbx_struct_conn_angle.ptnr3_label_atom_id' 
11 2 'Structure model' '_pdbx_struct_conn_angle.ptnr3_label_comp_id' 
12 2 'Structure model' '_pdbx_struct_conn_angle.ptnr3_label_seq_id'  
13 2 'Structure model' '_pdbx_struct_conn_angle.value'               
14 2 'Structure model' '_struct_conn.pdbx_dist_value'                
15 2 'Structure model' '_struct_conn.pdbx_leaving_atom_flag'         
16 2 'Structure model' '_struct_conn.ptnr1_auth_comp_id'             
17 2 'Structure model' '_struct_conn.ptnr1_auth_seq_id'              
18 2 'Structure model' '_struct_conn.ptnr1_label_atom_id'            
19 2 'Structure model' '_struct_conn.ptnr1_label_comp_id'            
20 2 'Structure model' '_struct_conn.ptnr1_label_seq_id'             
21 2 'Structure model' '_struct_conn.ptnr2_auth_seq_id'              
22 2 'Structure model' '_struct_conn.ptnr2_label_asym_id'            
23 2 'Structure model' '_struct_ref_seq_dif.details'                 
24 2 'Structure model' '_struct_site.pdbx_auth_asym_id'              
25 2 'Structure model' '_struct_site.pdbx_auth_comp_id'              
26 2 'Structure model' '_struct_site.pdbx_auth_seq_id'               
# 
_pdbx_database_status.status_code                     REL 
_pdbx_database_status.entry_id                        4L7X 
_pdbx_database_status.recvd_initial_deposition_date   2013-06-14 
_pdbx_database_status.deposit_site                    RCSB 
_pdbx_database_status.process_site                    RCSB 
_pdbx_database_status.status_code_sf                  REL 
_pdbx_database_status.status_code_mr                  ? 
_pdbx_database_status.SG_entry                        ? 
_pdbx_database_status.status_code_cs                  ? 
_pdbx_database_status.methods_development_category    ? 
_pdbx_database_status.pdb_format_compatible           Y 
_pdbx_database_status.status_code_nmr_data            ? 
# 
_pdbx_database_related.db_name        PDB 
_pdbx_database_related.db_id          4L58 
_pdbx_database_related.details        . 
_pdbx_database_related.content_type   unspecified 
# 
loop_
_audit_author.name 
_audit_author.pdbx_ordinal 
'Tong, Q.'          1 
'Gatchalian, J.'    2 
'Kutateladze, T.G.' 3 
# 
_citation.id                        primary 
_citation.title                     'Dido3 PHD Modulates Cell Differentiation and Division.' 
_citation.journal_abbrev            'Cell Rep' 
_citation.journal_volume            4 
_citation.page_first                148 
_citation.page_last                 158 
_citation.year                      2013 
_citation.journal_id_ASTM           ? 
_citation.country                   US 
_citation.journal_id_ISSN           2211-1247 
_citation.journal_id_CSD            ? 
_citation.book_publisher            ? 
_citation.pdbx_database_id_PubMed   23831028 
_citation.pdbx_database_id_DOI      10.1016/j.celrep.2013.06.014 
# 
loop_
_citation_author.citation_id 
_citation_author.name 
_citation_author.ordinal 
_citation_author.identifier_ORCID 
primary 'Gatchalian, J.'       1  ? 
primary 'Futterer, A.'         2  ? 
primary 'Rothbart, S.B.'       3  ? 
primary 'Tong, Q.'             4  ? 
primary 'Rincon-Arano, H.'     5  ? 
primary 'Sanchez de Diego, A.' 6  ? 
primary 'Groudine, M.'         7  ? 
primary 'Strahl, B.D.'         8  ? 
primary 'Martinez-A, C.'       9  ? 
primary 'van Wely, K.H.'       10 ? 
primary 'Kutateladze, T.G.'    11 ? 
# 
loop_
_entity.id 
_entity.type 
_entity.src_method 
_entity.pdbx_description 
_entity.formula_weight 
_entity.pdbx_number_of_molecules 
_entity.pdbx_ec 
_entity.pdbx_mutation 
_entity.pdbx_fragment 
_entity.details 
1 polymer     man 'Death-inducer obliterator 1' 7280.341 1  ? ? 'PHD-type zinc finger domain residues 266-325' ? 
2 polymer     syn 'Histone H3 peptide'          1350.568 1  ? ? ?                                              ? 
3 non-polymer syn 'ZINC ION'                    65.409   2  ? ? ?                                              ? 
4 water       nat water                         18.015   74 ? ? ?                                              ? 
# 
loop_
_entity_name_com.entity_id 
_entity_name_com.name 
1 'DIO-1, hDido1, Death-associated transcription factor 1, DATF-1' 
2 'H3K4me3 peptide'                                                
# 
loop_
_entity_poly.entity_id 
_entity_poly.type 
_entity_poly.nstd_linkage 
_entity_poly.nstd_monomer 
_entity_poly.pdbx_seq_one_letter_code 
_entity_poly.pdbx_seq_one_letter_code_can 
_entity_poly.pdbx_strand_id 
_entity_poly.pdbx_target_identifier 
1 'polypeptide(L)' no no  GPLPNALYCICRQPHNNRFMICCDRCEEWFHGDCVGISEARGRLLERNGEDYICPNCTILQVQ 
GPLPNALYCICRQPHNNRFMICCDRCEEWFHGDCVGISEARGRLLERNGEDYICPNCTILQVQ A ? 
2 'polypeptide(L)' no yes 'ART(M3L)QTARKSTG'                                              ARTKQTARKSTG U ? 
# 
loop_
_pdbx_entity_nonpoly.entity_id 
_pdbx_entity_nonpoly.name 
_pdbx_entity_nonpoly.comp_id 
3 'ZINC ION' ZN  
4 water      HOH 
# 
loop_
_entity_poly_seq.entity_id 
_entity_poly_seq.num 
_entity_poly_seq.mon_id 
_entity_poly_seq.hetero 
1 1  GLY n 
1 2  PRO n 
1 3  LEU n 
1 4  PRO n 
1 5  ASN n 
1 6  ALA n 
1 7  LEU n 
1 8  TYR n 
1 9  CYS n 
1 10 ILE n 
1 11 CYS n 
1 12 ARG n 
1 13 GLN n 
1 14 PRO n 
1 15 HIS n 
1 16 ASN n 
1 17 ASN n 
1 18 ARG n 
1 19 PHE n 
1 20 MET n 
1 21 ILE n 
1 22 CYS n 
1 23 CYS n 
1 24 ASP n 
1 25 ARG n 
1 26 CYS n 
1 27 GLU n 
1 28 GLU n 
1 29 TRP n 
1 30 PHE n 
1 31 HIS n 
1 32 GLY n 
1 33 ASP n 
1 34 CYS n 
1 35 VAL n 
1 36 GLY n 
1 37 ILE n 
1 38 SER n 
1 39 GLU n 
1 40 ALA n 
1 41 ARG n 
1 42 GLY n 
1 43 ARG n 
1 44 LEU n 
1 45 LEU n 
1 46 GLU n 
1 47 ARG n 
1 48 ASN n 
1 49 GLY n 
1 50 GLU n 
1 51 ASP n 
1 52 TYR n 
1 53 ILE n 
1 54 CYS n 
1 55 PRO n 
1 56 ASN n 
1 57 CYS n 
1 58 THR n 
1 59 ILE n 
1 60 LEU n 
1 61 GLN n 
1 62 VAL n 
1 63 GLN n 
2 1  ALA n 
2 2  ARG n 
2 3  THR n 
2 4  M3L n 
2 5  GLN n 
2 6  THR n 
2 7  ALA n 
2 8  ARG n 
2 9  LYS n 
2 10 SER n 
2 11 THR n 
2 12 GLY n 
# 
_entity_src_gen.entity_id                          1 
_entity_src_gen.pdbx_src_id                        1 
_entity_src_gen.pdbx_alt_source_flag               sample 
_entity_src_gen.pdbx_seq_type                      ? 
_entity_src_gen.pdbx_beg_seq_num                   ? 
_entity_src_gen.pdbx_end_seq_num                   ? 
_entity_src_gen.gene_src_common_name               human 
_entity_src_gen.gene_src_genus                     ? 
_entity_src_gen.pdbx_gene_src_gene                 'DIDO1, C20orf158, DATF1, KIAA0333' 
_entity_src_gen.gene_src_species                   ? 
_entity_src_gen.gene_src_strain                    ? 
_entity_src_gen.gene_src_tissue                    ? 
_entity_src_gen.gene_src_tissue_fraction           ? 
_entity_src_gen.gene_src_details                   ? 
_entity_src_gen.pdbx_gene_src_fragment             ? 
_entity_src_gen.pdbx_gene_src_scientific_name      'Homo sapiens' 
_entity_src_gen.pdbx_gene_src_ncbi_taxonomy_id     9606 
_entity_src_gen.pdbx_gene_src_variant              ? 
_entity_src_gen.pdbx_gene_src_cell_line            ? 
_entity_src_gen.pdbx_gene_src_atcc                 ? 
_entity_src_gen.pdbx_gene_src_organ                ? 
_entity_src_gen.pdbx_gene_src_organelle            ? 
_entity_src_gen.pdbx_gene_src_cell                 ? 
_entity_src_gen.pdbx_gene_src_cellular_location    ? 
_entity_src_gen.host_org_common_name               ? 
_entity_src_gen.pdbx_host_org_scientific_name      'Escherichia coli' 
_entity_src_gen.pdbx_host_org_ncbi_taxonomy_id     562 
_entity_src_gen.host_org_genus                     ? 
_entity_src_gen.pdbx_host_org_gene                 ? 
_entity_src_gen.pdbx_host_org_organ                ? 
_entity_src_gen.host_org_species                   ? 
_entity_src_gen.pdbx_host_org_tissue               ? 
_entity_src_gen.pdbx_host_org_tissue_fraction      ? 
_entity_src_gen.pdbx_host_org_strain               ? 
_entity_src_gen.pdbx_host_org_variant              ? 
_entity_src_gen.pdbx_host_org_cell_line            ? 
_entity_src_gen.pdbx_host_org_atcc                 ? 
_entity_src_gen.pdbx_host_org_culture_collection   ? 
_entity_src_gen.pdbx_host_org_cell                 ? 
_entity_src_gen.pdbx_host_org_organelle            ? 
_entity_src_gen.pdbx_host_org_cellular_location    ? 
_entity_src_gen.pdbx_host_org_vector_type          ? 
_entity_src_gen.pdbx_host_org_vector               ? 
_entity_src_gen.host_org_details                   ? 
_entity_src_gen.expression_system_id               ? 
_entity_src_gen.plasmid_name                       ? 
_entity_src_gen.plasmid_details                    ? 
_entity_src_gen.pdbx_description                   ? 
# 
_pdbx_entity_src_syn.entity_id              2 
_pdbx_entity_src_syn.pdbx_src_id            1 
_pdbx_entity_src_syn.pdbx_alt_source_flag   sample 
_pdbx_entity_src_syn.pdbx_beg_seq_num       ? 
_pdbx_entity_src_syn.pdbx_end_seq_num       ? 
_pdbx_entity_src_syn.organism_scientific    'Homo sapiens' 
_pdbx_entity_src_syn.organism_common_name   human 
_pdbx_entity_src_syn.ncbi_taxonomy_id       9606 
_pdbx_entity_src_syn.details                'Peptide was synthesized.' 
# 
loop_
_chem_comp.id 
_chem_comp.type 
_chem_comp.mon_nstd_flag 
_chem_comp.name 
_chem_comp.pdbx_synonyms 
_chem_comp.formula 
_chem_comp.formula_weight 
ALA 'L-peptide linking' y ALANINE           ? 'C3 H7 N O2'     89.093  
ARG 'L-peptide linking' y ARGININE          ? 'C6 H15 N4 O2 1' 175.209 
ASN 'L-peptide linking' y ASPARAGINE        ? 'C4 H8 N2 O3'    132.118 
ASP 'L-peptide linking' y 'ASPARTIC ACID'   ? 'C4 H7 N O4'     133.103 
CYS 'L-peptide linking' y CYSTEINE          ? 'C3 H7 N O2 S'   121.158 
GLN 'L-peptide linking' y GLUTAMINE         ? 'C5 H10 N2 O3'   146.144 
GLU 'L-peptide linking' y 'GLUTAMIC ACID'   ? 'C5 H9 N O4'     147.129 
GLY 'peptide linking'   y GLYCINE           ? 'C2 H5 N O2'     75.067  
HIS 'L-peptide linking' y HISTIDINE         ? 'C6 H10 N3 O2 1' 156.162 
HOH non-polymer         . WATER             ? 'H2 O'           18.015  
ILE 'L-peptide linking' y ISOLEUCINE        ? 'C6 H13 N O2'    131.173 
LEU 'L-peptide linking' y LEUCINE           ? 'C6 H13 N O2'    131.173 
LYS 'L-peptide linking' y LYSINE            ? 'C6 H15 N2 O2 1' 147.195 
M3L 'L-peptide linking' n N-TRIMETHYLLYSINE ? 'C9 H21 N2 O2 1' 189.275 
MET 'L-peptide linking' y METHIONINE        ? 'C5 H11 N O2 S'  149.211 
PHE 'L-peptide linking' y PHENYLALANINE     ? 'C9 H11 N O2'    165.189 
PRO 'L-peptide linking' y PROLINE           ? 'C5 H9 N O2'     115.130 
SER 'L-peptide linking' y SERINE            ? 'C3 H7 N O3'     105.093 
THR 'L-peptide linking' y THREONINE         ? 'C4 H9 N O3'     119.119 
TRP 'L-peptide linking' y TRYPTOPHAN        ? 'C11 H12 N2 O2'  204.225 
TYR 'L-peptide linking' y TYROSINE          ? 'C9 H11 N O3'    181.189 
VAL 'L-peptide linking' y VALINE            ? 'C5 H11 N O2'    117.146 
ZN  non-polymer         . 'ZINC ION'        ? 'Zn 2'           65.409  
# 
loop_
_pdbx_poly_seq_scheme.asym_id 
_pdbx_poly_seq_scheme.entity_id 
_pdbx_poly_seq_scheme.seq_id 
_pdbx_poly_seq_scheme.mon_id 
_pdbx_poly_seq_scheme.ndb_seq_num 
_pdbx_poly_seq_scheme.pdb_seq_num 
_pdbx_poly_seq_scheme.auth_seq_num 
_pdbx_poly_seq_scheme.pdb_mon_id 
_pdbx_poly_seq_scheme.auth_mon_id 
_pdbx_poly_seq_scheme.pdb_strand_id 
_pdbx_poly_seq_scheme.pdb_ins_code 
_pdbx_poly_seq_scheme.hetero 
A 1 1  GLY 1  1  1  GLY GLY A . n 
A 1 2  PRO 2  2  2  PRO PRO A . n 
A 1 3  LEU 3  3  3  LEU LEU A . n 
A 1 4  PRO 4  4  4  PRO PRO A . n 
A 1 5  ASN 5  5  5  ASN ASN A . n 
A 1 6  ALA 6  6  6  ALA ALA A . n 
A 1 7  LEU 7  7  7  LEU LEU A . n 
A 1 8  TYR 8  8  8  TYR TYR A . n 
A 1 9  CYS 9  9  9  CYS CYS A . n 
A 1 10 ILE 10 10 10 ILE ILE A . n 
A 1 11 CYS 11 11 11 CYS CYS A . n 
A 1 12 ARG 12 12 12 ARG ARG A . n 
A 1 13 GLN 13 13 13 GLN GLN A . n 
A 1 14 PRO 14 14 14 PRO PRO A . n 
A 1 15 HIS 15 15 15 HIS HIS A . n 
A 1 16 ASN 16 16 16 ASN ASN A . n 
A 1 17 ASN 17 17 17 ASN ASN A . n 
A 1 18 ARG 18 18 18 ARG ARG A . n 
A 1 19 PHE 19 19 19 PHE PHE A . n 
A 1 20 MET 20 20 20 MET MET A . n 
A 1 21 ILE 21 21 21 ILE ILE A . n 
A 1 22 CYS 22 22 22 CYS CYS A . n 
A 1 23 CYS 23 23 23 CYS CYS A . n 
A 1 24 ASP 24 24 24 ASP ASP A . n 
A 1 25 ARG 25 25 25 ARG ARG A . n 
A 1 26 CYS 26 26 26 CYS CYS A . n 
A 1 27 GLU 27 27 27 GLU GLU A . n 
A 1 28 GLU 28 28 28 GLU GLU A . n 
A 1 29 TRP 29 29 29 TRP TRP A . n 
A 1 30 PHE 30 30 30 PHE PHE A . n 
A 1 31 HIS 31 31 31 HIS HIS A . n 
A 1 32 GLY 32 32 32 GLY GLY A . n 
A 1 33 ASP 33 33 33 ASP ASP A . n 
A 1 34 CYS 34 34 34 CYS CYS A . n 
A 1 35 VAL 35 35 35 VAL VAL A . n 
A 1 36 GLY 36 36 36 GLY GLY A . n 
A 1 37 ILE 37 37 37 ILE ILE A . n 
A 1 38 SER 38 38 38 SER SER A . n 
A 1 39 GLU 39 39 39 GLU GLU A . n 
A 1 40 ALA 40 40 40 ALA ALA A . n 
A 1 41 ARG 41 41 41 ARG ARG A . n 
A 1 42 GLY 42 42 42 GLY GLY A . n 
A 1 43 ARG 43 43 43 ARG ARG A . n 
A 1 44 LEU 44 44 44 LEU LEU A . n 
A 1 45 LEU 45 45 45 LEU LEU A . n 
A 1 46 GLU 46 46 46 GLU GLU A . n 
A 1 47 ARG 47 47 47 ARG ARG A . n 
A 1 48 ASN 48 48 48 ASN ASN A . n 
A 1 49 GLY 49 49 49 GLY GLY A . n 
A 1 50 GLU 50 50 50 GLU GLU A . n 
A 1 51 ASP 51 51 51 ASP ASP A . n 
A 1 52 TYR 52 52 52 TYR TYR A . n 
A 1 53 ILE 53 53 53 ILE ILE A . n 
A 1 54 CYS 54 54 54 CYS CYS A . n 
A 1 55 PRO 55 55 55 PRO PRO A . n 
A 1 56 ASN 56 56 56 ASN ASN A . n 
A 1 57 CYS 57 57 57 CYS CYS A . n 
A 1 58 THR 58 58 58 THR THR A . n 
A 1 59 ILE 59 59 ?  ?   ?   A . n 
A 1 60 LEU 60 60 ?  ?   ?   A . n 
A 1 61 GLN 61 61 ?  ?   ?   A . n 
A 1 62 VAL 62 62 ?  ?   ?   A . n 
A 1 63 GLN 63 63 ?  ?   ?   A . n 
B 2 1  ALA 1  80 80 ALA ALA U . n 
B 2 2  ARG 2  81 81 ARG ARG U . n 
B 2 3  THR 3  82 82 THR THR U . n 
B 2 4  M3L 4  83 83 M3L M3L U . n 
B 2 5  GLN 5  84 84 GLN GLN U . n 
B 2 6  THR 6  85 85 THR THR U . n 
B 2 7  ALA 7  86 86 ALA ALA U . n 
B 2 8  ARG 8  87 ?  ?   ?   U . n 
B 2 9  LYS 9  88 ?  ?   ?   U . n 
B 2 10 SER 10 89 ?  ?   ?   U . n 
B 2 11 THR 11 90 ?  ?   ?   U . n 
B 2 12 GLY 12 91 ?  ?   ?   U . n 
# 
loop_
_pdbx_nonpoly_scheme.asym_id 
_pdbx_nonpoly_scheme.entity_id 
_pdbx_nonpoly_scheme.mon_id 
_pdbx_nonpoly_scheme.ndb_seq_num 
_pdbx_nonpoly_scheme.pdb_seq_num 
_pdbx_nonpoly_scheme.auth_seq_num 
_pdbx_nonpoly_scheme.pdb_mon_id 
_pdbx_nonpoly_scheme.auth_mon_id 
_pdbx_nonpoly_scheme.pdb_strand_id 
_pdbx_nonpoly_scheme.pdb_ins_code 
C 3 ZN  1  101 1  ZN  ZN  A . 
D 3 ZN  1  102 2  ZN  ZN  A . 
E 4 HOH 1  201 1  HOH HOH A . 
E 4 HOH 2  202 2  HOH HOH A . 
E 4 HOH 3  203 3  HOH HOH A . 
E 4 HOH 4  204 4  HOH HOH A . 
E 4 HOH 5  205 5  HOH HOH A . 
E 4 HOH 6  206 6  HOH HOH A . 
E 4 HOH 7  207 7  HOH HOH A . 
E 4 HOH 8  208 8  HOH HOH A . 
E 4 HOH 9  209 9  HOH HOH A . 
E 4 HOH 10 210 10 HOH HOH A . 
E 4 HOH 11 211 11 HOH HOH A . 
E 4 HOH 12 212 12 HOH HOH A . 
E 4 HOH 13 213 13 HOH HOH A . 
E 4 HOH 14 214 14 HOH HOH A . 
E 4 HOH 15 215 15 HOH HOH A . 
E 4 HOH 16 216 16 HOH HOH A . 
E 4 HOH 17 217 17 HOH HOH A . 
E 4 HOH 18 218 18 HOH HOH A . 
E 4 HOH 19 219 19 HOH HOH A . 
E 4 HOH 20 220 20 HOH HOH A . 
E 4 HOH 21 221 21 HOH HOH A . 
E 4 HOH 22 222 22 HOH HOH A . 
E 4 HOH 23 223 23 HOH HOH A . 
E 4 HOH 24 224 24 HOH HOH A . 
E 4 HOH 25 225 25 HOH HOH A . 
E 4 HOH 26 226 26 HOH HOH A . 
E 4 HOH 27 227 28 HOH HOH A . 
E 4 HOH 28 228 29 HOH HOH A . 
E 4 HOH 29 229 30 HOH HOH A . 
E 4 HOH 30 230 31 HOH HOH A . 
E 4 HOH 31 231 32 HOH HOH A . 
E 4 HOH 32 232 33 HOH HOH A . 
E 4 HOH 33 233 35 HOH HOH A . 
E 4 HOH 34 234 36 HOH HOH A . 
E 4 HOH 35 235 37 HOH HOH A . 
E 4 HOH 36 236 38 HOH HOH A . 
E 4 HOH 37 237 39 HOH HOH A . 
E 4 HOH 38 238 40 HOH HOH A . 
E 4 HOH 39 239 41 HOH HOH A . 
E 4 HOH 40 240 42 HOH HOH A . 
E 4 HOH 41 241 43 HOH HOH A . 
E 4 HOH 42 242 45 HOH HOH A . 
E 4 HOH 43 243 46 HOH HOH A . 
E 4 HOH 44 244 47 HOH HOH A . 
E 4 HOH 45 245 48 HOH HOH A . 
E 4 HOH 46 246 49 HOH HOH A . 
E 4 HOH 47 247 51 HOH HOH A . 
E 4 HOH 48 248 52 HOH HOH A . 
E 4 HOH 49 249 53 HOH HOH A . 
E 4 HOH 50 250 56 HOH HOH A . 
E 4 HOH 51 251 57 HOH HOH A . 
E 4 HOH 52 252 58 HOH HOH A . 
E 4 HOH 53 253 59 HOH HOH A . 
E 4 HOH 54 254 60 HOH HOH A . 
E 4 HOH 55 255 61 HOH HOH A . 
E 4 HOH 56 256 63 HOH HOH A . 
E 4 HOH 57 257 64 HOH HOH A . 
E 4 HOH 58 258 65 HOH HOH A . 
E 4 HOH 59 259 66 HOH HOH A . 
E 4 HOH 60 260 67 HOH HOH A . 
E 4 HOH 61 261 68 HOH HOH A . 
E 4 HOH 62 262 69 HOH HOH A . 
E 4 HOH 63 263 71 HOH HOH A . 
E 4 HOH 64 264 72 HOH HOH A . 
E 4 HOH 65 265 73 HOH HOH A . 
E 4 HOH 66 266 74 HOH HOH A . 
F 4 HOH 1  101 27 HOH HOH U . 
F 4 HOH 2  102 34 HOH HOH U . 
F 4 HOH 3  103 44 HOH HOH U . 
F 4 HOH 4  104 50 HOH HOH U . 
F 4 HOH 5  105 54 HOH HOH U . 
F 4 HOH 6  106 55 HOH HOH U . 
F 4 HOH 7  107 62 HOH HOH U . 
F 4 HOH 8  108 70 HOH HOH U . 
# 
loop_
_pdbx_unobs_or_zero_occ_atoms.id 
_pdbx_unobs_or_zero_occ_atoms.PDB_model_num 
_pdbx_unobs_or_zero_occ_atoms.polymer_flag 
_pdbx_unobs_or_zero_occ_atoms.occupancy_flag 
_pdbx_unobs_or_zero_occ_atoms.auth_asym_id 
_pdbx_unobs_or_zero_occ_atoms.auth_comp_id 
_pdbx_unobs_or_zero_occ_atoms.auth_seq_id 
_pdbx_unobs_or_zero_occ_atoms.PDB_ins_code 
_pdbx_unobs_or_zero_occ_atoms.auth_atom_id 
_pdbx_unobs_or_zero_occ_atoms.label_alt_id 
_pdbx_unobs_or_zero_occ_atoms.label_asym_id 
_pdbx_unobs_or_zero_occ_atoms.label_comp_id 
_pdbx_unobs_or_zero_occ_atoms.label_seq_id 
_pdbx_unobs_or_zero_occ_atoms.label_atom_id 
1 1 Y 0 A GLN 13 ? CD  ? A GLN 13 CD  
2 1 Y 0 A GLN 13 ? OE1 ? A GLN 13 OE1 
3 1 Y 0 A ARG 25 ? CD  ? A ARG 25 CD  
4 1 Y 0 A ARG 25 ? NE  ? A ARG 25 NE  
5 1 Y 0 A ARG 25 ? NH1 ? A ARG 25 NH1 
6 1 Y 0 A ARG 25 ? NH2 ? A ARG 25 NH2 
7 1 Y 0 A THR 58 ? OG1 ? A THR 58 OG1 
# 
loop_
_software.name 
_software.classification 
_software.version 
_software.citation_id 
_software.pdbx_ordinal 
PHENIX 'model building' .                             ? 1 
PHENIX refinement       '(phenix.refine: 1.8.1_1168)' ? 2 
MOSFLM 'data reduction' .                             ? 3 
SCALA  'data scaling'   .                             ? 4 
PHENIX phasing          .                             ? 5 
# 
_cell.entry_id           4L7X 
_cell.length_a           40.820 
_cell.length_b           40.820 
_cell.length_c           80.620 
_cell.angle_alpha        90.00 
_cell.angle_beta         90.00 
_cell.angle_gamma        90.00 
_cell.Z_PDB              8 
_cell.pdbx_unique_axis   ? 
_cell.length_a_esd       ? 
_cell.length_b_esd       ? 
_cell.length_c_esd       ? 
_cell.angle_alpha_esd    ? 
_cell.angle_beta_esd     ? 
_cell.angle_gamma_esd    ? 
# 
_symmetry.entry_id                         4L7X 
_symmetry.space_group_name_H-M             'P 41 21 2' 
_symmetry.pdbx_full_space_group_name_H-M   ? 
_symmetry.cell_setting                     ? 
_symmetry.Int_Tables_number                92 
_symmetry.space_group_name_Hall            ? 
# 
_exptl.entry_id          4L7X 
_exptl.method            'X-RAY DIFFRACTION' 
_exptl.crystals_number   1 
# 
_exptl_crystal.id                    1 
_exptl_crystal.density_meas          ? 
_exptl_crystal.density_Matthews      1.95 
_exptl_crystal.density_percent_sol   36.78 
_exptl_crystal.description           ? 
_exptl_crystal.F_000                 ? 
_exptl_crystal.preparation           ? 
# 
_exptl_crystal_grow.crystal_id      1 
_exptl_crystal_grow.method          'VAPOR DIFFUSION, HANGING DROP' 
_exptl_crystal_grow.temp            291 
_exptl_crystal_grow.temp_details    ? 
_exptl_crystal_grow.pH              8 
_exptl_crystal_grow.pdbx_details    '0.1M HEPES pH8, 30% PEG6000, VAPOR DIFFUSION, HANGING DROP, temperature 291K' 
_exptl_crystal_grow.pdbx_pH_range   ? 
# 
_diffrn.id                     1 
_diffrn.ambient_temp           100 
_diffrn.ambient_temp_details   ? 
_diffrn.crystal_id             1 
# 
_diffrn_detector.diffrn_id              1 
_diffrn_detector.detector               PIXEL 
_diffrn_detector.type                   'PSI PILATUS 6M' 
_diffrn_detector.pdbx_collection_date   2013-02-26 
_diffrn_detector.details                ? 
# 
_diffrn_radiation.diffrn_id                        1 
_diffrn_radiation.wavelength_id                    1 
_diffrn_radiation.pdbx_monochromatic_or_laue_m_l   M 
_diffrn_radiation.monochromator                    'Si-111 double crystal' 
_diffrn_radiation.pdbx_diffrn_protocol             'SINGLE WAVELENGTH' 
_diffrn_radiation.pdbx_scattering_type             x-ray 
# 
_diffrn_radiation_wavelength.id           1 
_diffrn_radiation_wavelength.wavelength   1.000 
_diffrn_radiation_wavelength.wt           1.0 
# 
_diffrn_source.diffrn_id                   1 
_diffrn_source.source                      SYNCHROTRON 
_diffrn_source.type                        'NSLS BEAMLINE X25' 
_diffrn_source.pdbx_synchrotron_site       NSLS 
_diffrn_source.pdbx_synchrotron_beamline   X25 
_diffrn_source.pdbx_wavelength             ? 
_diffrn_source.pdbx_wavelength_list        1.000 
# 
_reflns.entry_id                     4L7X 
_reflns.observed_criterion_sigma_I   2.0 
_reflns.observed_criterion_sigma_F   2.0 
_reflns.d_resolution_low             28.7 
_reflns.d_resolution_high            1.35 
_reflns.number_obs                   28593 
_reflns.number_all                   ? 
_reflns.percent_possible_obs         100 
_reflns.pdbx_Rmerge_I_obs            ? 
_reflns.pdbx_Rsym_value              ? 
_reflns.pdbx_netI_over_sigmaI        ? 
_reflns.B_iso_Wilson_estimate        ? 
_reflns.pdbx_redundancy              ? 
_reflns.R_free_details               ? 
_reflns.limit_h_max                  ? 
_reflns.limit_h_min                  ? 
_reflns.limit_k_max                  ? 
_reflns.limit_k_min                  ? 
_reflns.limit_l_max                  ? 
_reflns.limit_l_min                  ? 
_reflns.observed_criterion_F_max     ? 
_reflns.observed_criterion_F_min     ? 
_reflns.pdbx_chi_squared             ? 
_reflns.pdbx_scaling_rejects         ? 
_reflns.pdbx_ordinal                 1 
_reflns.pdbx_diffrn_id               1 
# 
_reflns_shell.d_res_high             1.35 
_reflns_shell.d_res_low              1.4 
_reflns_shell.percent_possible_all   100 
_reflns_shell.Rmerge_I_obs           ? 
_reflns_shell.pdbx_Rsym_value        ? 
_reflns_shell.meanI_over_sigI_obs    ? 
_reflns_shell.pdbx_redundancy        ? 
_reflns_shell.percent_possible_obs   ? 
_reflns_shell.number_unique_all      ? 
_reflns_shell.number_measured_all    ? 
_reflns_shell.number_measured_obs    ? 
_reflns_shell.number_unique_obs      ? 
_reflns_shell.pdbx_chi_squared       ? 
_reflns_shell.pdbx_ordinal           1 
_reflns_shell.pdbx_diffrn_id         1 
# 
_refine.entry_id                                 4L7X 
_refine.ls_number_reflns_obs                     28593 
_refine.ls_number_reflns_all                     28593 
_refine.pdbx_ls_sigma_I                          ? 
_refine.pdbx_ls_sigma_F                          1.35 
_refine.pdbx_data_cutoff_high_absF               ? 
_refine.pdbx_data_cutoff_low_absF                ? 
_refine.pdbx_data_cutoff_high_rms_absF           ? 
_refine.ls_d_res_low                             28.682 
_refine.ls_d_res_high                            1.350 
_refine.ls_percent_reflns_obs                    99.96 
_refine.ls_R_factor_obs                          0.1329 
_refine.ls_R_factor_all                          0.14 
_refine.ls_R_factor_R_work                       0.1324 
_refine.ls_R_factor_R_free                       0.1422 
_refine.ls_R_factor_R_free_error                 ? 
_refine.ls_R_factor_R_free_error_details         ? 
_refine.ls_percent_reflns_R_free                 4.98 
_refine.ls_number_reflns_R_free                  1425 
_refine.ls_number_parameters                     ? 
_refine.ls_number_restraints                     ? 
_refine.occupancy_min                            ? 
_refine.occupancy_max                            ? 
_refine.correlation_coeff_Fo_to_Fc               ? 
_refine.correlation_coeff_Fo_to_Fc_free          ? 
_refine.B_iso_mean                               ? 
_refine.aniso_B[1][1]                            ? 
_refine.aniso_B[2][2]                            ? 
_refine.aniso_B[3][3]                            ? 
_refine.aniso_B[1][2]                            ? 
_refine.aniso_B[1][3]                            ? 
_refine.aniso_B[2][3]                            ? 
_refine.solvent_model_details                    'FLAT BULK SOLVENT MODEL' 
_refine.solvent_model_param_ksol                 ? 
_refine.solvent_model_param_bsol                 ? 
_refine.pdbx_solvent_vdw_probe_radii             1.11 
_refine.pdbx_solvent_ion_probe_radii             ? 
_refine.pdbx_solvent_shrinkage_radii             0.90 
_refine.pdbx_ls_cross_valid_method               ? 
_refine.details                                  ? 
_refine.pdbx_starting_model                      ? 
_refine.pdbx_method_to_determine_struct          SAD 
_refine.pdbx_isotropic_thermal_model             ? 
_refine.pdbx_stereochemistry_target_values       ML 
_refine.pdbx_stereochem_target_val_spec_case     ? 
_refine.pdbx_R_Free_selection_details            RANDOM 
_refine.pdbx_overall_ESU_R                       ? 
_refine.pdbx_overall_ESU_R_Free                  ? 
_refine.overall_SU_ML                            0.07 
_refine.pdbx_overall_phase_error                 12.82 
_refine.overall_SU_B                             ? 
_refine.overall_SU_R_Cruickshank_DPI             ? 
_refine.ls_redundancy_reflns_obs                 ? 
_refine.B_iso_min                                ? 
_refine.B_iso_max                                ? 
_refine.overall_SU_R_free                        ? 
_refine.ls_wR_factor_R_free                      ? 
_refine.ls_wR_factor_R_work                      ? 
_refine.overall_FOM_free_R_set                   ? 
_refine.overall_FOM_work_R_set                   ? 
_refine.pdbx_diffrn_id                           1 
_refine.pdbx_refine_id                           'X-RAY DIFFRACTION' 
_refine.pdbx_TLS_residual_ADP_flag               ? 
_refine.pdbx_overall_SU_R_free_Cruickshank_DPI   ? 
_refine.pdbx_overall_SU_R_Blow_DPI               ? 
_refine.pdbx_overall_SU_R_free_Blow_DPI          ? 
# 
_refine_hist.pdbx_refine_id                   'X-RAY DIFFRACTION' 
_refine_hist.cycle_id                         LAST 
_refine_hist.pdbx_number_atoms_protein        518 
_refine_hist.pdbx_number_atoms_nucleic_acid   0 
_refine_hist.pdbx_number_atoms_ligand         2 
_refine_hist.number_atoms_solvent             74 
_refine_hist.number_atoms_total               594 
_refine_hist.d_res_high                       1.350 
_refine_hist.d_res_low                        28.682 
# 
loop_
_refine_ls_restr.type 
_refine_ls_restr.dev_ideal 
_refine_ls_restr.dev_ideal_target 
_refine_ls_restr.weight 
_refine_ls_restr.number 
_refine_ls_restr.pdbx_restraint_function 
_refine_ls_restr.pdbx_refine_id 
f_bond_d           0.007  ? ? 528 ? 'X-RAY DIFFRACTION' 
f_angle_d          1.169  ? ? 713 ? 'X-RAY DIFFRACTION' 
f_dihedral_angle_d 15.320 ? ? 201 ? 'X-RAY DIFFRACTION' 
f_chiral_restr     0.076  ? ? 72  ? 'X-RAY DIFFRACTION' 
f_plane_restr      0.007  ? ? 96  ? 'X-RAY DIFFRACTION' 
# 
loop_
_refine_ls_shell.pdbx_total_number_of_bins_used 
_refine_ls_shell.d_res_high 
_refine_ls_shell.d_res_low 
_refine_ls_shell.number_reflns_R_work 
_refine_ls_shell.R_factor_R_work 
_refine_ls_shell.percent_reflns_obs 
_refine_ls_shell.R_factor_R_free 
_refine_ls_shell.R_factor_R_free_error 
_refine_ls_shell.percent_reflns_R_free 
_refine_ls_shell.number_reflns_R_free 
_refine_ls_shell.number_reflns_all 
_refine_ls_shell.R_factor_all 
_refine_ls_shell.number_reflns_obs 
_refine_ls_shell.redundancy_reflns_obs 
_refine_ls_shell.pdbx_refine_id 
. 1.3500 1.3983  2711 0.1469 100.00 0.1811 . . 146 . . . . 'X-RAY DIFFRACTION' 
. 1.3983 1.4542  2758 0.1266 100.00 0.1682 . . 116 . . . . 'X-RAY DIFFRACTION' 
. 1.4542 1.5204  2704 0.1111 100.00 0.1658 . . 162 . . . . 'X-RAY DIFFRACTION' 
. 1.5204 1.6006  2696 0.1061 100.00 0.1586 . . 149 . . . . 'X-RAY DIFFRACTION' 
. 1.6006 1.7009  2700 0.1022 100.00 0.1193 . . 170 . . . . 'X-RAY DIFFRACTION' 
. 1.7009 1.8322  2693 0.1078 100.00 0.1239 . . 143 . . . . 'X-RAY DIFFRACTION' 
. 1.8322 2.0165  2734 0.1121 100.00 0.1411 . . 128 . . . . 'X-RAY DIFFRACTION' 
. 2.0165 2.3082  2731 0.1190 100.00 0.1307 . . 136 . . . . 'X-RAY DIFFRACTION' 
. 2.3082 2.9076  2722 0.1480 100.00 0.1350 . . 136 . . . . 'X-RAY DIFFRACTION' 
. 2.9076 28.6885 2719 0.1504 100.00 0.1475 . . 139 . . . . 'X-RAY DIFFRACTION' 
# 
_struct.entry_id                  4L7X 
_struct.title                     'Crystal structure of the DIDO PHD finger in complex with H3K4me3' 
_struct.pdbx_model_details        ? 
_struct.pdbx_CASP_flag            ? 
_struct.pdbx_model_type_details   ? 
# 
_struct_keywords.entry_id        4L7X 
_struct_keywords.pdbx_keywords   'CELL CYCLE, GENE REGULATION' 
_struct_keywords.text            'mitosis, Chromatin, CELL CYCLE, GENE REGULATION' 
# 
loop_
_struct_asym.id 
_struct_asym.pdbx_blank_PDB_chainid_flag 
_struct_asym.pdbx_modified 
_struct_asym.entity_id 
_struct_asym.details 
A N N 1 ? 
B N N 2 ? 
C N N 3 ? 
D N N 3 ? 
E N N 4 ? 
F N N 4 ? 
# 
loop_
_struct_ref.id 
_struct_ref.db_name 
_struct_ref.db_code 
_struct_ref.pdbx_db_accession 
_struct_ref.entity_id 
_struct_ref.pdbx_seq_one_letter_code 
_struct_ref.pdbx_align_begin 
_struct_ref.pdbx_db_isoform 
1 UNP DIDO1_HUMAN Q9BTC0 1 PNALYCICRQPHNNRFMICCDRCEEWFHGDCVGISEARGRLLERNGEDYICPNCTILQVQ 266 ? 
2 PDB 4L7X        4L7X   2 ?                                                            ?   ? 
# 
loop_
_struct_ref_seq.align_id 
_struct_ref_seq.ref_id 
_struct_ref_seq.pdbx_PDB_id_code 
_struct_ref_seq.pdbx_strand_id 
_struct_ref_seq.seq_align_beg 
_struct_ref_seq.pdbx_seq_align_beg_ins_code 
_struct_ref_seq.seq_align_end 
_struct_ref_seq.pdbx_seq_align_end_ins_code 
_struct_ref_seq.pdbx_db_accession 
_struct_ref_seq.db_align_beg 
_struct_ref_seq.pdbx_db_align_beg_ins_code 
_struct_ref_seq.db_align_end 
_struct_ref_seq.pdbx_db_align_end_ins_code 
_struct_ref_seq.pdbx_auth_seq_align_beg 
_struct_ref_seq.pdbx_auth_seq_align_end 
1 1 4L7X A 4 ? 63 ? Q9BTC0 266 ? 325 ? 4  63 
2 2 4L7X U 1 ? 12 ? 4L7X   80  ? 91  ? 80 91 
# 
loop_
_struct_ref_seq_dif.align_id 
_struct_ref_seq_dif.pdbx_pdb_id_code 
_struct_ref_seq_dif.mon_id 
_struct_ref_seq_dif.pdbx_pdb_strand_id 
_struct_ref_seq_dif.seq_num 
_struct_ref_seq_dif.pdbx_pdb_ins_code 
_struct_ref_seq_dif.pdbx_seq_db_name 
_struct_ref_seq_dif.pdbx_seq_db_accession_code 
_struct_ref_seq_dif.db_mon_id 
_struct_ref_seq_dif.pdbx_seq_db_seq_num 
_struct_ref_seq_dif.details 
_struct_ref_seq_dif.pdbx_auth_seq_num 
_struct_ref_seq_dif.pdbx_ordinal 
1 4L7X GLY A 1 ? UNP Q9BTC0 ? ? 'expression tag' 1 1 
1 4L7X PRO A 2 ? UNP Q9BTC0 ? ? 'expression tag' 2 2 
1 4L7X LEU A 3 ? UNP Q9BTC0 ? ? 'expression tag' 3 3 
# 
_pdbx_struct_assembly.id                   1 
_pdbx_struct_assembly.details              author_and_software_defined_assembly 
_pdbx_struct_assembly.method_details       PISA 
_pdbx_struct_assembly.oligomeric_details   dimeric 
_pdbx_struct_assembly.oligomeric_count     2 
# 
loop_
_pdbx_struct_assembly_prop.biol_id 
_pdbx_struct_assembly_prop.type 
_pdbx_struct_assembly_prop.value 
_pdbx_struct_assembly_prop.details 
1 'ABSA (A^2)' 1240 ? 
1 MORE         -4   ? 
1 'SSA (A^2)'  4300 ? 
# 
_pdbx_struct_assembly_gen.assembly_id       1 
_pdbx_struct_assembly_gen.oper_expression   1 
_pdbx_struct_assembly_gen.asym_id_list      A,B,C,D,E,F 
# 
_pdbx_struct_oper_list.id                   1 
_pdbx_struct_oper_list.type                 'identity operation' 
_pdbx_struct_oper_list.name                 1_555 
_pdbx_struct_oper_list.symmetry_operation   x,y,z 
_pdbx_struct_oper_list.matrix[1][1]         1.0000000000 
_pdbx_struct_oper_list.matrix[1][2]         0.0000000000 
_pdbx_struct_oper_list.matrix[1][3]         0.0000000000 
_pdbx_struct_oper_list.vector[1]            0.0000000000 
_pdbx_struct_oper_list.matrix[2][1]         0.0000000000 
_pdbx_struct_oper_list.matrix[2][2]         1.0000000000 
_pdbx_struct_oper_list.matrix[2][3]         0.0000000000 
_pdbx_struct_oper_list.vector[2]            0.0000000000 
_pdbx_struct_oper_list.matrix[3][1]         0.0000000000 
_pdbx_struct_oper_list.matrix[3][2]         0.0000000000 
_pdbx_struct_oper_list.matrix[3][3]         1.0000000000 
_pdbx_struct_oper_list.vector[3]            0.0000000000 
# 
_struct_biol.id        1 
_struct_biol.details   ? 
# 
loop_
_struct_conf.conf_type_id 
_struct_conf.id 
_struct_conf.pdbx_PDB_helix_id 
_struct_conf.beg_label_comp_id 
_struct_conf.beg_label_asym_id 
_struct_conf.beg_label_seq_id 
_struct_conf.pdbx_beg_PDB_ins_code 
_struct_conf.end_label_comp_id 
_struct_conf.end_label_asym_id 
_struct_conf.end_label_seq_id 
_struct_conf.pdbx_end_PDB_ins_code 
_struct_conf.beg_auth_comp_id 
_struct_conf.beg_auth_asym_id 
_struct_conf.beg_auth_seq_id 
_struct_conf.end_auth_comp_id 
_struct_conf.end_auth_asym_id 
_struct_conf.end_auth_seq_id 
_struct_conf.pdbx_PDB_helix_class 
_struct_conf.details 
_struct_conf.pdbx_PDB_helix_length 
HELX_P HELX_P1 1 GLY A 32 ? GLY A 36 ? GLY A 32 GLY A 36 1 ? 5  
HELX_P HELX_P2 2 SER A 38 ? GLY A 49 ? SER A 38 GLY A 49 1 ? 12 
# 
_struct_conf_type.id          HELX_P 
_struct_conf_type.criteria    ? 
_struct_conf_type.reference   ? 
# 
loop_
_struct_conn.id 
_struct_conn.conn_type_id 
_struct_conn.pdbx_leaving_atom_flag 
_struct_conn.pdbx_PDB_id 
_struct_conn.ptnr1_label_asym_id 
_struct_conn.ptnr1_label_comp_id 
_struct_conn.ptnr1_label_seq_id 
_struct_conn.ptnr1_label_atom_id 
_struct_conn.pdbx_ptnr1_label_alt_id 
_struct_conn.pdbx_ptnr1_PDB_ins_code 
_struct_conn.pdbx_ptnr1_standard_comp_id 
_struct_conn.ptnr1_symmetry 
_struct_conn.ptnr2_label_asym_id 
_struct_conn.ptnr2_label_comp_id 
_struct_conn.ptnr2_label_seq_id 
_struct_conn.ptnr2_label_atom_id 
_struct_conn.pdbx_ptnr2_label_alt_id 
_struct_conn.pdbx_ptnr2_PDB_ins_code 
_struct_conn.ptnr1_auth_asym_id 
_struct_conn.ptnr1_auth_comp_id 
_struct_conn.ptnr1_auth_seq_id 
_struct_conn.ptnr2_auth_asym_id 
_struct_conn.ptnr2_auth_comp_id 
_struct_conn.ptnr2_auth_seq_id 
_struct_conn.ptnr2_symmetry 
_struct_conn.pdbx_ptnr3_label_atom_id 
_struct_conn.pdbx_ptnr3_label_seq_id 
_struct_conn.pdbx_ptnr3_label_comp_id 
_struct_conn.pdbx_ptnr3_label_asym_id 
_struct_conn.pdbx_ptnr3_label_alt_id 
_struct_conn.pdbx_ptnr3_PDB_ins_code 
_struct_conn.details 
_struct_conn.pdbx_dist_value 
_struct_conn.pdbx_value_order 
_struct_conn.pdbx_role 
covale1 covale both ? B THR 3  C   ? ? ? 1_555 B M3L 4 N  ? ? U THR 82 U M3L 83  1_555 ? ? ? ? ? ? ? 1.332 ? ? 
covale2 covale both ? B M3L 4  C   ? ? ? 1_555 B GLN 5 N  ? ? U M3L 83 U GLN 84  1_555 ? ? ? ? ? ? ? 1.325 ? ? 
metalc1 metalc ?    ? A CYS 9  SG  ? ? ? 1_555 D ZN  . ZN ? ? A CYS 9  A ZN  102 1_555 ? ? ? ? ? ? ? 2.298 ? ? 
metalc2 metalc ?    ? A CYS 11 SG  ? ? ? 1_555 D ZN  . ZN ? ? A CYS 11 A ZN  102 1_555 ? ? ? ? ? ? ? 2.329 ? ? 
metalc3 metalc ?    ? A CYS 23 SG  ? ? ? 1_555 C ZN  . ZN ? ? A CYS 23 A ZN  101 1_555 ? ? ? ? ? ? ? 2.353 ? ? 
metalc4 metalc ?    ? A CYS 26 SG  ? ? ? 1_555 C ZN  . ZN ? ? A CYS 26 A ZN  101 1_555 ? ? ? ? ? ? ? 2.338 ? ? 
metalc5 metalc ?    ? A HIS 31 ND1 ? ? ? 1_555 D ZN  . ZN ? ? A HIS 31 A ZN  102 1_555 ? ? ? ? ? ? ? 2.187 ? ? 
metalc6 metalc ?    ? A CYS 34 SG  ? ? ? 1_555 D ZN  . ZN ? ? A CYS 34 A ZN  102 1_555 ? ? ? ? ? ? ? 2.300 ? ? 
metalc7 metalc ?    ? A CYS 54 SG  ? ? ? 1_555 C ZN  . ZN ? ? A CYS 54 A ZN  101 1_555 ? ? ? ? ? ? ? 2.356 ? ? 
metalc8 metalc ?    ? A CYS 57 SG  ? ? ? 1_555 C ZN  . ZN ? ? A CYS 57 A ZN  101 1_555 ? ? ? ? ? ? ? 2.326 ? ? 
# 
loop_
_struct_conn_type.id 
_struct_conn_type.criteria 
_struct_conn_type.reference 
covale ? ? 
metalc ? ? 
# 
loop_
_pdbx_struct_conn_angle.id 
_pdbx_struct_conn_angle.ptnr1_label_atom_id 
_pdbx_struct_conn_angle.ptnr1_label_alt_id 
_pdbx_struct_conn_angle.ptnr1_label_asym_id 
_pdbx_struct_conn_angle.ptnr1_label_comp_id 
_pdbx_struct_conn_angle.ptnr1_label_seq_id 
_pdbx_struct_conn_angle.ptnr1_auth_atom_id 
_pdbx_struct_conn_angle.ptnr1_auth_asym_id 
_pdbx_struct_conn_angle.ptnr1_auth_comp_id 
_pdbx_struct_conn_angle.ptnr1_auth_seq_id 
_pdbx_struct_conn_angle.ptnr1_PDB_ins_code 
_pdbx_struct_conn_angle.ptnr1_symmetry 
_pdbx_struct_conn_angle.ptnr2_label_atom_id 
_pdbx_struct_conn_angle.ptnr2_label_alt_id 
_pdbx_struct_conn_angle.ptnr2_label_asym_id 
_pdbx_struct_conn_angle.ptnr2_label_comp_id 
_pdbx_struct_conn_angle.ptnr2_label_seq_id 
_pdbx_struct_conn_angle.ptnr2_auth_atom_id 
_pdbx_struct_conn_angle.ptnr2_auth_asym_id 
_pdbx_struct_conn_angle.ptnr2_auth_comp_id 
_pdbx_struct_conn_angle.ptnr2_auth_seq_id 
_pdbx_struct_conn_angle.ptnr2_PDB_ins_code 
_pdbx_struct_conn_angle.ptnr2_symmetry 
_pdbx_struct_conn_angle.ptnr3_label_atom_id 
_pdbx_struct_conn_angle.ptnr3_label_alt_id 
_pdbx_struct_conn_angle.ptnr3_label_asym_id 
_pdbx_struct_conn_angle.ptnr3_label_comp_id 
_pdbx_struct_conn_angle.ptnr3_label_seq_id 
_pdbx_struct_conn_angle.ptnr3_auth_atom_id 
_pdbx_struct_conn_angle.ptnr3_auth_asym_id 
_pdbx_struct_conn_angle.ptnr3_auth_comp_id 
_pdbx_struct_conn_angle.ptnr3_auth_seq_id 
_pdbx_struct_conn_angle.ptnr3_PDB_ins_code 
_pdbx_struct_conn_angle.ptnr3_symmetry 
_pdbx_struct_conn_angle.value 
_pdbx_struct_conn_angle.value_esd 
1  SG  ? A CYS 9  ? A CYS 9  ? 1_555 ZN ? D ZN . ? A ZN 102 ? 1_555 SG  ? A CYS 11 ? A CYS 11 ? 1_555 113.6 ? 
2  SG  ? A CYS 9  ? A CYS 9  ? 1_555 ZN ? D ZN . ? A ZN 102 ? 1_555 ND1 ? A HIS 31 ? A HIS 31 ? 1_555 102.1 ? 
3  SG  ? A CYS 11 ? A CYS 11 ? 1_555 ZN ? D ZN . ? A ZN 102 ? 1_555 ND1 ? A HIS 31 ? A HIS 31 ? 1_555 95.0  ? 
4  SG  ? A CYS 9  ? A CYS 9  ? 1_555 ZN ? D ZN . ? A ZN 102 ? 1_555 SG  ? A CYS 34 ? A CYS 34 ? 1_555 110.8 ? 
5  SG  ? A CYS 11 ? A CYS 11 ? 1_555 ZN ? D ZN . ? A ZN 102 ? 1_555 SG  ? A CYS 34 ? A CYS 34 ? 1_555 117.5 ? 
6  ND1 ? A HIS 31 ? A HIS 31 ? 1_555 ZN ? D ZN . ? A ZN 102 ? 1_555 SG  ? A CYS 34 ? A CYS 34 ? 1_555 116.0 ? 
7  SG  ? A CYS 23 ? A CYS 23 ? 1_555 ZN ? C ZN . ? A ZN 101 ? 1_555 SG  ? A CYS 26 ? A CYS 26 ? 1_555 106.1 ? 
8  SG  ? A CYS 23 ? A CYS 23 ? 1_555 ZN ? C ZN . ? A ZN 101 ? 1_555 SG  ? A CYS 54 ? A CYS 54 ? 1_555 110.4 ? 
9  SG  ? A CYS 26 ? A CYS 26 ? 1_555 ZN ? C ZN . ? A ZN 101 ? 1_555 SG  ? A CYS 54 ? A CYS 54 ? 1_555 114.3 ? 
10 SG  ? A CYS 23 ? A CYS 23 ? 1_555 ZN ? C ZN . ? A ZN 101 ? 1_555 SG  ? A CYS 57 ? A CYS 57 ? 1_555 112.3 ? 
11 SG  ? A CYS 26 ? A CYS 26 ? 1_555 ZN ? C ZN . ? A ZN 101 ? 1_555 SG  ? A CYS 57 ? A CYS 57 ? 1_555 107.4 ? 
12 SG  ? A CYS 54 ? A CYS 54 ? 1_555 ZN ? C ZN . ? A ZN 101 ? 1_555 SG  ? A CYS 57 ? A CYS 57 ? 1_555 106.3 ? 
# 
_pdbx_modification_feature.ordinal                            1 
_pdbx_modification_feature.label_comp_id                      M3L 
_pdbx_modification_feature.label_asym_id                      B 
_pdbx_modification_feature.label_seq_id                       4 
_pdbx_modification_feature.label_alt_id                       ? 
_pdbx_modification_feature.modified_residue_label_comp_id     . 
_pdbx_modification_feature.modified_residue_label_asym_id     . 
_pdbx_modification_feature.modified_residue_label_seq_id      . 
_pdbx_modification_feature.modified_residue_label_alt_id      . 
_pdbx_modification_feature.auth_comp_id                       M3L 
_pdbx_modification_feature.auth_asym_id                       U 
_pdbx_modification_feature.auth_seq_id                        83 
_pdbx_modification_feature.PDB_ins_code                       ? 
_pdbx_modification_feature.symmetry                           1_555 
_pdbx_modification_feature.modified_residue_auth_comp_id      . 
_pdbx_modification_feature.modified_residue_auth_asym_id      . 
_pdbx_modification_feature.modified_residue_auth_seq_id       . 
_pdbx_modification_feature.modified_residue_PDB_ins_code      . 
_pdbx_modification_feature.modified_residue_symmetry          . 
_pdbx_modification_feature.comp_id_linking_atom               . 
_pdbx_modification_feature.modified_residue_id_linking_atom   . 
_pdbx_modification_feature.modified_residue_id                LYS 
_pdbx_modification_feature.ref_pcm_id                         1 
_pdbx_modification_feature.ref_comp_id                        M3L 
_pdbx_modification_feature.type                               Methylation 
_pdbx_modification_feature.category                           'Named protein modification' 
# 
_struct_sheet.id               A 
_struct_sheet.type             ? 
_struct_sheet.number_strands   3 
_struct_sheet.details          ? 
# 
loop_
_struct_sheet_order.sheet_id 
_struct_sheet_order.range_id_1 
_struct_sheet_order.range_id_2 
_struct_sheet_order.offset 
_struct_sheet_order.sense 
A 1 2 ? anti-parallel 
A 2 3 ? anti-parallel 
# 
loop_
_struct_sheet_range.sheet_id 
_struct_sheet_range.id 
_struct_sheet_range.beg_label_comp_id 
_struct_sheet_range.beg_label_asym_id 
_struct_sheet_range.beg_label_seq_id 
_struct_sheet_range.pdbx_beg_PDB_ins_code 
_struct_sheet_range.end_label_comp_id 
_struct_sheet_range.end_label_asym_id 
_struct_sheet_range.end_label_seq_id 
_struct_sheet_range.pdbx_end_PDB_ins_code 
_struct_sheet_range.beg_auth_comp_id 
_struct_sheet_range.beg_auth_asym_id 
_struct_sheet_range.beg_auth_seq_id 
_struct_sheet_range.end_auth_comp_id 
_struct_sheet_range.end_auth_asym_id 
_struct_sheet_range.end_auth_seq_id 
A 1 TRP A 29 ? HIS A 31 ? TRP A 29 HIS A 31 
A 2 MET A 20 ? CYS A 22 ? MET A 20 CYS A 22 
A 3 THR B 3  ? M3L B 4  ? THR U 82 M3L U 83 
# 
loop_
_pdbx_struct_sheet_hbond.sheet_id 
_pdbx_struct_sheet_hbond.range_id_1 
_pdbx_struct_sheet_hbond.range_id_2 
_pdbx_struct_sheet_hbond.range_1_label_atom_id 
_pdbx_struct_sheet_hbond.range_1_label_comp_id 
_pdbx_struct_sheet_hbond.range_1_label_asym_id 
_pdbx_struct_sheet_hbond.range_1_label_seq_id 
_pdbx_struct_sheet_hbond.range_1_PDB_ins_code 
_pdbx_struct_sheet_hbond.range_1_auth_atom_id 
_pdbx_struct_sheet_hbond.range_1_auth_comp_id 
_pdbx_struct_sheet_hbond.range_1_auth_asym_id 
_pdbx_struct_sheet_hbond.range_1_auth_seq_id 
_pdbx_struct_sheet_hbond.range_2_label_atom_id 
_pdbx_struct_sheet_hbond.range_2_label_comp_id 
_pdbx_struct_sheet_hbond.range_2_label_asym_id 
_pdbx_struct_sheet_hbond.range_2_label_seq_id 
_pdbx_struct_sheet_hbond.range_2_PDB_ins_code 
_pdbx_struct_sheet_hbond.range_2_auth_atom_id 
_pdbx_struct_sheet_hbond.range_2_auth_comp_id 
_pdbx_struct_sheet_hbond.range_2_auth_asym_id 
_pdbx_struct_sheet_hbond.range_2_auth_seq_id 
A 1 2 O PHE A 30 ? O PHE A 30 N ILE A 21 ? N ILE A 21 
A 2 3 N MET A 20 ? N MET A 20 O M3L B 4  ? O M3L U 83 
# 
loop_
_struct_site.id 
_struct_site.pdbx_evidence_code 
_struct_site.pdbx_auth_asym_id 
_struct_site.pdbx_auth_comp_id 
_struct_site.pdbx_auth_seq_id 
_struct_site.pdbx_auth_ins_code 
_struct_site.pdbx_num_residues 
_struct_site.details 
AC1 Software A ZN 101 ? 4 'BINDING SITE FOR RESIDUE ZN A 101' 
AC2 Software A ZN 102 ? 4 'BINDING SITE FOR RESIDUE ZN A 102' 
# 
loop_
_struct_site_gen.id 
_struct_site_gen.site_id 
_struct_site_gen.pdbx_num_res 
_struct_site_gen.label_comp_id 
_struct_site_gen.label_asym_id 
_struct_site_gen.label_seq_id 
_struct_site_gen.pdbx_auth_ins_code 
_struct_site_gen.auth_comp_id 
_struct_site_gen.auth_asym_id 
_struct_site_gen.auth_seq_id 
_struct_site_gen.label_atom_id 
_struct_site_gen.label_alt_id 
_struct_site_gen.symmetry 
_struct_site_gen.details 
1 AC1 4 CYS A 23 ? CYS A 23 . ? 1_555 ? 
2 AC1 4 CYS A 26 ? CYS A 26 . ? 1_555 ? 
3 AC1 4 CYS A 54 ? CYS A 54 . ? 1_555 ? 
4 AC1 4 CYS A 57 ? CYS A 57 . ? 1_555 ? 
5 AC2 4 CYS A 9  ? CYS A 9  . ? 1_555 ? 
6 AC2 4 CYS A 11 ? CYS A 11 . ? 1_555 ? 
7 AC2 4 HIS A 31 ? HIS A 31 . ? 1_555 ? 
8 AC2 4 CYS A 34 ? CYS A 34 . ? 1_555 ? 
# 
_pdbx_entry_details.entry_id                   4L7X 
_pdbx_entry_details.compound_details           ? 
_pdbx_entry_details.source_details             ? 
_pdbx_entry_details.nonpolymer_details         ? 
_pdbx_entry_details.sequence_details           ? 
_pdbx_entry_details.has_ligand_of_interest     ? 
_pdbx_entry_details.has_protein_modification   Y 
# 
loop_
_pdbx_validate_close_contact.id 
_pdbx_validate_close_contact.PDB_model_num 
_pdbx_validate_close_contact.auth_atom_id_1 
_pdbx_validate_close_contact.auth_asym_id_1 
_pdbx_validate_close_contact.auth_comp_id_1 
_pdbx_validate_close_contact.auth_seq_id_1 
_pdbx_validate_close_contact.PDB_ins_code_1 
_pdbx_validate_close_contact.label_alt_id_1 
_pdbx_validate_close_contact.auth_atom_id_2 
_pdbx_validate_close_contact.auth_asym_id_2 
_pdbx_validate_close_contact.auth_comp_id_2 
_pdbx_validate_close_contact.auth_seq_id_2 
_pdbx_validate_close_contact.PDB_ins_code_2 
_pdbx_validate_close_contact.label_alt_id_2 
_pdbx_validate_close_contact.dist 
1 1 O A HOH 262 ? ? O A HOH 263 ? ? 1.82 
2 1 O A HOH 258 ? ? O A HOH 265 ? ? 1.89 
3 1 O U THR 85  ? ? O U HOH 106 ? ? 1.89 
# 
_pdbx_validate_torsion.id              1 
_pdbx_validate_torsion.PDB_model_num   1 
_pdbx_validate_torsion.auth_comp_id    CYS 
_pdbx_validate_torsion.auth_asym_id    A 
_pdbx_validate_torsion.auth_seq_id     9 
_pdbx_validate_torsion.PDB_ins_code    ? 
_pdbx_validate_torsion.label_alt_id    ? 
_pdbx_validate_torsion.phi             73.03 
_pdbx_validate_torsion.psi             -179.91 
# 
_pdbx_struct_mod_residue.id               1 
_pdbx_struct_mod_residue.label_asym_id    B 
_pdbx_struct_mod_residue.label_comp_id    M3L 
_pdbx_struct_mod_residue.label_seq_id     4 
_pdbx_struct_mod_residue.auth_asym_id     U 
_pdbx_struct_mod_residue.auth_comp_id     M3L 
_pdbx_struct_mod_residue.auth_seq_id      83 
_pdbx_struct_mod_residue.PDB_ins_code     ? 
_pdbx_struct_mod_residue.parent_comp_id   LYS 
_pdbx_struct_mod_residue.details          N-TRIMETHYLLYSINE 
# 
loop_
_pdbx_unobs_or_zero_occ_residues.id 
_pdbx_unobs_or_zero_occ_residues.PDB_model_num 
_pdbx_unobs_or_zero_occ_residues.polymer_flag 
_pdbx_unobs_or_zero_occ_residues.occupancy_flag 
_pdbx_unobs_or_zero_occ_residues.auth_asym_id 
_pdbx_unobs_or_zero_occ_residues.auth_comp_id 
_pdbx_unobs_or_zero_occ_residues.auth_seq_id 
_pdbx_unobs_or_zero_occ_residues.PDB_ins_code 
_pdbx_unobs_or_zero_occ_residues.label_asym_id 
_pdbx_unobs_or_zero_occ_residues.label_comp_id 
_pdbx_unobs_or_zero_occ_residues.label_seq_id 
1  1 Y 1 A ILE 59 ? A ILE 59 
2  1 Y 1 A LEU 60 ? A LEU 60 
3  1 Y 1 A GLN 61 ? A GLN 61 
4  1 Y 1 A VAL 62 ? A VAL 62 
5  1 Y 1 A GLN 63 ? A GLN 63 
6  1 Y 1 U ARG 87 ? B ARG 8  
7  1 Y 1 U LYS 88 ? B LYS 9  
8  1 Y 1 U SER 89 ? B SER 10 
9  1 Y 1 U THR 90 ? B THR 11 
10 1 Y 1 U GLY 91 ? B GLY 12 
# 
loop_
_chem_comp_atom.comp_id 
_chem_comp_atom.atom_id 
_chem_comp_atom.type_symbol 
_chem_comp_atom.pdbx_aromatic_flag 
_chem_comp_atom.pdbx_stereo_config 
_chem_comp_atom.pdbx_ordinal 
ALA N    N  N N 1   
ALA CA   C  N S 2   
ALA C    C  N N 3   
ALA O    O  N N 4   
ALA CB   C  N N 5   
ALA OXT  O  N N 6   
ALA H    H  N N 7   
ALA H2   H  N N 8   
ALA HA   H  N N 9   
ALA HB1  H  N N 10  
ALA HB2  H  N N 11  
ALA HB3  H  N N 12  
ALA HXT  H  N N 13  
ARG N    N  N N 14  
ARG CA   C  N S 15  
ARG C    C  N N 16  
ARG O    O  N N 17  
ARG CB   C  N N 18  
ARG CG   C  N N 19  
ARG CD   C  N N 20  
ARG NE   N  N N 21  
ARG CZ   C  N N 22  
ARG NH1  N  N N 23  
ARG NH2  N  N N 24  
ARG OXT  O  N N 25  
ARG H    H  N N 26  
ARG H2   H  N N 27  
ARG HA   H  N N 28  
ARG HB2  H  N N 29  
ARG HB3  H  N N 30  
ARG HG2  H  N N 31  
ARG HG3  H  N N 32  
ARG HD2  H  N N 33  
ARG HD3  H  N N 34  
ARG HE   H  N N 35  
ARG HH11 H  N N 36  
ARG HH12 H  N N 37  
ARG HH21 H  N N 38  
ARG HH22 H  N N 39  
ARG HXT  H  N N 40  
ASN N    N  N N 41  
ASN CA   C  N S 42  
ASN C    C  N N 43  
ASN O    O  N N 44  
ASN CB   C  N N 45  
ASN CG   C  N N 46  
ASN OD1  O  N N 47  
ASN ND2  N  N N 48  
ASN OXT  O  N N 49  
ASN H    H  N N 50  
ASN H2   H  N N 51  
ASN HA   H  N N 52  
ASN HB2  H  N N 53  
ASN HB3  H  N N 54  
ASN HD21 H  N N 55  
ASN HD22 H  N N 56  
ASN HXT  H  N N 57  
ASP N    N  N N 58  
ASP CA   C  N S 59  
ASP C    C  N N 60  
ASP O    O  N N 61  
ASP CB   C  N N 62  
ASP CG   C  N N 63  
ASP OD1  O  N N 64  
ASP OD2  O  N N 65  
ASP OXT  O  N N 66  
ASP H    H  N N 67  
ASP H2   H  N N 68  
ASP HA   H  N N 69  
ASP HB2  H  N N 70  
ASP HB3  H  N N 71  
ASP HD2  H  N N 72  
ASP HXT  H  N N 73  
CYS N    N  N N 74  
CYS CA   C  N R 75  
CYS C    C  N N 76  
CYS O    O  N N 77  
CYS CB   C  N N 78  
CYS SG   S  N N 79  
CYS OXT  O  N N 80  
CYS H    H  N N 81  
CYS H2   H  N N 82  
CYS HA   H  N N 83  
CYS HB2  H  N N 84  
CYS HB3  H  N N 85  
CYS HG   H  N N 86  
CYS HXT  H  N N 87  
GLN N    N  N N 88  
GLN CA   C  N S 89  
GLN C    C  N N 90  
GLN O    O  N N 91  
GLN CB   C  N N 92  
GLN CG   C  N N 93  
GLN CD   C  N N 94  
GLN OE1  O  N N 95  
GLN NE2  N  N N 96  
GLN OXT  O  N N 97  
GLN H    H  N N 98  
GLN H2   H  N N 99  
GLN HA   H  N N 100 
GLN HB2  H  N N 101 
GLN HB3  H  N N 102 
GLN HG2  H  N N 103 
GLN HG3  H  N N 104 
GLN HE21 H  N N 105 
GLN HE22 H  N N 106 
GLN HXT  H  N N 107 
GLU N    N  N N 108 
GLU CA   C  N S 109 
GLU C    C  N N 110 
GLU O    O  N N 111 
GLU CB   C  N N 112 
GLU CG   C  N N 113 
GLU CD   C  N N 114 
GLU OE1  O  N N 115 
GLU OE2  O  N N 116 
GLU OXT  O  N N 117 
GLU H    H  N N 118 
GLU H2   H  N N 119 
GLU HA   H  N N 120 
GLU HB2  H  N N 121 
GLU HB3  H  N N 122 
GLU HG2  H  N N 123 
GLU HG3  H  N N 124 
GLU HE2  H  N N 125 
GLU HXT  H  N N 126 
GLY N    N  N N 127 
GLY CA   C  N N 128 
GLY C    C  N N 129 
GLY O    O  N N 130 
GLY OXT  O  N N 131 
GLY H    H  N N 132 
GLY H2   H  N N 133 
GLY HA2  H  N N 134 
GLY HA3  H  N N 135 
GLY HXT  H  N N 136 
HIS N    N  N N 137 
HIS CA   C  N S 138 
HIS C    C  N N 139 
HIS O    O  N N 140 
HIS CB   C  N N 141 
HIS CG   C  Y N 142 
HIS ND1  N  Y N 143 
HIS CD2  C  Y N 144 
HIS CE1  C  Y N 145 
HIS NE2  N  Y N 146 
HIS OXT  O  N N 147 
HIS H    H  N N 148 
HIS H2   H  N N 149 
HIS HA   H  N N 150 
HIS HB2  H  N N 151 
HIS HB3  H  N N 152 
HIS HD1  H  N N 153 
HIS HD2  H  N N 154 
HIS HE1  H  N N 155 
HIS HE2  H  N N 156 
HIS HXT  H  N N 157 
HOH O    O  N N 158 
HOH H1   H  N N 159 
HOH H2   H  N N 160 
ILE N    N  N N 161 
ILE CA   C  N S 162 
ILE C    C  N N 163 
ILE O    O  N N 164 
ILE CB   C  N S 165 
ILE CG1  C  N N 166 
ILE CG2  C  N N 167 
ILE CD1  C  N N 168 
ILE OXT  O  N N 169 
ILE H    H  N N 170 
ILE H2   H  N N 171 
ILE HA   H  N N 172 
ILE HB   H  N N 173 
ILE HG12 H  N N 174 
ILE HG13 H  N N 175 
ILE HG21 H  N N 176 
ILE HG22 H  N N 177 
ILE HG23 H  N N 178 
ILE HD11 H  N N 179 
ILE HD12 H  N N 180 
ILE HD13 H  N N 181 
ILE HXT  H  N N 182 
LEU N    N  N N 183 
LEU CA   C  N S 184 
LEU C    C  N N 185 
LEU O    O  N N 186 
LEU CB   C  N N 187 
LEU CG   C  N N 188 
LEU CD1  C  N N 189 
LEU CD2  C  N N 190 
LEU OXT  O  N N 191 
LEU H    H  N N 192 
LEU H2   H  N N 193 
LEU HA   H  N N 194 
LEU HB2  H  N N 195 
LEU HB3  H  N N 196 
LEU HG   H  N N 197 
LEU HD11 H  N N 198 
LEU HD12 H  N N 199 
LEU HD13 H  N N 200 
LEU HD21 H  N N 201 
LEU HD22 H  N N 202 
LEU HD23 H  N N 203 
LEU HXT  H  N N 204 
LYS N    N  N N 205 
LYS CA   C  N S 206 
LYS C    C  N N 207 
LYS O    O  N N 208 
LYS CB   C  N N 209 
LYS CG   C  N N 210 
LYS CD   C  N N 211 
LYS CE   C  N N 212 
LYS NZ   N  N N 213 
LYS OXT  O  N N 214 
LYS H    H  N N 215 
LYS H2   H  N N 216 
LYS HA   H  N N 217 
LYS HB2  H  N N 218 
LYS HB3  H  N N 219 
LYS HG2  H  N N 220 
LYS HG3  H  N N 221 
LYS HD2  H  N N 222 
LYS HD3  H  N N 223 
LYS HE2  H  N N 224 
LYS HE3  H  N N 225 
LYS HZ1  H  N N 226 
LYS HZ2  H  N N 227 
LYS HZ3  H  N N 228 
LYS HXT  H  N N 229 
M3L N    N  N N 230 
M3L CA   C  N S 231 
M3L CB   C  N N 232 
M3L CG   C  N N 233 
M3L CD   C  N N 234 
M3L CE   C  N N 235 
M3L NZ   N  N N 236 
M3L C    C  N N 237 
M3L O    O  N N 238 
M3L OXT  O  N N 239 
M3L CM1  C  N N 240 
M3L CM2  C  N N 241 
M3L CM3  C  N N 242 
M3L H    H  N N 243 
M3L H2   H  N N 244 
M3L HA   H  N N 245 
M3L HB2  H  N N 246 
M3L HB3  H  N N 247 
M3L HG2  H  N N 248 
M3L HG3  H  N N 249 
M3L HD2  H  N N 250 
M3L HD3  H  N N 251 
M3L HE2  H  N N 252 
M3L HE3  H  N N 253 
M3L HXT  H  N N 254 
M3L HM11 H  N N 255 
M3L HM12 H  N N 256 
M3L HM13 H  N N 257 
M3L HM21 H  N N 258 
M3L HM22 H  N N 259 
M3L HM23 H  N N 260 
M3L HM31 H  N N 261 
M3L HM32 H  N N 262 
M3L HM33 H  N N 263 
MET N    N  N N 264 
MET CA   C  N S 265 
MET C    C  N N 266 
MET O    O  N N 267 
MET CB   C  N N 268 
MET CG   C  N N 269 
MET SD   S  N N 270 
MET CE   C  N N 271 
MET OXT  O  N N 272 
MET H    H  N N 273 
MET H2   H  N N 274 
MET HA   H  N N 275 
MET HB2  H  N N 276 
MET HB3  H  N N 277 
MET HG2  H  N N 278 
MET HG3  H  N N 279 
MET HE1  H  N N 280 
MET HE2  H  N N 281 
MET HE3  H  N N 282 
MET HXT  H  N N 283 
PHE N    N  N N 284 
PHE CA   C  N S 285 
PHE C    C  N N 286 
PHE O    O  N N 287 
PHE CB   C  N N 288 
PHE CG   C  Y N 289 
PHE CD1  C  Y N 290 
PHE CD2  C  Y N 291 
PHE CE1  C  Y N 292 
PHE CE2  C  Y N 293 
PHE CZ   C  Y N 294 
PHE OXT  O  N N 295 
PHE H    H  N N 296 
PHE H2   H  N N 297 
PHE HA   H  N N 298 
PHE HB2  H  N N 299 
PHE HB3  H  N N 300 
PHE HD1  H  N N 301 
PHE HD2  H  N N 302 
PHE HE1  H  N N 303 
PHE HE2  H  N N 304 
PHE HZ   H  N N 305 
PHE HXT  H  N N 306 
PRO N    N  N N 307 
PRO CA   C  N S 308 
PRO C    C  N N 309 
PRO O    O  N N 310 
PRO CB   C  N N 311 
PRO CG   C  N N 312 
PRO CD   C  N N 313 
PRO OXT  O  N N 314 
PRO H    H  N N 315 
PRO HA   H  N N 316 
PRO HB2  H  N N 317 
PRO HB3  H  N N 318 
PRO HG2  H  N N 319 
PRO HG3  H  N N 320 
PRO HD2  H  N N 321 
PRO HD3  H  N N 322 
PRO HXT  H  N N 323 
SER N    N  N N 324 
SER CA   C  N S 325 
SER C    C  N N 326 
SER O    O  N N 327 
SER CB   C  N N 328 
SER OG   O  N N 329 
SER OXT  O  N N 330 
SER H    H  N N 331 
SER H2   H  N N 332 
SER HA   H  N N 333 
SER HB2  H  N N 334 
SER HB3  H  N N 335 
SER HG   H  N N 336 
SER HXT  H  N N 337 
THR N    N  N N 338 
THR CA   C  N S 339 
THR C    C  N N 340 
THR O    O  N N 341 
THR CB   C  N R 342 
THR OG1  O  N N 343 
THR CG2  C  N N 344 
THR OXT  O  N N 345 
THR H    H  N N 346 
THR H2   H  N N 347 
THR HA   H  N N 348 
THR HB   H  N N 349 
THR HG1  H  N N 350 
THR HG21 H  N N 351 
THR HG22 H  N N 352 
THR HG23 H  N N 353 
THR HXT  H  N N 354 
TRP N    N  N N 355 
TRP CA   C  N S 356 
TRP C    C  N N 357 
TRP O    O  N N 358 
TRP CB   C  N N 359 
TRP CG   C  Y N 360 
TRP CD1  C  Y N 361 
TRP CD2  C  Y N 362 
TRP NE1  N  Y N 363 
TRP CE2  C  Y N 364 
TRP CE3  C  Y N 365 
TRP CZ2  C  Y N 366 
TRP CZ3  C  Y N 367 
TRP CH2  C  Y N 368 
TRP OXT  O  N N 369 
TRP H    H  N N 370 
TRP H2   H  N N 371 
TRP HA   H  N N 372 
TRP HB2  H  N N 373 
TRP HB3  H  N N 374 
TRP HD1  H  N N 375 
TRP HE1  H  N N 376 
TRP HE3  H  N N 377 
TRP HZ2  H  N N 378 
TRP HZ3  H  N N 379 
TRP HH2  H  N N 380 
TRP HXT  H  N N 381 
TYR N    N  N N 382 
TYR CA   C  N S 383 
TYR C    C  N N 384 
TYR O    O  N N 385 
TYR CB   C  N N 386 
TYR CG   C  Y N 387 
TYR CD1  C  Y N 388 
TYR CD2  C  Y N 389 
TYR CE1  C  Y N 390 
TYR CE2  C  Y N 391 
TYR CZ   C  Y N 392 
TYR OH   O  N N 393 
TYR OXT  O  N N 394 
TYR H    H  N N 395 
TYR H2   H  N N 396 
TYR HA   H  N N 397 
TYR HB2  H  N N 398 
TYR HB3  H  N N 399 
TYR HD1  H  N N 400 
TYR HD2  H  N N 401 
TYR HE1  H  N N 402 
TYR HE2  H  N N 403 
TYR HH   H  N N 404 
TYR HXT  H  N N 405 
VAL N    N  N N 406 
VAL CA   C  N S 407 
VAL C    C  N N 408 
VAL O    O  N N 409 
VAL CB   C  N N 410 
VAL CG1  C  N N 411 
VAL CG2  C  N N 412 
VAL OXT  O  N N 413 
VAL H    H  N N 414 
VAL H2   H  N N 415 
VAL HA   H  N N 416 
VAL HB   H  N N 417 
VAL HG11 H  N N 418 
VAL HG12 H  N N 419 
VAL HG13 H  N N 420 
VAL HG21 H  N N 421 
VAL HG22 H  N N 422 
VAL HG23 H  N N 423 
VAL HXT  H  N N 424 
ZN  ZN   ZN N N 425 
# 
loop_
_chem_comp_bond.comp_id 
_chem_comp_bond.atom_id_1 
_chem_comp_bond.atom_id_2 
_chem_comp_bond.value_order 
_chem_comp_bond.pdbx_aromatic_flag 
_chem_comp_bond.pdbx_stereo_config 
_chem_comp_bond.pdbx_ordinal 
ALA N   CA   sing N N 1   
ALA N   H    sing N N 2   
ALA N   H2   sing N N 3   
ALA CA  C    sing N N 4   
ALA CA  CB   sing N N 5   
ALA CA  HA   sing N N 6   
ALA C   O    doub N N 7   
ALA C   OXT  sing N N 8   
ALA CB  HB1  sing N N 9   
ALA CB  HB2  sing N N 10  
ALA CB  HB3  sing N N 11  
ALA OXT HXT  sing N N 12  
ARG N   CA   sing N N 13  
ARG N   H    sing N N 14  
ARG N   H2   sing N N 15  
ARG CA  C    sing N N 16  
ARG CA  CB   sing N N 17  
ARG CA  HA   sing N N 18  
ARG C   O    doub N N 19  
ARG C   OXT  sing N N 20  
ARG CB  CG   sing N N 21  
ARG CB  HB2  sing N N 22  
ARG CB  HB3  sing N N 23  
ARG CG  CD   sing N N 24  
ARG CG  HG2  sing N N 25  
ARG CG  HG3  sing N N 26  
ARG CD  NE   sing N N 27  
ARG CD  HD2  sing N N 28  
ARG CD  HD3  sing N N 29  
ARG NE  CZ   sing N N 30  
ARG NE  HE   sing N N 31  
ARG CZ  NH1  sing N N 32  
ARG CZ  NH2  doub N N 33  
ARG NH1 HH11 sing N N 34  
ARG NH1 HH12 sing N N 35  
ARG NH2 HH21 sing N N 36  
ARG NH2 HH22 sing N N 37  
ARG OXT HXT  sing N N 38  
ASN N   CA   sing N N 39  
ASN N   H    sing N N 40  
ASN N   H2   sing N N 41  
ASN CA  C    sing N N 42  
ASN CA  CB   sing N N 43  
ASN CA  HA   sing N N 44  
ASN C   O    doub N N 45  
ASN C   OXT  sing N N 46  
ASN CB  CG   sing N N 47  
ASN CB  HB2  sing N N 48  
ASN CB  HB3  sing N N 49  
ASN CG  OD1  doub N N 50  
ASN CG  ND2  sing N N 51  
ASN ND2 HD21 sing N N 52  
ASN ND2 HD22 sing N N 53  
ASN OXT HXT  sing N N 54  
ASP N   CA   sing N N 55  
ASP N   H    sing N N 56  
ASP N   H2   sing N N 57  
ASP CA  C    sing N N 58  
ASP CA  CB   sing N N 59  
ASP CA  HA   sing N N 60  
ASP C   O    doub N N 61  
ASP C   OXT  sing N N 62  
ASP CB  CG   sing N N 63  
ASP CB  HB2  sing N N 64  
ASP CB  HB3  sing N N 65  
ASP CG  OD1  doub N N 66  
ASP CG  OD2  sing N N 67  
ASP OD2 HD2  sing N N 68  
ASP OXT HXT  sing N N 69  
CYS N   CA   sing N N 70  
CYS N   H    sing N N 71  
CYS N   H2   sing N N 72  
CYS CA  C    sing N N 73  
CYS CA  CB   sing N N 74  
CYS CA  HA   sing N N 75  
CYS C   O    doub N N 76  
CYS C   OXT  sing N N 77  
CYS CB  SG   sing N N 78  
CYS CB  HB2  sing N N 79  
CYS CB  HB3  sing N N 80  
CYS SG  HG   sing N N 81  
CYS OXT HXT  sing N N 82  
GLN N   CA   sing N N 83  
GLN N   H    sing N N 84  
GLN N   H2   sing N N 85  
GLN CA  C    sing N N 86  
GLN CA  CB   sing N N 87  
GLN CA  HA   sing N N 88  
GLN C   O    doub N N 89  
GLN C   OXT  sing N N 90  
GLN CB  CG   sing N N 91  
GLN CB  HB2  sing N N 92  
GLN CB  HB3  sing N N 93  
GLN CG  CD   sing N N 94  
GLN CG  HG2  sing N N 95  
GLN CG  HG3  sing N N 96  
GLN CD  OE1  doub N N 97  
GLN CD  NE2  sing N N 98  
GLN NE2 HE21 sing N N 99  
GLN NE2 HE22 sing N N 100 
GLN OXT HXT  sing N N 101 
GLU N   CA   sing N N 102 
GLU N   H    sing N N 103 
GLU N   H2   sing N N 104 
GLU CA  C    sing N N 105 
GLU CA  CB   sing N N 106 
GLU CA  HA   sing N N 107 
GLU C   O    doub N N 108 
GLU C   OXT  sing N N 109 
GLU CB  CG   sing N N 110 
GLU CB  HB2  sing N N 111 
GLU CB  HB3  sing N N 112 
GLU CG  CD   sing N N 113 
GLU CG  HG2  sing N N 114 
GLU CG  HG3  sing N N 115 
GLU CD  OE1  doub N N 116 
GLU CD  OE2  sing N N 117 
GLU OE2 HE2  sing N N 118 
GLU OXT HXT  sing N N 119 
GLY N   CA   sing N N 120 
GLY N   H    sing N N 121 
GLY N   H2   sing N N 122 
GLY CA  C    sing N N 123 
GLY CA  HA2  sing N N 124 
GLY CA  HA3  sing N N 125 
GLY C   O    doub N N 126 
GLY C   OXT  sing N N 127 
GLY OXT HXT  sing N N 128 
HIS N   CA   sing N N 129 
HIS N   H    sing N N 130 
HIS N   H2   sing N N 131 
HIS CA  C    sing N N 132 
HIS CA  CB   sing N N 133 
HIS CA  HA   sing N N 134 
HIS C   O    doub N N 135 
HIS C   OXT  sing N N 136 
HIS CB  CG   sing N N 137 
HIS CB  HB2  sing N N 138 
HIS CB  HB3  sing N N 139 
HIS CG  ND1  sing Y N 140 
HIS CG  CD2  doub Y N 141 
HIS ND1 CE1  doub Y N 142 
HIS ND1 HD1  sing N N 143 
HIS CD2 NE2  sing Y N 144 
HIS CD2 HD2  sing N N 145 
HIS CE1 NE2  sing Y N 146 
HIS CE1 HE1  sing N N 147 
HIS NE2 HE2  sing N N 148 
HIS OXT HXT  sing N N 149 
HOH O   H1   sing N N 150 
HOH O   H2   sing N N 151 
ILE N   CA   sing N N 152 
ILE N   H    sing N N 153 
ILE N   H2   sing N N 154 
ILE CA  C    sing N N 155 
ILE CA  CB   sing N N 156 
ILE CA  HA   sing N N 157 
ILE C   O    doub N N 158 
ILE C   OXT  sing N N 159 
ILE CB  CG1  sing N N 160 
ILE CB  CG2  sing N N 161 
ILE CB  HB   sing N N 162 
ILE CG1 CD1  sing N N 163 
ILE CG1 HG12 sing N N 164 
ILE CG1 HG13 sing N N 165 
ILE CG2 HG21 sing N N 166 
ILE CG2 HG22 sing N N 167 
ILE CG2 HG23 sing N N 168 
ILE CD1 HD11 sing N N 169 
ILE CD1 HD12 sing N N 170 
ILE CD1 HD13 sing N N 171 
ILE OXT HXT  sing N N 172 
LEU N   CA   sing N N 173 
LEU N   H    sing N N 174 
LEU N   H2   sing N N 175 
LEU CA  C    sing N N 176 
LEU CA  CB   sing N N 177 
LEU CA  HA   sing N N 178 
LEU C   O    doub N N 179 
LEU C   OXT  sing N N 180 
LEU CB  CG   sing N N 181 
LEU CB  HB2  sing N N 182 
LEU CB  HB3  sing N N 183 
LEU CG  CD1  sing N N 184 
LEU CG  CD2  sing N N 185 
LEU CG  HG   sing N N 186 
LEU CD1 HD11 sing N N 187 
LEU CD1 HD12 sing N N 188 
LEU CD1 HD13 sing N N 189 
LEU CD2 HD21 sing N N 190 
LEU CD2 HD22 sing N N 191 
LEU CD2 HD23 sing N N 192 
LEU OXT HXT  sing N N 193 
LYS N   CA   sing N N 194 
LYS N   H    sing N N 195 
LYS N   H2   sing N N 196 
LYS CA  C    sing N N 197 
LYS CA  CB   sing N N 198 
LYS CA  HA   sing N N 199 
LYS C   O    doub N N 200 
LYS C   OXT  sing N N 201 
LYS CB  CG   sing N N 202 
LYS CB  HB2  sing N N 203 
LYS CB  HB3  sing N N 204 
LYS CG  CD   sing N N 205 
LYS CG  HG2  sing N N 206 
LYS CG  HG3  sing N N 207 
LYS CD  CE   sing N N 208 
LYS CD  HD2  sing N N 209 
LYS CD  HD3  sing N N 210 
LYS CE  NZ   sing N N 211 
LYS CE  HE2  sing N N 212 
LYS CE  HE3  sing N N 213 
LYS NZ  HZ1  sing N N 214 
LYS NZ  HZ2  sing N N 215 
LYS NZ  HZ3  sing N N 216 
LYS OXT HXT  sing N N 217 
M3L N   CA   sing N N 218 
M3L N   H    sing N N 219 
M3L N   H2   sing N N 220 
M3L CA  CB   sing N N 221 
M3L CA  C    sing N N 222 
M3L CA  HA   sing N N 223 
M3L CB  CG   sing N N 224 
M3L CB  HB2  sing N N 225 
M3L CB  HB3  sing N N 226 
M3L CG  CD   sing N N 227 
M3L CG  HG2  sing N N 228 
M3L CG  HG3  sing N N 229 
M3L CD  CE   sing N N 230 
M3L CD  HD2  sing N N 231 
M3L CD  HD3  sing N N 232 
M3L CE  NZ   sing N N 233 
M3L CE  HE2  sing N N 234 
M3L CE  HE3  sing N N 235 
M3L NZ  CM1  sing N N 236 
M3L NZ  CM2  sing N N 237 
M3L NZ  CM3  sing N N 238 
M3L C   O    doub N N 239 
M3L C   OXT  sing N N 240 
M3L OXT HXT  sing N N 241 
M3L CM1 HM11 sing N N 242 
M3L CM1 HM12 sing N N 243 
M3L CM1 HM13 sing N N 244 
M3L CM2 HM21 sing N N 245 
M3L CM2 HM22 sing N N 246 
M3L CM2 HM23 sing N N 247 
M3L CM3 HM31 sing N N 248 
M3L CM3 HM32 sing N N 249 
M3L CM3 HM33 sing N N 250 
MET N   CA   sing N N 251 
MET N   H    sing N N 252 
MET N   H2   sing N N 253 
MET CA  C    sing N N 254 
MET CA  CB   sing N N 255 
MET CA  HA   sing N N 256 
MET C   O    doub N N 257 
MET C   OXT  sing N N 258 
MET CB  CG   sing N N 259 
MET CB  HB2  sing N N 260 
MET CB  HB3  sing N N 261 
MET CG  SD   sing N N 262 
MET CG  HG2  sing N N 263 
MET CG  HG3  sing N N 264 
MET SD  CE   sing N N 265 
MET CE  HE1  sing N N 266 
MET CE  HE2  sing N N 267 
MET CE  HE3  sing N N 268 
MET OXT HXT  sing N N 269 
PHE N   CA   sing N N 270 
PHE N   H    sing N N 271 
PHE N   H2   sing N N 272 
PHE CA  C    sing N N 273 
PHE CA  CB   sing N N 274 
PHE CA  HA   sing N N 275 
PHE C   O    doub N N 276 
PHE C   OXT  sing N N 277 
PHE CB  CG   sing N N 278 
PHE CB  HB2  sing N N 279 
PHE CB  HB3  sing N N 280 
PHE CG  CD1  doub Y N 281 
PHE CG  CD2  sing Y N 282 
PHE CD1 CE1  sing Y N 283 
PHE CD1 HD1  sing N N 284 
PHE CD2 CE2  doub Y N 285 
PHE CD2 HD2  sing N N 286 
PHE CE1 CZ   doub Y N 287 
PHE CE1 HE1  sing N N 288 
PHE CE2 CZ   sing Y N 289 
PHE CE2 HE2  sing N N 290 
PHE CZ  HZ   sing N N 291 
PHE OXT HXT  sing N N 292 
PRO N   CA   sing N N 293 
PRO N   CD   sing N N 294 
PRO N   H    sing N N 295 
PRO CA  C    sing N N 296 
PRO CA  CB   sing N N 297 
PRO CA  HA   sing N N 298 
PRO C   O    doub N N 299 
PRO C   OXT  sing N N 300 
PRO CB  CG   sing N N 301 
PRO CB  HB2  sing N N 302 
PRO CB  HB3  sing N N 303 
PRO CG  CD   sing N N 304 
PRO CG  HG2  sing N N 305 
PRO CG  HG3  sing N N 306 
PRO CD  HD2  sing N N 307 
PRO CD  HD3  sing N N 308 
PRO OXT HXT  sing N N 309 
SER N   CA   sing N N 310 
SER N   H    sing N N 311 
SER N   H2   sing N N 312 
SER CA  C    sing N N 313 
SER CA  CB   sing N N 314 
SER CA  HA   sing N N 315 
SER C   O    doub N N 316 
SER C   OXT  sing N N 317 
SER CB  OG   sing N N 318 
SER CB  HB2  sing N N 319 
SER CB  HB3  sing N N 320 
SER OG  HG   sing N N 321 
SER OXT HXT  sing N N 322 
THR N   CA   sing N N 323 
THR N   H    sing N N 324 
THR N   H2   sing N N 325 
THR CA  C    sing N N 326 
THR CA  CB   sing N N 327 
THR CA  HA   sing N N 328 
THR C   O    doub N N 329 
THR C   OXT  sing N N 330 
THR CB  OG1  sing N N 331 
THR CB  CG2  sing N N 332 
THR CB  HB   sing N N 333 
THR OG1 HG1  sing N N 334 
THR CG2 HG21 sing N N 335 
THR CG2 HG22 sing N N 336 
THR CG2 HG23 sing N N 337 
THR OXT HXT  sing N N 338 
TRP N   CA   sing N N 339 
TRP N   H    sing N N 340 
TRP N   H2   sing N N 341 
TRP CA  C    sing N N 342 
TRP CA  CB   sing N N 343 
TRP CA  HA   sing N N 344 
TRP C   O    doub N N 345 
TRP C   OXT  sing N N 346 
TRP CB  CG   sing N N 347 
TRP CB  HB2  sing N N 348 
TRP CB  HB3  sing N N 349 
TRP CG  CD1  doub Y N 350 
TRP CG  CD2  sing Y N 351 
TRP CD1 NE1  sing Y N 352 
TRP CD1 HD1  sing N N 353 
TRP CD2 CE2  doub Y N 354 
TRP CD2 CE3  sing Y N 355 
TRP NE1 CE2  sing Y N 356 
TRP NE1 HE1  sing N N 357 
TRP CE2 CZ2  sing Y N 358 
TRP CE3 CZ3  doub Y N 359 
TRP CE3 HE3  sing N N 360 
TRP CZ2 CH2  doub Y N 361 
TRP CZ2 HZ2  sing N N 362 
TRP CZ3 CH2  sing Y N 363 
TRP CZ3 HZ3  sing N N 364 
TRP CH2 HH2  sing N N 365 
TRP OXT HXT  sing N N 366 
TYR N   CA   sing N N 367 
TYR N   H    sing N N 368 
TYR N   H2   sing N N 369 
TYR CA  C    sing N N 370 
TYR CA  CB   sing N N 371 
TYR CA  HA   sing N N 372 
TYR C   O    doub N N 373 
TYR C   OXT  sing N N 374 
TYR CB  CG   sing N N 375 
TYR CB  HB2  sing N N 376 
TYR CB  HB3  sing N N 377 
TYR CG  CD1  doub Y N 378 
TYR CG  CD2  sing Y N 379 
TYR CD1 CE1  sing Y N 380 
TYR CD1 HD1  sing N N 381 
TYR CD2 CE2  doub Y N 382 
TYR CD2 HD2  sing N N 383 
TYR CE1 CZ   doub Y N 384 
TYR CE1 HE1  sing N N 385 
TYR CE2 CZ   sing Y N 386 
TYR CE2 HE2  sing N N 387 
TYR CZ  OH   sing N N 388 
TYR OH  HH   sing N N 389 
TYR OXT HXT  sing N N 390 
VAL N   CA   sing N N 391 
VAL N   H    sing N N 392 
VAL N   H2   sing N N 393 
VAL CA  C    sing N N 394 
VAL CA  CB   sing N N 395 
VAL CA  HA   sing N N 396 
VAL C   O    doub N N 397 
VAL C   OXT  sing N N 398 
VAL CB  CG1  sing N N 399 
VAL CB  CG2  sing N N 400 
VAL CB  HB   sing N N 401 
VAL CG1 HG11 sing N N 402 
VAL CG1 HG12 sing N N 403 
VAL CG1 HG13 sing N N 404 
VAL CG2 HG21 sing N N 405 
VAL CG2 HG22 sing N N 406 
VAL CG2 HG23 sing N N 407 
VAL OXT HXT  sing N N 408 
# 
_atom_sites.entry_id                    4L7X 
_atom_sites.fract_transf_matrix[1][1]   0.02037938 
_atom_sites.fract_transf_matrix[1][2]   -0.01152484 
_atom_sites.fract_transf_matrix[1][3]   0.00721185 
_atom_sites.fract_transf_matrix[2][1]   0.00879457 
_atom_sites.fract_transf_matrix[2][2]   0.02108548 
_atom_sites.fract_transf_matrix[2][3]   0.00884365 
_atom_sites.fract_transf_matrix[3][1]   -0.00524943 
_atom_sites.fract_transf_matrix[3][2]   -0.00241409 
_atom_sites.fract_transf_matrix[3][3]   0.01097610 
_atom_sites.fract_transf_vector[1]      0.491863 
_atom_sites.fract_transf_vector[2]      0.139512 
_atom_sites.fract_transf_vector[3]      0.348109 
# 
loop_
_atom_type.symbol 
C  
H  
N  
O  
S  
ZN 
# 
loop_
_atom_site.group_PDB 
_atom_site.id 
_atom_site.type_symbol 
_atom_site.label_atom_id 
_atom_site.label_alt_id 
_atom_site.label_comp_id 
_atom_site.label_asym_id 
_atom_site.label_entity_id 
_atom_site.label_seq_id 
_atom_site.pdbx_PDB_ins_code 
_atom_site.Cartn_x 
_atom_site.Cartn_y 
_atom_site.Cartn_z 
_atom_site.occupancy 
_atom_site.B_iso_or_equiv 
_atom_site.pdbx_formal_charge 
_atom_site.auth_seq_id 
_atom_site.auth_comp_id 
_atom_site.auth_asym_id 
_atom_site.auth_atom_id 
_atom_site.pdbx_PDB_model_num 
ATOM   1    N  N    . GLY A 1 1  ? -7.817  6.645   14.178  0.47 34.66 ? 1   GLY A N    1 
ATOM   2    C  CA   . GLY A 1 1  ? -6.852  6.041   13.216  0.26 33.15 ? 1   GLY A CA   1 
ATOM   3    C  C    . GLY A 1 1  ? -6.460  4.657   13.687  0.34 31.92 ? 1   GLY A C    1 
ATOM   4    O  O    . GLY A 1 1  ? -6.723  4.300   14.832  0.56 34.32 ? 1   GLY A O    1 
ATOM   5    H  H1   . GLY A 1 1  ? -8.664  6.771   13.745  0.26 41.59 ? 1   GLY A H1   1 
ATOM   6    H  H2   . GLY A 1 1  ? -7.925  6.061   14.931  0.26 41.59 ? 1   GLY A H2   1 
ATOM   7    H  H3   . GLY A 1 1  ? -7.481  7.494   14.477  0.26 41.59 ? 1   GLY A H3   1 
ATOM   8    H  HA2  . GLY A 1 1  ? -7.258  5.972   12.337  0.26 39.78 ? 1   GLY A HA2  1 
ATOM   9    H  HA3  . GLY A 1 1  ? -6.056  6.591   13.154  0.26 39.78 ? 1   GLY A HA3  1 
ATOM   10   N  N    . PRO A 1 2  ? -5.823  3.862   12.815  0.52 30.25 ? 2   PRO A N    1 
ATOM   11   C  CA   . PRO A 1 2  ? -5.558  2.498   13.267  0.57 26.45 ? 2   PRO A CA   1 
ATOM   12   C  C    . PRO A 1 2  ? -4.388  2.414   14.234  0.41 25.60 ? 2   PRO A C    1 
ATOM   13   O  O    . PRO A 1 2  ? -3.453  3.221   14.170  0.39 26.74 ? 2   PRO A O    1 
ATOM   14   C  CB   . PRO A 1 2  ? -5.215  1.771   11.973  0.58 28.39 ? 2   PRO A CB   1 
ATOM   15   C  CG   . PRO A 1 2  ? -4.562  2.815   11.149  0.63 32.50 ? 2   PRO A CG   1 
ATOM   16   C  CD   . PRO A 1 2  ? -5.314  4.093   11.455  0.67 32.12 ? 2   PRO A CD   1 
ATOM   17   H  HA   . PRO A 1 2  ? -6.357  2.100   13.672  0.57 31.74 ? 2   PRO A HA   1 
ATOM   18   H  HB2  . PRO A 1 2  ? -4.604  1.040   12.155  0.58 34.07 ? 2   PRO A HB2  1 
ATOM   19   H  HB3  . PRO A 1 2  ? -6.026  1.450   11.549  0.58 34.07 ? 2   PRO A HB3  1 
ATOM   20   H  HG2  . PRO A 1 2  ? -3.630  2.897   11.404  0.63 39.01 ? 2   PRO A HG2  1 
ATOM   21   H  HG3  . PRO A 1 2  ? -4.643  2.588   10.210  0.63 39.01 ? 2   PRO A HG3  1 
ATOM   22   H  HD2  . PRO A 1 2  ? -4.711  4.852   11.443  0.67 38.54 ? 2   PRO A HD2  1 
ATOM   23   H  HD3  . PRO A 1 2  ? -6.048  4.212   10.833  0.67 38.54 ? 2   PRO A HD3  1 
ATOM   24   N  N    . LEU A 1 3  ? -4.457  1.432   15.124  0.51 19.92 ? 3   LEU A N    1 
ATOM   25   C  CA   . LEU A 1 3  ? -3.392  1.164   16.079  0.58 25.02 ? 3   LEU A CA   1 
ATOM   26   C  C    . LEU A 1 3  ? -2.145  0.681   15.363  0.48 21.06 ? 3   LEU A C    1 
ATOM   27   O  O    . LEU A 1 3  ? -2.232  0.113   14.271  0.43 20.33 ? 3   LEU A O    1 
ATOM   28   C  CB   . LEU A 1 3  ? -3.837  0.100   17.087  0.64 25.70 ? 3   LEU A CB   1 
ATOM   29   C  CG   . LEU A 1 3  ? -4.901  0.524   18.108  0.48 28.62 ? 3   LEU A CG   1 
ATOM   30   C  CD1  . LEU A 1 3  ? -5.283  -0.648  19.005  0.59 29.09 ? 3   LEU A CD1  1 
ATOM   31   C  CD2  . LEU A 1 3  ? -4.412  1.688   18.951  0.44 32.88 ? 3   LEU A CD2  1 
ATOM   32   H  H    . LEU A 1 3  ? -5.125  0.895   15.195  0.41 23.91 ? 3   LEU A H    1 
ATOM   33   H  HA   . LEU A 1 3  ? -3.173  1.985   16.567  0.58 30.02 ? 3   LEU A HA   1 
ATOM   34   H  HB2  . LEU A 1 3  ? -4.197  -0.654  16.594  0.64 30.85 ? 3   LEU A HB2  1 
ATOM   35   H  HB3  . LEU A 1 3  ? -3.058  -0.187  17.588  0.64 30.85 ? 3   LEU A HB3  1 
ATOM   36   H  HG   . LEU A 1 3  ? -5.697  0.811   17.635  0.48 34.34 ? 3   LEU A HG   1 
ATOM   37   H  HD11 . LEU A 1 3  ? -5.948  -0.357  19.633  0.59 34.90 ? 3   LEU A HD11 1 
ATOM   38   H  HD12 . LEU A 1 3  ? -5.634  -1.356  18.460  0.59 34.90 ? 3   LEU A HD12 1 
ATOM   39   H  HD13 . LEU A 1 3  ? -4.501  -0.952  19.472  0.59 34.90 ? 3   LEU A HD13 1 
ATOM   40   H  HD21 . LEU A 1 3  ? -5.097  1.929   19.578  0.44 39.46 ? 3   LEU A HD21 1 
ATOM   41   H  HD22 . LEU A 1 3  ? -3.618  1.422   19.420  0.44 39.46 ? 3   LEU A HD22 1 
ATOM   42   H  HD23 . LEU A 1 3  ? -4.218  2.431   18.374  0.44 39.46 ? 3   LEU A HD23 1 
ATOM   43   N  N    . PRO A 1 4  ? -0.975  0.895   15.983  0.55 23.76 ? 4   PRO A N    1 
ATOM   44   C  CA   . PRO A 1 4  ? 0.298   0.513   15.362  0.62 24.46 ? 4   PRO A CA   1 
ATOM   45   C  C    . PRO A 1 4  ? 0.466   -0.991  15.142  0.72 24.34 ? 4   PRO A C    1 
ATOM   46   O  O    . PRO A 1 4  ? 1.265   -1.383  14.295  0.60 21.96 ? 4   PRO A O    1 
ATOM   47   C  CB   . PRO A 1 4  ? 1.350   1.026   16.353  0.47 27.08 ? 4   PRO A CB   1 
ATOM   48   C  CG   . PRO A 1 4  ? 0.653   2.047   17.175  0.36 27.73 ? 4   PRO A CG   1 
ATOM   49   C  CD   . PRO A 1 4  ? -0.773  1.634   17.241  0.56 28.10 ? 4   PRO A CD   1 
ATOM   50   H  HA   . PRO A 1 4  ? 0.409   0.977   14.507  0.62 29.36 ? 4   PRO A HA   1 
ATOM   51   H  HB2  . PRO A 1 4  ? 1.660   0.294   16.908  0.47 32.50 ? 4   PRO A HB2  1 
ATOM   52   H  HB3  . PRO A 1 4  ? 2.089   1.425   15.867  0.47 32.50 ? 4   PRO A HB3  1 
ATOM   53   H  HG2  . PRO A 1 4  ? 1.042   2.066   18.063  0.36 33.28 ? 4   PRO A HG2  1 
ATOM   54   H  HG3  . PRO A 1 4  ? 0.737   2.914   16.749  0.36 33.28 ? 4   PRO A HG3  1 
ATOM   55   H  HD2  . PRO A 1 4  ? -0.922  1.053   18.003  0.56 33.72 ? 4   PRO A HD2  1 
ATOM   56   H  HD3  . PRO A 1 4  ? -1.350  2.415   17.271  0.56 33.72 ? 4   PRO A HD3  1 
ATOM   57   N  N    . ASN A 1 5  ? -0.260  -1.817  15.890  0.62 23.58 ? 5   ASN A N    1 
ATOM   58   C  CA   . ASN A 1 5  ? -0.127  -3.268  15.774  0.55 20.18 ? 5   ASN A CA   1 
ATOM   59   C  C    . ASN A 1 5  ? -1.170  -3.948  14.856  0.64 21.57 ? 5   ASN A C    1 
ATOM   60   O  O    . ASN A 1 5  ? -1.247  -5.173  14.782  0.44 21.25 ? 5   ASN A O    1 
ATOM   61   C  CB   . ASN A 1 5  ? -0.093  -3.919  17.160  0.49 22.52 ? 5   ASN A CB   1 
ATOM   62   C  CG   . ASN A 1 5  ? -1.349  -3.663  17.974  0.64 27.11 ? 5   ASN A CG   1 
ATOM   63   O  OD1  . ASN A 1 5  ? -2.194  -2.839  17.616  0.68 29.88 ? 5   ASN A OD1  1 
ATOM   64   N  ND2  . ASN A 1 5  ? -1.465  -4.362  19.091  0.42 26.65 ? 5   ASN A ND2  1 
ATOM   65   H  H    . ASN A 1 5  ? -0.837  -1.562  16.475  0.55 28.30 ? 5   ASN A H    1 
ATOM   66   H  HA   . ASN A 1 5  ? 0.747   -3.445  15.368  0.55 24.21 ? 5   ASN A HA   1 
ATOM   67   H  HB2  . ASN A 1 5  ? 0.004   -4.879  17.054  0.49 27.02 ? 5   ASN A HB2  1 
ATOM   68   H  HB3  . ASN A 1 5  ? 0.662   -3.563  17.656  0.49 27.02 ? 5   ASN A HB3  1 
ATOM   69   H  HD21 . ASN A 1 5  ? -0.851  -4.921  19.316  0.42 31.98 ? 5   ASN A HD21 1 
ATOM   70   H  HD22 . ASN A 1 5  ? -2.156  -4.260  19.594  0.42 31.98 ? 5   ASN A HD22 1 
ATOM   71   N  N    . ALA A 1 6  ? -1.954  -3.146  14.145  0.69 21.94 ? 6   ALA A N    1 
ATOM   72   C  CA   . ALA A 1 6  ? -2.820  -3.644  13.078  0.92 23.60 ? 6   ALA A CA   1 
ATOM   73   C  C    . ALA A 1 6  ? -2.013  -4.410  12.027  0.90 19.31 ? 6   ALA A C    1 
ATOM   74   O  O    . ALA A 1 6  ? -0.857  -4.074  11.767  0.86 20.89 ? 6   ALA A O    1 
ATOM   75   C  CB   . ALA A 1 6  ? -3.523  -2.477  12.419  0.72 23.71 ? 6   ALA A CB   1 
ATOM   76   H  H    . ALA A 1 6  ? -2.004  -2.295  14.262  0.64 26.33 ? 6   ALA A H    1 
ATOM   77   H  HA   . ALA A 1 6  ? -3.496  -4.246  13.456  0.92 28.32 ? 6   ALA A HA   1 
ATOM   78   H  HB1  . ALA A 1 6  ? -4.091  -2.809  11.720  0.72 28.45 ? 6   ALA A HB1  1 
ATOM   79   H  HB2  . ALA A 1 6  ? -4.049  -2.017  13.078  0.72 28.45 ? 6   ALA A HB2  1 
ATOM   80   H  HB3  . ALA A 1 6  ? -2.865  -1.882  12.052  0.72 28.45 ? 6   ALA A HB3  1 
ATOM   81   N  N    . LEU A 1 7  ? -2.638  -5.401  11.386  0.79 20.31 ? 7   LEU A N    1 
ATOM   82   C  CA   . LEU A 1 7  ? -1.982  -6.184  10.342  0.72 18.19 ? 7   LEU A CA   1 
ATOM   83   C  C    . LEU A 1 7  ? -2.517  -5.857  8.960   0.78 17.24 ? 7   LEU A C    1 
ATOM   84   O  O    . LEU A 1 7  ? -3.703  -5.535  8.814   0.84 21.49 ? 7   LEU A O    1 
ATOM   85   C  CB   . LEU A 1 7  ? -2.175  -7.678  10.578  0.77 22.80 ? 7   LEU A CB   1 
ATOM   86   C  CG   . LEU A 1 7  ? -1.651  -8.241  11.890  0.83 22.59 ? 7   LEU A CG   1 
ATOM   87   C  CD1  . LEU A 1 7  ? -1.830  -9.744  11.884  0.77 25.60 ? 7   LEU A CD1  1 
ATOM   88   C  CD2  . LEU A 1 7  ? -0.197  -7.850  12.100  0.90 22.40 ? 7   LEU A CD2  1 
ATOM   89   H  H    . LEU A 1 7  ? -3.450  -5.638  11.541  0.72 24.37 ? 7   LEU A H    1 
ATOM   90   H  HA   . LEU A 1 7  ? -1.020  -5.995  10.352  0.72 21.83 ? 7   LEU A HA   1 
ATOM   91   H  HB2  . LEU A 1 7  ? -3.126  -7.868  10.543  0.77 27.37 ? 7   LEU A HB2  1 
ATOM   92   H  HB3  . LEU A 1 7  ? -1.729  -8.157  9.862   0.77 27.37 ? 7   LEU A HB3  1 
ATOM   93   H  HG   . LEU A 1 7  ? -2.172  -7.877  12.622  0.83 27.11 ? 7   LEU A HG   1 
ATOM   94   H  HD11 . LEU A 1 7  ? -1.500  -10.101 12.713  0.77 30.72 ? 7   LEU A HD11 1 
ATOM   95   H  HD12 . LEU A 1 7  ? -2.764  -9.947  11.789  0.77 30.72 ? 7   LEU A HD12 1 
ATOM   96   H  HD13 . LEU A 1 7  ? -1.338  -10.114 11.149  0.77 30.72 ? 7   LEU A HD13 1 
ATOM   97   H  HD21 . LEU A 1 7  ? 0.108   -8.216  12.933  0.90 26.88 ? 7   LEU A HD21 1 
ATOM   98   H  HD22 . LEU A 1 7  ? 0.328   -8.199  11.377  0.90 26.88 ? 7   LEU A HD22 1 
ATOM   99   H  HD23 . LEU A 1 7  ? -0.131  -6.892  12.120  0.90 26.88 ? 7   LEU A HD23 1 
ATOM   100  N  N    . TYR A 1 8  ? -1.638  -5.959  7.959   0.86 17.40 ? 8   TYR A N    1 
ATOM   101  C  CA   . TYR A 1 8  ? -1.963  -5.607  6.584   1.00 17.14 ? 8   TYR A CA   1 
ATOM   102  C  C    . TYR A 1 8  ? -1.346  -6.587  5.594   0.84 16.17 ? 8   TYR A C    1 
ATOM   103  O  O    . TYR A 1 8  ? -0.566  -7.466  5.967   0.80 18.10 ? 8   TYR A O    1 
ATOM   104  C  CB   . TYR A 1 8  ? -1.429  -4.205  6.263   0.86 16.04 ? 8   TYR A CB   1 
ATOM   105  C  CG   . TYR A 1 8  ? -1.976  -3.145  7.171   0.99 16.72 ? 8   TYR A CG   1 
ATOM   106  C  CD1  . TYR A 1 8  ? -1.221  -2.639  8.210   0.80 15.76 ? 8   TYR A CD1  1 
ATOM   107  C  CD2  . TYR A 1 8  ? -3.270  -2.669  7.007   0.78 15.95 ? 8   TYR A CD2  1 
ATOM   108  C  CE1  . TYR A 1 8  ? -1.729  -1.678  9.058   0.66 15.26 ? 8   TYR A CE1  1 
ATOM   109  C  CE2  . TYR A 1 8  ? -3.782  -1.708  7.845   0.80 17.26 ? 8   TYR A CE2  1 
ATOM   110  C  CZ   . TYR A 1 8  ? -3.016  -1.210  8.862   0.74 16.48 ? 8   TYR A CZ   1 
ATOM   111  O  OH   . TYR A 1 8  ? -3.547  -0.254  9.692   0.67 19.04 ? 8   TYR A OH   1 
ATOM   112  H  H    . TYR A 1 8  ? -0.831  -6.237  8.059   0.78 20.88 ? 8   TYR A H    1 
ATOM   113  H  HA   . TYR A 1 8  ? -2.936  -5.608  6.463   1.00 20.57 ? 8   TYR A HA   1 
ATOM   114  H  HB2  . TYR A 1 8  ? -0.463  -4.208  6.355   0.86 19.25 ? 8   TYR A HB2  1 
ATOM   115  H  HB3  . TYR A 1 8  ? -1.674  -3.975  5.353   0.86 19.25 ? 8   TYR A HB3  1 
ATOM   116  H  HD1  . TYR A 1 8  ? -0.355  -2.951  8.339   0.80 18.91 ? 8   TYR A HD1  1 
ATOM   117  H  HD2  . TYR A 1 8  ? -3.795  -3.000  6.316   0.78 19.14 ? 8   TYR A HD2  1 
ATOM   118  H  HE1  . TYR A 1 8  ? -1.208  -1.339  9.750   0.66 18.31 ? 8   TYR A HE1  1 
ATOM   119  H  HE2  . TYR A 1 8  ? -4.648  -1.394  7.718   0.80 20.71 ? 8   TYR A HE2  1 
ATOM   120  H  HH   . TYR A 1 8  ? -3.091  0.428   9.661   0.67 22.84 ? 8   TYR A HH   1 
ATOM   121  N  N    . CYS A 1 9  ? -1.712  -6.414  4.331   0.80 15.64 ? 9   CYS A N    1 
ATOM   122  C  CA   . CYS A 1 9  ? -0.961  -6.969  3.209   0.82 16.73 ? 9   CYS A CA   1 
ATOM   123  C  C    . CYS A 1 9  ? -1.106  -8.490  3.047   0.84 19.06 ? 9   CYS A C    1 
ATOM   124  O  O    . CYS A 1 9  ? -1.841  -9.155  3.778   0.71 20.30 ? 9   CYS A O    1 
ATOM   125  C  CB   . CYS A 1 9  ? 0.512   -6.545  3.345   0.93 17.55 ? 9   CYS A CB   1 
ATOM   126  S  SG   . CYS A 1 9  ? 1.608   -6.779  1.904   0.82 17.21 ? 9   CYS A SG   1 
ATOM   127  H  H    . CYS A 1 9  ? -2.407  -5.969  4.090   0.80 18.77 ? 9   CYS A H    1 
ATOM   128  H  HA   . CYS A 1 9  ? -1.303  -6.561  2.385   0.82 20.08 ? 9   CYS A HA   1 
ATOM   129  H  HB2  . CYS A 1 9  ? 0.531   -5.599  3.562   0.93 21.05 ? 9   CYS A HB2  1 
ATOM   130  H  HB3  . CYS A 1 9  ? 0.900   -7.045  4.078   0.93 21.05 ? 9   CYS A HB3  1 
ATOM   131  N  N    . ILE A 1 10 ? -0.432  -9.022  2.036   0.79 21.00 ? 10  ILE A N    1 
ATOM   132  C  CA   . ILE A 1 10 ? -0.392  -10.466 1.817   0.77 21.45 ? 10  ILE A CA   1 
ATOM   133  C  C    . ILE A 1 10 ? 0.374   -11.129 2.955   0.77 22.72 ? 10  ILE A C    1 
ATOM   134  O  O    . ILE A 1 10 ? 0.083   -12.268 3.345   0.77 26.83 ? 10  ILE A O    1 
ATOM   135  C  CB   . ILE A 1 10 ? 0.295   -10.801 0.473   0.90 24.25 ? 10  ILE A CB   1 
ATOM   136  C  CG1  . ILE A 1 10 ? -0.569  -10.337 -0.697  0.64 26.23 ? 10  ILE A CG1  1 
ATOM   137  C  CG2  . ILE A 1 10 ? 0.548   -12.291 0.357   0.47 26.48 ? 10  ILE A CG2  1 
ATOM   138  C  CD1  . ILE A 1 10 ? 0.161   -10.325 -2.021  0.36 28.92 ? 10  ILE A CD1  1 
ATOM   139  H  H    . ILE A 1 10 ? 0.013   -8.567  1.459   0.77 25.20 ? 10  ILE A H    1 
ATOM   140  H  HA   . ILE A 1 10 ? -1.304  -10.824 1.802   0.77 25.74 ? 10  ILE A HA   1 
ATOM   141  H  HB   . ILE A 1 10 ? 1.145   -10.337 0.435   0.90 29.10 ? 10  ILE A HB   1 
ATOM   142  H  HG12 . ILE A 1 10 ? -1.329  -10.934 -0.783  0.64 31.48 ? 10  ILE A HG12 1 
ATOM   143  H  HG13 . ILE A 1 10 ? -0.879  -9.435  -0.520  0.64 31.48 ? 10  ILE A HG13 1 
ATOM   144  H  HG21 . ILE A 1 10 ? 0.974   -12.471 -0.485  0.47 31.77 ? 10  ILE A HG21 1 
ATOM   145  H  HG22 . ILE A 1 10 ? 1.119   -12.568 1.077   0.47 31.77 ? 10  ILE A HG22 1 
ATOM   146  H  HG23 . ILE A 1 10 ? -0.290  -12.756 0.406   0.47 31.77 ? 10  ILE A HG23 1 
ATOM   147  H  HD11 . ILE A 1 10 ? 0.911   -9.728  -1.958  0.36 34.70 ? 10  ILE A HD11 1 
ATOM   148  H  HD12 . ILE A 1 10 ? 0.465   -11.214 -2.218  0.36 34.70 ? 10  ILE A HD12 1 
ATOM   149  H  HD13 . ILE A 1 10 ? -0.440  -10.024 -2.707  0.36 34.70 ? 10  ILE A HD13 1 
ATOM   150  N  N    . CYS A 1 11 ? 1.337   -10.396 3.507   0.72 21.11 ? 11  CYS A N    1 
ATOM   151  C  CA   . CYS A 1 11 ? 2.248   -10.935 4.513   0.68 21.27 ? 11  CYS A CA   1 
ATOM   152  C  C    . CYS A 1 11 ? 1.668   -10.934 5.927   0.77 21.32 ? 11  CYS A C    1 
ATOM   153  O  O    . CYS A 1 11 ? 2.216   -11.578 6.822   0.77 24.06 ? 11  CYS A O    1 
ATOM   154  C  CB   . CYS A 1 11 ? 3.556   -10.139 4.497   0.84 22.54 ? 11  CYS A CB   1 
ATOM   155  S  SG   . CYS A 1 11 ? 3.368   -8.399  4.950   0.79 19.56 ? 11  CYS A SG   1 
ATOM   156  H  H    . CYS A 1 11 ? 1.485   -9.571  3.313   0.68 25.33 ? 11  CYS A H    1 
ATOM   157  H  HA   . CYS A 1 11 ? 2.460   -11.863 4.279   0.68 25.53 ? 11  CYS A HA   1 
ATOM   158  H  HB2  . CYS A 1 11 ? 4.174   -10.543 5.126   0.84 27.05 ? 11  CYS A HB2  1 
ATOM   159  H  HB3  . CYS A 1 11 ? 3.930   -10.174 3.603   0.84 27.05 ? 11  CYS A HB3  1 
ATOM   160  N  N    . ARG A 1 12 ? 0.570   -10.214 6.132   0.77 21.38 ? 12  ARG A N    1 
ATOM   161  C  CA   . ARG A 1 12 ? -0.066  -10.144 7.453   0.80 20.13 ? 12  ARG A CA   1 
ATOM   162  C  C    . ARG A 1 12 ? 0.907   -9.619  8.511   0.85 22.36 ? 12  ARG A C    1 
ATOM   163  O  O    . ARG A 1 12 ? 1.110   -10.242 9.570   0.82 23.92 ? 12  ARG A O    1 
ATOM   164  C  CB   . ARG A 1 12 ? -0.641  -11.505 7.868   0.73 21.86 ? 12  ARG A CB   1 
ATOM   165  C  CG   . ARG A 1 12 ? -1.534  -12.174 6.830   0.68 24.65 ? 12  ARG A CG   1 
ATOM   166  C  CD   . ARG A 1 12 ? -2.494  -11.203 6.171   0.61 22.78 ? 12  ARG A CD   1 
ATOM   167  N  NE   . ARG A 1 12 ? -3.434  -10.621 7.121   0.70 20.83 ? 12  ARG A NE   1 
ATOM   168  C  CZ   . ARG A 1 12 ? -4.065  -9.465  6.953   0.76 21.02 ? 12  ARG A CZ   1 
ATOM   169  N  NH1  . ARG A 1 12 ? -3.849  -8.720  5.865   0.75 23.54 ? 12  ARG A NH1  1 
ATOM   170  N  NH2  . ARG A 1 12 ? -4.915  -9.051  7.884   0.62 21.59 ? 12  ARG A NH2  1 
ATOM   171  H  H    . ARG A 1 12 ? 0.170   -9.754  5.526   0.77 25.65 ? 12  ARG A H    1 
ATOM   172  H  HA   . ARG A 1 12 ? -0.814  -9.512  7.403   0.80 24.15 ? 12  ARG A HA   1 
ATOM   173  H  HB2  . ARG A 1 12 ? 0.096   -12.108 8.051   0.73 26.23 ? 12  ARG A HB2  1 
ATOM   174  H  HB3  . ARG A 1 12 ? -1.169  -11.384 8.673   0.73 26.23 ? 12  ARG A HB3  1 
ATOM   175  H  HG2  . ARG A 1 12 ? -0.977  -12.563 6.139   0.68 29.58 ? 12  ARG A HG2  1 
ATOM   176  H  HG3  . ARG A 1 12 ? -2.058  -12.865 7.264   0.68 29.58 ? 12  ARG A HG3  1 
ATOM   177  H  HD2  . ARG A 1 12 ? -1.987  -10.480 5.767   0.61 27.33 ? 12  ARG A HD2  1 
ATOM   178  H  HD3  . ARG A 1 12 ? -3.002  -11.672 5.492   0.61 27.33 ? 12  ARG A HD3  1 
ATOM   179  H  HE   . ARG A 1 12 ? -3.591  -11.059 7.845   0.61 25.00 ? 12  ARG A HE   1 
ATOM   180  H  HH11 . ARG A 1 12 ? -3.301  -8.992  5.260   0.75 28.24 ? 12  ARG A HH11 1 
ATOM   181  H  HH12 . ARG A 1 12 ? -4.260  -7.971  5.769   0.75 28.24 ? 12  ARG A HH12 1 
ATOM   182  H  HH21 . ARG A 1 12 ? -5.049  -9.529  8.586   0.62 25.91 ? 12  ARG A HH21 1 
ATOM   183  H  HH22 . ARG A 1 12 ? -5.322  -8.299  7.790   0.62 25.91 ? 12  ARG A HH22 1 
ATOM   184  N  N    . GLN A 1 13 ? 1.499   -8.464  8.212   0.93 22.56 ? 13  GLN A N    1 
ATOM   185  C  CA   . GLN A 1 13 ? 2.405   -7.784  9.113   0.84 20.06 ? 13  GLN A CA   1 
ATOM   186  C  C    . GLN A 1 13 ? 1.998   -6.332  9.299   0.82 18.50 ? 13  GLN A C    1 
ATOM   187  O  O    . GLN A 1 13 ? 1.223   -5.802  8.504   0.77 16.66 ? 13  GLN A O    1 
ATOM   188  C  CB   . GLN A 1 13 ? 3.826   -7.837  8.552   0.81 23.15 ? 13  GLN A CB   1 
ATOM   189  C  CG   . GLN A 1 13 ? 4.342   -9.262  8.323   0.88 27.85 ? 13  GLN A CG   1 
ATOM   190  C  CD   . GLN A 1 13 ? 4.595   -10.012 9.633   0.00 32.12 ? 13  GLN A CD   1 
ATOM   191  O  OE1  . GLN A 1 13 ? 4.185   -11.167 9.796   0.00 34.96 ? 13  GLN A OE1  1 
ATOM   192  N  NE2  . GLN A 1 13 ? 5.259   -9.354  10.573  0.86 31.39 ? 13  GLN A NE2  1 
ATOM   193  H  H    . GLN A 1 13 ? 1.382   -8.049  7.469   0.84 27.07 ? 13  GLN A H    1 
ATOM   194  H  HA   . GLN A 1 13 ? 2.396   -8.227  9.987   0.84 24.08 ? 13  GLN A HA   1 
ATOM   195  H  HB2  . GLN A 1 13 ? 3.845   -7.374  7.700   0.81 27.78 ? 13  GLN A HB2  1 
ATOM   196  H  HB3  . GLN A 1 13 ? 4.426   -7.401  9.177   0.81 27.78 ? 13  GLN A HB3  1 
ATOM   197  H  HG2  . GLN A 1 13 ? 3.682   -9.759  7.815   0.88 33.42 ? 13  GLN A HG2  1 
ATOM   198  H  HG3  . GLN A 1 13 ? 5.178   -9.222  7.833   0.88 33.42 ? 13  GLN A HG3  1 
ATOM   199  H  HE21 . GLN A 1 13 ? 5.524   -8.548  10.431  0.00 37.67 ? 13  GLN A HE21 1 
ATOM   200  H  HE22 . GLN A 1 13 ? 5.427   -9.733  11.327  0.00 37.67 ? 13  GLN A HE22 1 
ATOM   201  N  N    . PRO A 1 14 ? 2.506   -5.685  10.356  0.84 17.48 ? 14  PRO A N    1 
ATOM   202  C  CA   . PRO A 1 14 ? 2.179   -4.275  10.595  0.88 17.23 ? 14  PRO A CA   1 
ATOM   203  C  C    . PRO A 1 14 ? 2.746   -3.325  9.548   0.80 15.34 ? 14  PRO A C    1 
ATOM   204  O  O    . PRO A 1 14 ? 3.563   -3.707  8.703   0.80 15.62 ? 14  PRO A O    1 
ATOM   205  C  CB   . PRO A 1 14 ? 2.816   -3.995  11.967  0.75 18.73 ? 14  PRO A CB   1 
ATOM   206  C  CG   . PRO A 1 14 ? 2.933   -5.362  12.622  0.79 20.60 ? 14  PRO A CG   1 
ATOM   207  C  CD   . PRO A 1 14 ? 3.277   -6.268  11.464  0.74 19.35 ? 14  PRO A CD   1 
ATOM   208  H  HA   . PRO A 1 14 ? 1.209   -4.154  10.656  0.88 20.68 ? 14  PRO A HA   1 
ATOM   209  H  HB2  . PRO A 1 14 ? 3.692   -3.596  11.846  0.75 22.47 ? 14  PRO A HB2  1 
ATOM   210  H  HB3  . PRO A 1 14 ? 2.239   -3.414  12.484  0.75 22.47 ? 14  PRO A HB3  1 
ATOM   211  H  HG2  . PRO A 1 14 ? 3.644   -5.355  13.283  0.79 24.72 ? 14  PRO A HG2  1 
ATOM   212  H  HG3  . PRO A 1 14 ? 2.086   -5.613  13.022  0.79 24.72 ? 14  PRO A HG3  1 
ATOM   213  H  HD2  . PRO A 1 14 ? 4.227   -6.230  11.274  0.74 23.22 ? 14  PRO A HD2  1 
ATOM   214  H  HD3  . PRO A 1 14 ? 2.983   -7.174  11.643  0.74 23.22 ? 14  PRO A HD3  1 
ATOM   215  N  N    . HIS A 1 15 ? 2.291   -2.076  9.631   0.82 15.96 ? 15  HIS A N    1 
ATOM   216  C  CA   . HIS A 1 15 ? 2.765   -1.005  8.772   0.79 15.16 ? 15  HIS A CA   1 
ATOM   217  C  C    . HIS A 1 15 ? 4.265   -0.754  8.990   0.84 14.99 ? 15  HIS A C    1 
ATOM   218  O  O    . HIS A 1 15 ? 5.049   -0.765  8.039   0.88 16.06 ? 15  HIS A O    1 
ATOM   219  C  CB   . HIS A 1 15 ? 1.921   0.240   9.049   0.83 16.03 ? 15  HIS A CB   1 
ATOM   220  C  CG   . HIS A 1 15 ? 2.415   1.483   8.391   0.84 15.92 ? 15  HIS A CG   1 
ATOM   221  N  ND1  . HIS A 1 15 ? 2.116   2.739   8.874   0.79 18.78 ? 15  HIS A ND1  1 
ATOM   222  C  CD2  . HIS A 1 15 ? 3.182   1.671   7.292   0.85 18.45 ? 15  HIS A CD2  1 
ATOM   223  C  CE1  . HIS A 1 15 ? 2.692   3.649   8.106   0.65 18.00 ? 15  HIS A CE1  1 
ATOM   224  N  NE2  . HIS A 1 15 ? 3.351   3.026   7.145   0.83 18.04 ? 15  HIS A NE2  1 
ATOM   225  H  H    . HIS A 1 15 ? 1.693   -1.823  10.195  0.79 19.15 ? 15  HIS A H    1 
ATOM   226  H  HA   . HIS A 1 15 ? 2.632   -1.262  7.835   0.79 18.19 ? 15  HIS A HA   1 
ATOM   227  H  HB2  . HIS A 1 15 ? 1.018   0.079   8.735   0.83 19.24 ? 15  HIS A HB2  1 
ATOM   228  H  HB3  . HIS A 1 15 ? 1.909   0.399   10.006  0.83 19.24 ? 15  HIS A HB3  1 
ATOM   229  H  HD1  . HIS A 1 15 ? 1.641   2.906   9.570   0.65 22.54 ? 15  HIS A HD1  1 
ATOM   230  H  HD2  . HIS A 1 15 ? 3.547   1.007   6.752   0.85 22.15 ? 15  HIS A HD2  1 
ATOM   231  H  HE1  . HIS A 1 15 ? 2.640   4.570   8.223   0.65 21.59 ? 15  HIS A HE1  1 
ATOM   232  H  HE2  . HIS A 1 15 ? 3.795   3.409   6.516   0.65 21.65 ? 15  HIS A HE2  1 
ATOM   233  N  N    . ASN A 1 16 ? 4.658   -0.553  10.242  0.83 15.79 ? 16  ASN A N    1 
ATOM   234  C  CA   . ASN A 1 16 ? 6.064   -0.335  10.598  0.88 16.61 ? 16  ASN A CA   1 
ATOM   235  C  C    . ASN A 1 16 ? 6.774   0.758   9.791   0.79 15.09 ? 16  ASN A C    1 
ATOM   236  O  O    . ASN A 1 16 ? 7.946   0.637   9.462   0.78 16.09 ? 16  ASN A O    1 
ATOM   237  C  CB   . ASN A 1 16 ? 6.848   -1.660  10.537  0.83 15.61 ? 16  ASN A CB   1 
ATOM   238  C  CG   . ASN A 1 16 ? 6.605   -2.512  11.749  0.66 16.84 ? 16  ASN A CG   1 
ATOM   239  O  OD1  . ASN A 1 16 ? 6.456   -1.986  12.845  0.83 19.28 ? 16  ASN A OD1  1 
ATOM   240  N  ND2  . ASN A 1 16 ? 6.521   -3.829  11.567  0.75 17.19 ? 16  ASN A ND2  1 
ATOM   241  H  H    . ASN A 1 16 ? 4.124   -0.537  10.917  0.83 18.95 ? 16  ASN A H    1 
ATOM   242  H  HA   . ASN A 1 16 ? 6.085   -0.044  11.533  0.88 19.93 ? 16  ASN A HA   1 
ATOM   243  H  HB2  . ASN A 1 16 ? 6.568   -2.161  9.754   0.83 18.73 ? 16  ASN A HB2  1 
ATOM   244  H  HB3  . ASN A 1 16 ? 7.798   -1.467  10.489  0.83 18.73 ? 16  ASN A HB3  1 
ATOM   245  H  HD21 . ASN A 1 16 ? 6.606   -4.160  10.777  0.66 20.63 ? 16  ASN A HD21 1 
ATOM   246  H  HD22 . ASN A 1 16 ? 6.382   -4.348  12.238  0.66 20.63 ? 16  ASN A HD22 1 
ATOM   247  N  N    . ASN A 1 17 ? 6.050   1.833   9.496   0.76 14.80 ? 17  ASN A N    1 
ATOM   248  C  CA   . ASN A 1 17 ? 6.626   2.997   8.836   1.00 18.60 ? 17  ASN A CA   1 
ATOM   249  C  C    . ASN A 1 17 ? 7.219   2.644   7.465   0.83 16.47 ? 17  ASN A C    1 
ATOM   250  O  O    . ASN A 1 17 ? 8.122   3.318   6.966   0.79 18.56 ? 17  ASN A O    1 
ATOM   251  C  CB   . ASN A 1 17 ? 7.680   3.625   9.748   1.00 20.44 ? 17  ASN A CB   1 
ATOM   252  C  CG   . ASN A 1 17 ? 7.852   5.095   9.517   0.50 27.20 ? 17  ASN A CG   1 
ATOM   253  O  OD1  . ASN A 1 17 ? 6.977   5.753   8.956   0.61 28.96 ? 17  ASN A OD1  1 
ATOM   254  N  ND2  . ASN A 1 17 ? 8.979   5.632   9.963   0.46 27.68 ? 17  ASN A ND2  1 
ATOM   255  H  H    . ASN A 1 17 ? 5.212   1.911   9.671   0.76 17.76 ? 17  ASN A H    1 
ATOM   256  H  HA   . ASN A 1 17 ? 5.920   3.662   8.694   1.00 22.32 ? 17  ASN A HA   1 
ATOM   257  H  HB2  . ASN A 1 17 ? 7.415   3.496   10.672  1.00 24.53 ? 17  ASN A HB2  1 
ATOM   258  H  HB3  . ASN A 1 17 ? 8.534   3.194   9.585   1.00 24.53 ? 17  ASN A HB3  1 
ATOM   259  H  HD21 . ASN A 1 17 ? 9.562   5.140   10.359  0.46 33.21 ? 17  ASN A HD21 1 
ATOM   260  H  HD22 . ASN A 1 17 ? 9.127   6.471   9.855   0.46 33.21 ? 17  ASN A HD22 1 
ATOM   261  N  N    . ARG A 1 18 ? 6.679   1.590   6.867   1.00 16.76 ? 18  ARG A N    1 
ATOM   262  C  CA   . ARG A 1 18 ? 7.071   1.166   5.533   0.85 15.80 ? 18  ARG A CA   1 
ATOM   263  C  C    . ARG A 1 18 ? 6.191   1.833   4.486   0.89 14.97 ? 18  ARG A C    1 
ATOM   264  O  O    . ARG A 1 18 ? 5.031   2.190   4.759   0.85 15.53 ? 18  ARG A O    1 
ATOM   265  C  CB   . ARG A 1 18 ? 6.953   -0.361  5.406   0.92 16.04 ? 18  ARG A CB   1 
ATOM   266  C  CG   . ARG A 1 18 ? 7.895   -1.123  6.322   0.87 16.04 ? 18  ARG A CG   1 
ATOM   267  C  CD   . ARG A 1 18 ? 7.551   -2.601  6.424   0.74 15.67 ? 18  ARG A CD   1 
ATOM   268  N  NE   . ARG A 1 18 ? 7.708   -3.331  5.166   0.74 16.28 ? 18  ARG A NE   1 
ATOM   269  C  CZ   . ARG A 1 18 ? 7.396   -4.622  5.026   0.89 18.36 ? 18  ARG A CZ   1 
ATOM   270  N  NH1  . ARG A 1 18 ? 6.904   -5.302  6.053   0.82 19.38 ? 18  ARG A NH1  1 
ATOM   271  N  NH2  . ARG A 1 18 ? 7.569   -5.226  3.859   0.71 19.02 ? 18  ARG A NH2  1 
ATOM   272  H  H    . ARG A 1 18 ? 6.073   1.094   7.222   0.83 20.11 ? 18  ARG A H    1 
ATOM   273  H  HA   . ARG A 1 18 ? 8.003   1.422   5.367   0.85 18.96 ? 18  ARG A HA   1 
ATOM   274  H  HB2  . ARG A 1 18 ? 6.046   -0.624  5.628   0.92 19.25 ? 18  ARG A HB2  1 
ATOM   275  H  HB3  . ARG A 1 18 ? 7.156   -0.616  4.494   0.92 19.25 ? 18  ARG A HB3  1 
ATOM   276  H  HG2  . ARG A 1 18 ? 8.799   -1.048  5.979   0.87 19.25 ? 18  ARG A HG2  1 
ATOM   277  H  HG3  . ARG A 1 18 ? 7.846   -0.742  7.213   0.87 19.25 ? 18  ARG A HG3  1 
ATOM   278  H  HD2  . ARG A 1 18 ? 8.135   -3.013  7.081   0.74 18.80 ? 18  ARG A HD2  1 
ATOM   279  H  HD3  . ARG A 1 18 ? 6.627   -2.689  6.705   0.74 18.80 ? 18  ARG A HD3  1 
ATOM   280  H  HE   . ARG A 1 18 ? 8.153   -2.954  4.534   0.74 19.54 ? 18  ARG A HE   1 
ATOM   281  H  HH11 . ARG A 1 18 ? 6.792   -4.913  6.811   0.82 23.25 ? 18  ARG A HH11 1 
ATOM   282  H  HH12 . ARG A 1 18 ? 6.701   -6.132  5.960   0.82 23.25 ? 18  ARG A HH12 1 
ATOM   283  H  HH21 . ARG A 1 18 ? 7.885   -4.787  3.190   0.71 22.83 ? 18  ARG A HH21 1 
ATOM   284  H  HH22 . ARG A 1 18 ? 7.362   -6.056  3.770   0.71 22.83 ? 18  ARG A HH22 1 
ATOM   285  N  N    . PHE A 1 19 ? 6.723   1.955   3.275   0.74 12.87 ? 19  PHE A N    1 
ATOM   286  C  CA   . PHE A 1 19 ? 5.940   2.456   2.150   0.93 13.72 ? 19  PHE A CA   1 
ATOM   287  C  C    . PHE A 1 19 ? 4.820   1.462   1.851   0.92 14.08 ? 19  PHE A C    1 
ATOM   288  O  O    . PHE A 1 19 ? 5.070   0.260   1.692   0.83 13.51 ? 19  PHE A O    1 
ATOM   289  C  CB   . PHE A 1 19 ? 6.822   2.652   0.907   0.78 15.20 ? 19  PHE A CB   1 
ATOM   290  C  CG   . PHE A 1 19 ? 6.038   2.746   -0.372  0.81 14.44 ? 19  PHE A CG   1 
ATOM   291  C  CD1  . PHE A 1 19 ? 5.077   3.720   -0.534  0.91 15.97 ? 19  PHE A CD1  1 
ATOM   292  C  CD2  . PHE A 1 19 ? 6.201   1.805   -1.376  0.75 17.15 ? 19  PHE A CD2  1 
ATOM   293  C  CE1  . PHE A 1 19 ? 4.327   3.780   -1.698  0.90 15.88 ? 19  PHE A CE1  1 
ATOM   294  C  CE2  . PHE A 1 19 ? 5.456   1.871   -2.525  0.70 18.21 ? 19  PHE A CE2  1 
ATOM   295  C  CZ   . PHE A 1 19 ? 4.504   2.847   -2.674  0.83 17.92 ? 19  PHE A CZ   1 
ATOM   296  H  H    . PHE A 1 19 ? 7.535   1.754   3.078   0.74 15.44 ? 19  PHE A H    1 
ATOM   297  H  HA   . PHE A 1 19 ? 5.538   3.317   2.387   0.93 16.47 ? 19  PHE A HA   1 
ATOM   298  H  HB2  . PHE A 1 19 ? 7.328   3.474   1.008   0.78 18.24 ? 19  PHE A HB2  1 
ATOM   299  H  HB3  . PHE A 1 19 ? 7.428   1.899   0.831   0.78 18.24 ? 19  PHE A HB3  1 
ATOM   300  H  HD1  . PHE A 1 19 ? 4.942   4.351   0.136   0.91 19.16 ? 19  PHE A HD1  1 
ATOM   301  H  HD2  . PHE A 1 19 ? 6.834   1.131   -1.277  0.75 20.58 ? 19  PHE A HD2  1 
ATOM   302  H  HE1  . PHE A 1 19 ? 3.687   4.447   -1.804  0.90 19.06 ? 19  PHE A HE1  1 
ATOM   303  H  HE2  . PHE A 1 19 ? 5.582   1.240   -3.196  0.70 21.85 ? 19  PHE A HE2  1 
ATOM   304  H  HZ   . PHE A 1 19 ? 4.010   2.897   -3.460  0.83 21.50 ? 19  PHE A HZ   1 
ATOM   305  N  N    . MET A 1 20 ? 3.589   1.965   1.799   0.82 12.74 ? 20  MET A N    1 
ATOM   306  C  CA   . MET A 1 20 ? 2.434   1.122   1.507   0.93 13.91 ? 20  MET A CA   1 
ATOM   307  C  C    . MET A 1 20 ? 1.495   1.797   0.529   0.93 12.95 ? 20  MET A C    1 
ATOM   308  O  O    . MET A 1 20 ? 1.497   3.023   0.383   0.82 13.27 ? 20  MET A O    1 
ATOM   309  C  CB   . MET A 1 20 ? 1.643   0.785   2.782   0.89 13.15 ? 20  MET A CB   1 
ATOM   310  C  CG   . MET A 1 20 ? 2.469   0.110   3.868   0.93 14.46 ? 20  MET A CG   1 
ATOM   311  S  SD   . MET A 1 20 ? 1.497   -0.528  5.243   0.84 13.88 ? 20  MET A SD   1 
ATOM   312  C  CE   . MET A 1 20 ? 0.765   -1.962  4.483   0.72 11.96 ? 20  MET A CE   1 
ATOM   313  H  H    . MET A 1 20 ? 3.396   2.792   1.931   0.82 15.29 ? 20  MET A H    1 
ATOM   314  H  HA   . MET A 1 20 ? 2.748   0.280   1.116   0.93 16.70 ? 20  MET A HA   1 
ATOM   315  H  HB2  . MET A 1 20 ? 1.283   1.606   3.151   0.89 15.77 ? 20  MET A HB2  1 
ATOM   316  H  HB3  . MET A 1 20 ? 0.916   0.185   2.548   0.89 15.77 ? 20  MET A HB3  1 
ATOM   317  H  HG2  . MET A 1 20 ? 2.949   -0.636  3.476   0.93 17.35 ? 20  MET A HG2  1 
ATOM   318  H  HG3  . MET A 1 20 ? 3.100   0.754   4.226   0.93 17.35 ? 20  MET A HG3  1 
ATOM   319  H  HE1  . MET A 1 20 ? 0.207   -2.407  5.125   0.72 14.35 ? 20  MET A HE1  1 
ATOM   320  H  HE2  . MET A 1 20 ? 0.240   -1.683  3.729   0.72 14.35 ? 20  MET A HE2  1 
ATOM   321  H  HE3  . MET A 1 20 ? 1.465   -2.553  4.192   0.72 14.35 ? 20  MET A HE3  1 
ATOM   322  N  N    . ILE A 1 21 ? 0.668   0.976   -0.116  0.87 12.02 ? 21  ILE A N    1 
ATOM   323  C  CA   . ILE A 1 21 ? -0.281  1.449   -1.104  0.92 12.24 ? 21  ILE A CA   1 
ATOM   324  C  C    . ILE A 1 21 ? -1.579  0.661   -0.891  0.92 13.31 ? 21  ILE A C    1 
ATOM   325  O  O    . ILE A 1 21 ? -1.557  -0.529  -0.537  0.85 12.85 ? 21  ILE A O    1 
ATOM   326  C  CB   . ILE A 1 21 ? 0.277   1.278   -2.544  0.87 13.16 ? 21  ILE A CB   1 
ATOM   327  C  CG1  . ILE A 1 21 ? -0.648  1.913   -3.583  0.91 14.44 ? 21  ILE A CG1  1 
ATOM   328  C  CG2  . ILE A 1 21 ? 0.563   -0.190  -2.890  0.86 14.54 ? 21  ILE A CG2  1 
ATOM   329  C  CD1  . ILE A 1 21 ? 0.052   2.158   -4.919  0.74 13.56 ? 21  ILE A CD1  1 
ATOM   330  H  H    . ILE A 1 21 ? 0.641   0.126   0.010   0.87 14.43 ? 21  ILE A H    1 
ATOM   331  H  HA   . ILE A 1 21 ? -0.466  2.399   -0.953  0.92 14.69 ? 21  ILE A HA   1 
ATOM   332  H  HB   . ILE A 1 21 ? 1.123   1.752   -2.582  0.87 15.79 ? 21  ILE A HB   1 
ATOM   333  H  HG12 . ILE A 1 21 ? -1.400  1.321   -3.741  0.91 17.32 ? 21  ILE A HG12 1 
ATOM   334  H  HG13 . ILE A 1 21 ? -0.962  2.767   -3.247  0.91 17.32 ? 21  ILE A HG13 1 
ATOM   335  H  HG21 . ILE A 1 21 ? 0.905   -0.240  -3.785  0.86 17.45 ? 21  ILE A HG21 1 
ATOM   336  H  HG22 . ILE A 1 21 ? 1.212   -0.536  -2.271  0.86 17.45 ? 21  ILE A HG22 1 
ATOM   337  H  HG23 . ILE A 1 21 ? -0.253  -0.692  -2.822  0.86 17.45 ? 21  ILE A HG23 1 
ATOM   338  H  HD11 . ILE A 1 21 ? -0.572  2.555   -5.531  0.74 16.27 ? 21  ILE A HD11 1 
ATOM   339  H  HD12 . ILE A 1 21 ? 0.796   2.749   -4.780  0.74 16.27 ? 21  ILE A HD12 1 
ATOM   340  H  HD13 . ILE A 1 21 ? 0.362   1.318   -5.268  0.74 16.27 ? 21  ILE A HD13 1 
ATOM   341  N  N    . CYS A 1 22 ? -2.710  1.334   -1.077  0.86 12.15 ? 22  CYS A N    1 
ATOM   342  C  CA   . CYS A 1 22 ? -4.014  0.724   -0.837  0.87 13.38 ? 22  CYS A CA   1 
ATOM   343  C  C    . CYS A 1 22 ? -4.622  0.259   -2.148  0.94 14.55 ? 22  CYS A C    1 
ATOM   344  O  O    . CYS A 1 22 ? -4.541  0.955   -3.163  0.86 15.34 ? 22  CYS A O    1 
ATOM   345  C  CB   . CYS A 1 22 ? -4.941  1.749   -0.182  0.79 12.77 ? 22  CYS A CB   1 
ATOM   346  S  SG   . CYS A 1 22 ? -6.477  1.083   0.480   0.84 15.03 ? 22  CYS A SG   1 
ATOM   347  H  H    . CYS A 1 22 ? -2.749  2.150   -1.345  0.86 14.58 ? 22  CYS A H    1 
ATOM   348  H  HA   . CYS A 1 22 ? -3.918  -0.046  -0.240  0.87 16.06 ? 22  CYS A HA   1 
ATOM   349  H  HB2  . CYS A 1 22 ? -4.465  2.169   0.553   0.79 15.33 ? 22  CYS A HB2  1 
ATOM   350  H  HB3  . CYS A 1 22 ? -5.174  2.421   -0.842  0.79 15.33 ? 22  CYS A HB3  1 
ATOM   351  H  HG   . CYS A 1 22 ? -7.114  1.977   0.965   0.84 18.03 ? 22  CYS A HG   1 
ATOM   352  N  N    . CYS A 1 23 ? -5.227  -0.924  -2.123  0.85 14.29 ? 23  CYS A N    1 
ATOM   353  C  CA   . CYS A 1 23 ? -5.911  -1.467  -3.291  1.00 16.11 ? 23  CYS A CA   1 
ATOM   354  C  C    . CYS A 1 23 ? -7.308  -0.891  -3.426  0.80 14.61 ? 23  CYS A C    1 
ATOM   355  O  O    . CYS A 1 23 ? -8.116  -0.948  -2.494  0.80 14.99 ? 23  CYS A O    1 
ATOM   356  C  CB   . CYS A 1 23 ? -6.020  -2.984  -3.195  0.80 15.32 ? 23  CYS A CB   1 
ATOM   357  S  SG   . CYS A 1 23 ? -6.858  -3.705  -4.633  0.85 17.34 ? 23  CYS A SG   1 
ATOM   358  H  H    . CYS A 1 23 ? -5.257  -1.437  -1.432  0.85 17.15 ? 23  CYS A H    1 
ATOM   359  H  HA   . CYS A 1 23 ? -5.404  -1.242  -4.099  1.00 19.33 ? 23  CYS A HA   1 
ATOM   360  H  HB2  . CYS A 1 23 ? -5.130  -3.364  -3.143  0.80 18.39 ? 23  CYS A HB2  1 
ATOM   361  H  HB3  . CYS A 1 23 ? -6.529  -3.216  -2.402  0.80 18.39 ? 23  CYS A HB3  1 
ATOM   362  N  N    . ASP A 1 24 ? -7.605  -0.374  -4.615  0.87 15.88 ? 24  ASP A N    1 
ATOM   363  C  CA   . ASP A 1 24 ? -8.890  0.256   -4.867  0.80 17.32 ? 24  ASP A CA   1 
ATOM   364  C  C    . ASP A 1 24 ? -10.014 -0.738  -5.161  0.77 17.50 ? 24  ASP A C    1 
ATOM   365  O  O    . ASP A 1 24 ? -11.177 -0.343  -5.291  0.61 19.03 ? 24  ASP A O    1 
ATOM   366  C  CB   . ASP A 1 24 ? -8.731  1.278   -5.992  0.73 17.31 ? 24  ASP A CB   1 
ATOM   367  C  CG   . ASP A 1 24 ? -7.929  2.478   -5.540  0.85 17.31 ? 24  ASP A CG   1 
ATOM   368  O  OD1  . ASP A 1 24 ? -8.464  3.224   -4.710  0.73 17.72 ? 24  ASP A OD1  1 
ATOM   369  O  OD2  . ASP A 1 24 ? -6.764  2.660   -5.980  0.71 18.59 ? 24  ASP A OD2  1 
ATOM   370  H  H    . ASP A 1 24 ? -7.076  -0.377  -5.292  0.80 19.06 ? 24  ASP A H    1 
ATOM   371  H  HA   . ASP A 1 24 ? -9.149  0.751   -4.061  0.80 20.78 ? 24  ASP A HA   1 
ATOM   372  H  HB2  . ASP A 1 24 ? -8.266  0.865   -6.737  0.73 20.77 ? 24  ASP A HB2  1 
ATOM   373  H  HB3  . ASP A 1 24 ? -9.607  1.585   -6.273  0.73 20.77 ? 24  ASP A HB3  1 
ATOM   374  N  N    . ARG A 1 25 ? -9.674  -2.018  -5.252  0.95 20.01 ? 25  ARG A N    1 
ATOM   375  C  CA   . ARG A 1 25 ? -10.682 -3.061  -5.423  0.76 18.67 ? 25  ARG A CA   1 
ATOM   376  C  C    . ARG A 1 25 ? -11.042 -3.786  -4.126  0.77 19.99 ? 25  ARG A C    1 
ATOM   377  O  O    . ARG A 1 25 ? -12.214 -4.067  -3.898  0.67 23.86 ? 25  ARG A O    1 
ATOM   378  C  CB   . ARG A 1 25 ? -10.255 -4.057  -6.500  0.83 23.99 ? 25  ARG A CB   1 
ATOM   379  C  CG   . ARG A 1 25 ? -11.286 -5.141  -6.772  0.71 30.01 ? 25  ARG A CG   1 
ATOM   380  C  CD   . ARG A 1 25 ? -11.202 -5.669  -8.199  0.00 35.92 ? 25  ARG A CD   1 
ATOM   381  N  NE   . ARG A 1 25 ? -10.366 -6.857  -8.326  0.00 39.70 ? 25  ARG A NE   1 
ATOM   382  C  CZ   . ARG A 1 25 ? -10.764 -8.095  -8.033  0.13 41.57 ? 25  ARG A CZ   1 
ATOM   383  N  NH1  . ARG A 1 25 ? -11.980 -8.323  -7.580  0.00 43.22 ? 25  ARG A NH1  1 
ATOM   384  N  NH2  . ARG A 1 25 ? -9.943  -9.113  -8.186  0.00 41.39 ? 25  ARG A NH2  1 
ATOM   385  H  H    . ARG A 1 25 ? -8.866  -2.311  -5.218  0.76 24.01 ? 25  ARG A H    1 
ATOM   386  H  HA   . ARG A 1 25 ? -11.503 -2.632  -5.743  0.76 22.40 ? 25  ARG A HA   1 
ATOM   387  H  HB2  . ARG A 1 25 ? -10.104 -3.575  -7.329  0.83 28.78 ? 25  ARG A HB2  1 
ATOM   388  H  HB3  . ARG A 1 25 ? -9.435  -4.491  -6.217  0.83 28.78 ? 25  ARG A HB3  1 
ATOM   389  H  HG2  . ARG A 1 25 ? -11.135 -5.883  -6.167  0.71 36.01 ? 25  ARG A HG2  1 
ATOM   390  H  HG3  . ARG A 1 25 ? -12.174 -4.776  -6.638  0.71 36.01 ? 25  ARG A HG3  1 
ATOM   391  H  HD2  . ARG A 1 25 ? -12.095 -5.898  -8.502  0.00 43.10 ? 25  ARG A HD2  1 
ATOM   392  H  HD3  . ARG A 1 25 ? -10.828 -4.979  -8.769  0.00 43.10 ? 25  ARG A HD3  1 
ATOM   393  H  HE   . ARG A 1 25 ? -9.561  -6.753  -8.608  0.00 47.64 ? 25  ARG A HE   1 
ATOM   394  H  HH11 . ARG A 1 25 ? -12.530 -7.671  -7.475  0.00 51.87 ? 25  ARG A HH11 1 
ATOM   395  H  HH12 . ARG A 1 25 ? -12.224 -9.126  -7.392  0.00 51.87 ? 25  ARG A HH12 1 
ATOM   396  H  HH22 . ARG A 1 25 ? -10.202 -9.908  -7.990  0.00 49.67 ? 25  ARG A HH22 1 
ATOM   397  N  N    . CYS A 1 26 ? -10.058 -4.073  -3.270  0.82 17.93 ? 26  CYS A N    1 
ATOM   398  C  CA   . CYS A 1 26 ? -10.343 -4.789  -2.016  0.85 19.70 ? 26  CYS A CA   1 
ATOM   399  C  C    . CYS A 1 26 ? -10.126 -3.980  -0.731  0.77 15.83 ? 26  CYS A C    1 
ATOM   400  O  O    . CYS A 1 26 ? -10.456 -4.461  0.361   0.86 18.02 ? 26  CYS A O    1 
ATOM   401  C  CB   . CYS A 1 26 ? -9.534  -6.083  -1.930  0.83 18.78 ? 26  CYS A CB   1 
ATOM   402  S  SG   . CYS A 1 26 ? -7.758  -5.830  -1.678  0.84 18.09 ? 26  CYS A SG   1 
ATOM   403  H  H    . CYS A 1 26 ? -9.231  -3.870  -3.386  0.77 21.52 ? 26  CYS A H    1 
ATOM   404  H  HA   . CYS A 1 26 ? -11.289 -5.046  -2.029  0.85 23.63 ? 26  CYS A HA   1 
ATOM   405  H  HB2  . CYS A 1 26 ? -9.866  -6.609  -1.185  0.83 22.53 ? 26  CYS A HB2  1 
ATOM   406  H  HB3  . CYS A 1 26 ? -9.648  -6.577  -2.757  0.83 22.53 ? 26  CYS A HB3  1 
ATOM   407  N  N    . GLU A 1 27 ? -9.551  -2.785  -0.864  0.87 16.24 ? 27  GLU A N    1 
ATOM   408  C  CA   . GLU A 1 27 ? -9.356  -1.852  0.256   0.83 16.15 ? 27  GLU A CA   1 
ATOM   409  C  C    . GLU A 1 27 ? -8.346  -2.321  1.301   1.00 16.58 ? 27  GLU A C    1 
ATOM   410  O  O    . GLU A 1 27 ? -8.253  -1.743  2.385   0.78 14.49 ? 27  GLU A O    1 
ATOM   411  C  CB   . GLU A 1 27 ? -10.703 -1.477  0.897   0.75 15.40 ? 27  GLU A CB   1 
ATOM   412  C  CG   . GLU A 1 27 ? -11.584 -0.666  -0.057  0.84 18.49 ? 27  GLU A CG   1 
ATOM   413  C  CD   . GLU A 1 27 ? -11.068 0.744   -0.282  0.77 18.66 ? 27  GLU A CD   1 
ATOM   414  O  OE1  . GLU A 1 27 ? -10.543 1.352   0.674   0.60 17.89 ? 27  GLU A OE1  1 
ATOM   415  O  OE2  . GLU A 1 27 ? -11.194 1.255   -1.410  0.60 22.94 ? 27  GLU A OE2  1 
ATOM   416  H  H    . GLU A 1 27 ? -9.257  -2.480  -1.612  0.77 19.49 ? 27  GLU A H    1 
ATOM   417  H  HA   . GLU A 1 27 ? -8.992  -1.023  -0.120  0.83 19.38 ? 27  GLU A HA   1 
ATOM   418  H  HB2  . GLU A 1 27 ? -11.180 -2.288  1.133   0.75 18.48 ? 27  GLU A HB2  1 
ATOM   419  H  HB3  . GLU A 1 27 ? -10.541 -0.942  1.689   0.75 18.48 ? 27  GLU A HB3  1 
ATOM   420  H  HG2  . GLU A 1 27 ? -11.615 -1.114  -0.916  0.84 22.19 ? 27  GLU A HG2  1 
ATOM   421  H  HG3  . GLU A 1 27 ? -12.476 -0.601  0.317   0.84 22.19 ? 27  GLU A HG3  1 
ATOM   422  N  N    . GLU A 1 28 ? -7.596  -3.371  0.983   0.71 13.65 ? 28  GLU A N    1 
ATOM   423  C  CA   . GLU A 1 28 ? -6.470  -3.783  1.817   0.80 14.66 ? 28  GLU A CA   1 
ATOM   424  C  C    . GLU A 1 28 ? -5.253  -2.911  1.502   0.88 14.44 ? 28  GLU A C    1 
ATOM   425  O  O    . GLU A 1 28 ? -5.132  -2.369  0.398   0.86 13.78 ? 28  GLU A O    1 
ATOM   426  C  CB   . GLU A 1 28 ? -6.160  -5.271  1.594   0.77 15.77 ? 28  GLU A CB   1 
ATOM   427  C  CG   . GLU A 1 28 ? -4.935  -5.796  2.345   0.77 15.74 ? 28  GLU A CG   1 
ATOM   428  C  CD   . GLU A 1 28 ? -5.101  -5.798  3.852   0.77 17.17 ? 28  GLU A CD   1 
ATOM   429  O  OE1  . GLU A 1 28 ? -4.870  -4.734  4.477   0.74 15.63 ? 28  GLU A OE1  1 
ATOM   430  O  OE2  . GLU A 1 28 ? -5.469  -6.861  4.426   0.66 19.88 ? 28  GLU A OE2  1 
ATOM   431  H  H    . GLU A 1 28 ? -7.718  -3.864  0.290   0.71 16.39 ? 28  GLU A H    1 
ATOM   432  H  HA   . GLU A 1 28 ? -6.703  -3.655  2.761   0.80 17.59 ? 28  GLU A HA   1 
ATOM   433  H  HB2  . GLU A 1 28 ? -6.926  -5.791  1.883   0.77 18.92 ? 28  GLU A HB2  1 
ATOM   434  H  HB3  . GLU A 1 28 ? -6.007  -5.415  0.647   0.77 18.92 ? 28  GLU A HB3  1 
ATOM   435  H  HG2  . GLU A 1 28 ? -4.762  -6.709  2.064   0.77 18.89 ? 28  GLU A HG2  1 
ATOM   436  H  HG3  . GLU A 1 28 ? -4.172  -5.236  2.132   0.77 18.89 ? 28  GLU A HG3  1 
ATOM   437  N  N    . TRP A 1 29 ? -4.382  -2.750  2.497   0.87 13.56 ? 29  TRP A N    1 
ATOM   438  C  CA   . TRP A 1 29 ? -3.114  -2.054  2.328   0.88 13.18 ? 29  TRP A CA   1 
ATOM   439  C  C    . TRP A 1 29 ? -1.972  -3.046  2.139   0.89 13.31 ? 29  TRP A C    1 
ATOM   440  O  O    . TRP A 1 29 ? -1.928  -4.091  2.802   0.82 14.29 ? 29  TRP A O    1 
ATOM   441  C  CB   . TRP A 1 29 ? -2.809  -1.173  3.535   0.86 12.93 ? 29  TRP A CB   1 
ATOM   442  C  CG   . TRP A 1 29 ? -3.626  0.065   3.606   0.86 13.38 ? 29  TRP A CG   1 
ATOM   443  C  CD1  . TRP A 1 29 ? -4.859  0.212   4.170   0.77 13.71 ? 29  TRP A CD1  1 
ATOM   444  C  CD2  . TRP A 1 29 ? -3.265  1.349   3.086   0.89 12.86 ? 29  TRP A CD2  1 
ATOM   445  N  NE1  . TRP A 1 29 ? -5.288  1.508   4.031   0.73 13.58 ? 29  TRP A NE1  1 
ATOM   446  C  CE2  . TRP A 1 29 ? -4.324  2.230   3.379   0.89 14.33 ? 29  TRP A CE2  1 
ATOM   447  C  CE3  . TRP A 1 29 ? -2.148  1.842   2.413   0.89 13.44 ? 29  TRP A CE3  1 
ATOM   448  C  CZ2  . TRP A 1 29 ? -4.289  3.570   3.023   1.00 16.30 ? 29  TRP A CZ2  1 
ATOM   449  C  CZ3  . TRP A 1 29 ? -2.120  3.184   2.052   0.78 13.77 ? 29  TRP A CZ3  1 
ATOM   450  C  CH2  . TRP A 1 29 ? -3.180  4.025   2.364   0.77 14.05 ? 29  TRP A CH2  1 
ATOM   451  H  H    . TRP A 1 29 ? -4.508  -3.044  3.296   0.87 16.27 ? 29  TRP A H    1 
ATOM   452  H  HA   . TRP A 1 29 ? -3.161  -1.482  1.533   0.88 15.82 ? 29  TRP A HA   1 
ATOM   453  H  HB2  . TRP A 1 29 ? -2.975  -1.683  4.343   0.86 15.52 ? 29  TRP A HB2  1 
ATOM   454  H  HB3  . TRP A 1 29 ? -1.876  -0.908  3.500   0.86 15.52 ? 29  TRP A HB3  1 
ATOM   455  H  HD1  . TRP A 1 29 ? -5.343  -0.468  4.581   0.77 16.46 ? 29  TRP A HD1  1 
ATOM   456  H  HE1  . TRP A 1 29 ? -6.034  1.821   4.321   0.73 16.29 ? 29  TRP A HE1  1 
ATOM   457  H  HE3  . TRP A 1 29 ? -1.431  1.283   2.215   0.89 16.12 ? 29  TRP A HE3  1 
ATOM   458  H  HZ2  . TRP A 1 29 ? -5.001  4.138   3.216   1.00 19.56 ? 29  TRP A HZ2  1 
ATOM   459  H  HZ3  . TRP A 1 29 ? -1.379  3.525   1.606   0.78 16.53 ? 29  TRP A HZ3  1 
ATOM   460  H  HH2  . TRP A 1 29 ? -3.141  4.917   2.105   0.77 16.86 ? 29  TRP A HH2  1 
ATOM   461  N  N    . PHE A 1 30 ? -1.035  -2.684  1.272   0.88 12.72 ? 30  PHE A N    1 
ATOM   462  C  CA   . PHE A 1 30 ? 0.063   -3.555  0.876   0.87 12.49 ? 30  PHE A CA   1 
ATOM   463  C  C    . PHE A 1 30 ? 1.390   -2.824  1.004   0.82 12.87 ? 30  PHE A C    1 
ATOM   464  O  O    . PHE A 1 30 ? 1.506   -1.665  0.614   0.83 12.94 ? 30  PHE A O    1 
ATOM   465  C  CB   . PHE A 1 30 ? -0.144  -4.043  -0.568  0.80 14.14 ? 30  PHE A CB   1 
ATOM   466  C  CG   . PHE A 1 30 ? -1.379  -4.870  -0.724  0.88 14.57 ? 30  PHE A CG   1 
ATOM   467  C  CD1  . PHE A 1 30 ? -2.601  -4.264  -0.987  0.75 14.52 ? 30  PHE A CD1  1 
ATOM   468  C  CD2  . PHE A 1 30 ? -1.338  -6.241  -0.538  0.80 15.47 ? 30  PHE A CD2  1 
ATOM   469  C  CE1  . PHE A 1 30 ? -3.757  -5.026  -1.090  0.72 15.12 ? 30  PHE A CE1  1 
ATOM   470  C  CE2  . PHE A 1 30 ? -2.493  -6.994  -0.626  0.65 15.00 ? 30  PHE A CE2  1 
ATOM   471  C  CZ   . PHE A 1 30 ? -3.698  -6.380  -0.903  0.80 17.37 ? 30  PHE A CZ   1 
ATOM   472  H  H    . PHE A 1 30 ? -1.013  -1.914  0.888   0.87 15.26 ? 30  PHE A H    1 
ATOM   473  H  HA   . PHE A 1 30 ? 0.084   -4.337  1.466   0.87 14.99 ? 30  PHE A HA   1 
ATOM   474  H  HB2  . PHE A 1 30 ? -0.220  -3.275  -1.155  0.80 16.97 ? 30  PHE A HB2  1 
ATOM   475  H  HB3  . PHE A 1 30 ? 0.616   -4.587  -0.830  0.80 16.97 ? 30  PHE A HB3  1 
ATOM   476  H  HD1  . PHE A 1 30 ? -2.645  -3.342  -1.104  0.75 17.42 ? 30  PHE A HD1  1 
ATOM   477  H  HD2  . PHE A 1 30 ? -0.530  -6.656  -0.341  0.80 18.56 ? 30  PHE A HD2  1 
ATOM   478  H  HE1  . PHE A 1 30 ? -4.570  -4.616  -1.275  0.72 18.14 ? 30  PHE A HE1  1 
ATOM   479  H  HE2  . PHE A 1 30 ? -2.456  -7.916  -0.512  0.65 18.00 ? 30  PHE A HE2  1 
ATOM   480  H  HZ   . PHE A 1 30 ? -4.471  -6.891  -0.982  0.80 20.85 ? 30  PHE A HZ   1 
ATOM   481  N  N    . HIS A 1 31 ? 2.398   -3.507  1.531   0.82 13.58 ? 31  HIS A N    1 
ATOM   482  C  CA   . HIS A 1 31 ? 3.740   -2.961  1.490   0.94 14.66 ? 31  HIS A CA   1 
ATOM   483  C  C    . HIS A 1 31 ? 4.207   -2.957  0.036   0.87 14.17 ? 31  HIS A C    1 
ATOM   484  O  O    . HIS A 1 31 ? 4.073   -3.957  -0.671  0.81 15.35 ? 31  HIS A O    1 
ATOM   485  C  CB   . HIS A 1 31 ? 4.702   -3.799  2.324   0.89 15.21 ? 31  HIS A CB   1 
ATOM   486  C  CG   . HIS A 1 31 ? 4.262   -3.994  3.734   0.88 15.35 ? 31  HIS A CG   1 
ATOM   487  N  ND1  . HIS A 1 31 ? 3.708   -5.175  4.180   0.89 17.23 ? 31  HIS A ND1  1 
ATOM   488  C  CD2  . HIS A 1 31 ? 4.255   -3.149  4.791   0.81 14.98 ? 31  HIS A CD2  1 
ATOM   489  C  CE1  . HIS A 1 31 ? 3.400   -5.053  5.459   0.75 15.55 ? 31  HIS A CE1  1 
ATOM   490  N  NE2  . HIS A 1 31 ? 3.730   -3.835  5.855   0.80 15.80 ? 31  HIS A NE2  1 
ATOM   491  H  H    . HIS A 1 31 ? 2.331   -4.276  1.912   0.82 16.30 ? 31  HIS A H    1 
ATOM   492  H  HA   . HIS A 1 31 ? 3.740   -2.041  1.829   0.94 17.60 ? 31  HIS A HA   1 
ATOM   493  H  HB2  . HIS A 1 31 ? 4.788   -4.675  1.916   0.89 18.26 ? 31  HIS A HB2  1 
ATOM   494  H  HB3  . HIS A 1 31 ? 5.567   -3.358  2.342   0.89 18.26 ? 31  HIS A HB3  1 
ATOM   495  H  HD2  . HIS A 1 31 ? 4.569   -2.273  4.801   0.81 17.97 ? 31  HIS A HD2  1 
ATOM   496  H  HE1  . HIS A 1 31 ? 3.021   -5.713  5.992   0.75 18.67 ? 31  HIS A HE1  1 
ATOM   497  H  HE2  . HIS A 1 31 ? 3.620   -3.520  6.647   0.75 18.96 ? 31  HIS A HE2  1 
ATOM   498  N  N    . GLY A 1 32 ? 4.737   -1.831  -0.420  0.80 14.82 ? 32  GLY A N    1 
ATOM   499  C  CA   . GLY A 1 32 ? 5.220   -1.748  -1.789  0.84 14.83 ? 32  GLY A CA   1 
ATOM   500  C  C    . GLY A 1 32 ? 6.159   -2.880  -2.175  0.78 16.98 ? 32  GLY A C    1 
ATOM   501  O  O    . GLY A 1 32 ? 6.072   -3.416  -3.280  0.73 16.27 ? 32  GLY A O    1 
ATOM   502  H  H    . GLY A 1 32 ? 4.827   -1.107  0.037   0.80 17.79 ? 32  GLY A H    1 
ATOM   503  H  HA2  . GLY A 1 32 ? 4.464   -1.760  -2.395  0.84 17.80 ? 32  GLY A HA2  1 
ATOM   504  H  HA3  . GLY A 1 32 ? 5.693   -0.909  -1.909  0.84 17.80 ? 32  GLY A HA3  1 
ATOM   505  N  N    . ASP A 1 33 ? 7.077   -3.243  -1.289  0.80 15.69 ? 33  ASP A N    1 
ATOM   506  C  CA   . ASP A 1 33 ? 8.066   -4.265  -1.625  0.88 17.98 ? 33  ASP A CA   1 
ATOM   507  C  C    . ASP A 1 33 ? 7.503   -5.698  -1.635  0.57 19.60 ? 33  ASP A C    1 
ATOM   508  O  O    . ASP A 1 33 ? 8.065   -6.594  -2.268  0.62 24.86 ? 33  ASP A O    1 
ATOM   509  C  CB   . ASP A 1 33 ? 9.354   -4.128  -0.778  0.66 20.12 ? 33  ASP A CB   1 
ATOM   510  C  CG   . ASP A 1 33 ? 9.121   -4.177  0.723   0.74 22.94 ? 33  ASP A CG   1 
ATOM   511  O  OD1  . ASP A 1 33 ? 7.973   -4.287  1.183   0.72 19.81 ? 33  ASP A OD1  1 
ATOM   512  O  OD2  . ASP A 1 33 ? 10.134  -4.089  1.463   0.60 25.36 ? 33  ASP A OD2  1 
ATOM   513  H  H    . ASP A 1 33 ? 7.151   -2.920  -0.495  0.78 18.83 ? 33  ASP A H    1 
ATOM   514  H  HA   . ASP A 1 33 ? 8.342   -4.089  -2.548  0.88 21.57 ? 33  ASP A HA   1 
ATOM   515  H  HB2  . ASP A 1 33 ? 9.956   -4.853  -1.007  0.66 24.14 ? 33  ASP A HB2  1 
ATOM   516  H  HB3  . ASP A 1 33 ? 9.772   -3.278  -0.985  0.66 24.14 ? 33  ASP A HB3  1 
ATOM   517  N  N    . CYS A 1 34 ? 6.368   -5.897  -0.992  0.87 17.90 ? 34  CYS A N    1 
ATOM   518  C  CA   . CYS A 1 34 ? 5.625   -7.151  -1.115  0.92 21.75 ? 34  CYS A CA   1 
ATOM   519  C  C    . CYS A 1 34 ? 4.919   -7.340  -2.458  0.74 20.72 ? 34  CYS A C    1 
ATOM   520  O  O    . CYS A 1 34 ? 4.792   -8.470  -2.940  0.59 20.49 ? 34  CYS A O    1 
ATOM   521  C  CB   . CYS A 1 34 ? 4.582   -7.233  -0.014  0.79 18.23 ? 34  CYS A CB   1 
ATOM   522  S  SG   . CYS A 1 34 ? 5.313   -7.493  1.624   0.71 19.23 ? 34  CYS A SG   1 
ATOM   523  H  H    . CYS A 1 34 ? 5.997   -5.320  -0.473  0.57 21.48 ? 34  CYS A H    1 
ATOM   524  H  HA   . CYS A 1 34 ? 6.247   -7.898  -0.996  0.92 26.10 ? 34  CYS A HA   1 
ATOM   525  H  HB2  . CYS A 1 34 ? 4.080   -6.404  0.009   0.79 21.88 ? 34  CYS A HB2  1 
ATOM   526  H  HB3  . CYS A 1 34 ? 3.986   -7.976  -0.198  0.79 21.88 ? 34  CYS A HB3  1 
ATOM   527  N  N    . VAL A 1 35 ? 4.454   -6.249  -3.060  0.80 18.25 ? 35  VAL A N    1 
ATOM   528  C  CA   . VAL A 1 35 ? 3.628   -6.357  -4.262  0.84 18.46 ? 35  VAL A CA   1 
ATOM   529  C  C    . VAL A 1 35 ? 4.263   -5.825  -5.548  0.83 17.86 ? 35  VAL A C    1 
ATOM   530  O  O    . VAL A 1 35 ? 3.686   -5.970  -6.632  0.62 19.57 ? 35  VAL A O    1 
ATOM   531  C  CB   . VAL A 1 35 ? 2.246   -5.686  -4.063  0.82 18.39 ? 35  VAL A CB   1 
ATOM   532  C  CG1  . VAL A 1 35 ? 1.476   -6.405  -2.986  0.72 19.51 ? 35  VAL A CG1  1 
ATOM   533  C  CG2  . VAL A 1 35 ? 2.380   -4.213  -3.736  0.82 17.54 ? 35  VAL A CG2  1 
ATOM   534  H  H    . VAL A 1 35 ? 4.600   -5.443  -2.797  0.74 21.90 ? 35  VAL A H    1 
ATOM   535  H  HA   . VAL A 1 35 ? 3.456   -7.311  -4.412  0.84 22.16 ? 35  VAL A HA   1 
ATOM   536  H  HB   . VAL A 1 35 ? 1.736   -5.763  -4.897  0.82 22.07 ? 35  VAL A HB   1 
ATOM   537  H  HG11 . VAL A 1 35 ? 0.624   -5.979  -2.875  0.72 23.41 ? 35  VAL A HG11 1 
ATOM   538  H  HG12 . VAL A 1 35 ? 1.353   -7.320  -3.248  0.72 23.41 ? 35  VAL A HG12 1 
ATOM   539  H  HG13 . VAL A 1 35 ? 1.973   -6.363  -2.166  0.72 23.41 ? 35  VAL A HG13 1 
ATOM   540  H  HG21 . VAL A 1 35 ? 1.505   -3.838  -3.621  0.82 21.04 ? 35  VAL A HG21 1 
ATOM   541  H  HG22 . VAL A 1 35 ? 2.886   -4.119  -2.925  0.82 21.04 ? 35  VAL A HG22 1 
ATOM   542  H  HG23 . VAL A 1 35 ? 2.834   -3.773  -4.458  0.82 21.04 ? 35  VAL A HG23 1 
ATOM   543  N  N    . GLY A 1 36 ? 5.437   -5.201  -5.441  0.88 24.33 ? 36  GLY A N    1 
ATOM   544  C  CA   . GLY A 1 36 ? 6.191   -4.797  -6.615  0.76 21.97 ? 36  GLY A CA   1 
ATOM   545  C  C    . GLY A 1 36 ? 6.059   -3.337  -6.999  0.73 21.13 ? 36  GLY A C    1 
ATOM   546  O  O    . GLY A 1 36 ? 6.355   -2.976  -8.131  0.58 23.90 ? 36  GLY A O    1 
ATOM   547  H  H    . GLY A 1 36 ? 5.816   -5.003  -4.695  0.76 29.20 ? 36  GLY A H    1 
ATOM   548  H  HA2  . GLY A 1 36 ? 7.131   -4.980  -6.463  0.76 26.36 ? 36  GLY A HA2  1 
ATOM   549  H  HA3  . GLY A 1 36 ? 5.901   -5.332  -7.372  0.76 26.36 ? 36  GLY A HA3  1 
ATOM   550  N  N    . ILE A 1 37 ? 5.635   -2.495  -6.062  0.82 18.84 ? 37  ILE A N    1 
ATOM   551  C  CA   . ILE A 1 37 ? 5.485   -1.071  -6.330  0.85 18.54 ? 37  ILE A CA   1 
ATOM   552  C  C    . ILE A 1 37 ? 6.635   -0.343  -5.635  0.87 16.14 ? 37  ILE A C    1 
ATOM   553  O  O    . ILE A 1 37 ? 6.763   -0.405  -4.414  0.76 16.28 ? 37  ILE A O    1 
ATOM   554  C  CB   . ILE A 1 37 ? 4.133   -0.531  -5.799  0.90 19.16 ? 37  ILE A CB   1 
ATOM   555  C  CG1  . ILE A 1 37 ? 2.947   -1.200  -6.504  0.65 19.39 ? 37  ILE A CG1  1 
ATOM   556  C  CG2  . ILE A 1 37 ? 4.049   1.000   -5.932  0.71 16.12 ? 37  ILE A CG2  1 
ATOM   557  C  CD1  . ILE A 1 37 ? 2.766   -0.809  -7.947  0.56 16.83 ? 37  ILE A CD1  1 
ATOM   558  H  H    . ILE A 1 37 ? 5.428   -2.726  -5.260  0.73 22.60 ? 37  ILE A H    1 
ATOM   559  H  HA   . ILE A 1 37 ? 5.538   -0.904  -7.294  0.85 22.25 ? 37  ILE A HA   1 
ATOM   560  H  HB   . ILE A 1 37 ? 4.077   -0.749  -4.856  0.90 23.00 ? 37  ILE A HB   1 
ATOM   561  H  HG12 . ILE A 1 37 ? 3.073   -2.161  -6.474  0.65 23.27 ? 37  ILE A HG12 1 
ATOM   562  H  HG13 . ILE A 1 37 ? 2.134   -0.963  -6.032  0.65 23.27 ? 37  ILE A HG13 1 
ATOM   563  H  HG21 . ILE A 1 37 ? 3.200   1.297   -5.595  0.71 19.34 ? 37  ILE A HG21 1 
ATOM   564  H  HG22 . ILE A 1 37 ? 4.761   1.396   -5.425  0.71 19.34 ? 37  ILE A HG22 1 
ATOM   565  H  HG23 . ILE A 1 37 ? 4.134   1.236   -6.859  0.71 19.34 ? 37  ILE A HG23 1 
ATOM   566  H  HD11 . ILE A 1 37 ? 2.006   -1.274  -8.303  0.56 20.19 ? 37  ILE A HD11 1 
ATOM   567  H  HD12 . ILE A 1 37 ? 2.624   0.139   -7.998  0.56 20.19 ? 37  ILE A HD12 1 
ATOM   568  H  HD13 . ILE A 1 37 ? 3.556   -1.049  -8.437  0.56 20.19 ? 37  ILE A HD13 1 
ATOM   569  N  N    . SER A 1 38 ? 7.472   0.340   -6.414  0.83 15.36 ? 38  SER A N    1 
ATOM   570  C  CA   . SER A 1 38 ? 8.524   1.180   -5.847  0.84 14.65 ? 38  SER A CA   1 
ATOM   571  C  C    . SER A 1 38 ? 7.954   2.433   -5.192  0.90 15.49 ? 38  SER A C    1 
ATOM   572  O  O    . SER A 1 38 ? 6.845   2.866   -5.518  0.82 14.69 ? 38  SER A O    1 
ATOM   573  C  CB   . SER A 1 38 ? 9.509   1.606   -6.927  0.74 14.42 ? 38  SER A CB   1 
ATOM   574  O  OG   . SER A 1 38 ? 8.884   2.503   -7.823  0.77 15.45 ? 38  SER A OG   1 
ATOM   575  H  H    . SER A 1 38 ? 7.450   0.334   -7.274  0.83 18.44 ? 38  SER A H    1 
ATOM   576  H  HA   . SER A 1 38 ? 9.013   0.672   -5.167  0.84 17.58 ? 38  SER A HA   1 
ATOM   577  H  HB2  . SER A 1 38 ? 10.267  2.046   -6.512  0.74 17.31 ? 38  SER A HB2  1 
ATOM   578  H  HB3  . SER A 1 38 ? 9.804   0.821   -7.416  0.74 17.31 ? 38  SER A HB3  1 
ATOM   579  H  HG   . SER A 1 38 ? 9.414   2.733   -8.405  0.77 18.54 ? 38  SER A HG   1 
ATOM   580  N  N    . GLU A 1 39 ? 8.735   3.050   -4.308  0.77 15.26 ? 39  GLU A N    1 
ATOM   581  C  CA   . GLU A 1 39 ? 8.337   4.330   -3.737  0.81 17.07 ? 39  GLU A CA   1 
ATOM   582  C  C    . GLU A 1 39 ? 8.062   5.355   -4.831  0.94 16.76 ? 39  GLU A C    1 
ATOM   583  O  O    . GLU A 1 39 ? 7.097   6.121   -4.745  0.77 17.68 ? 39  GLU A O    1 
ATOM   584  C  CB   . GLU A 1 39 ? 9.427   4.875   -2.821  0.72 18.53 ? 39  GLU A CB   1 
ATOM   585  C  CG   . GLU A 1 39 ? 9.573   4.125   -1.544  0.70 20.74 ? 39  GLU A CG   1 
ATOM   586  C  CD   . GLU A 1 39 ? 10.363  4.908   -0.514  0.60 27.17 ? 39  GLU A CD   1 
ATOM   587  O  OE1  . GLU A 1 39 ? 10.782  4.296   0.476   0.49 27.19 ? 39  GLU A OE1  1 
ATOM   588  O  OE2  . GLU A 1 39 ? 10.557  6.135   -0.689  0.44 26.49 ? 39  GLU A OE2  1 
ATOM   589  H  H    . GLU A 1 39 ? 9.490   2.751   -4.026  0.77 18.32 ? 39  GLU A H    1 
ATOM   590  H  HA   . GLU A 1 39 ? 7.519   4.212   -3.210  0.81 20.48 ? 39  GLU A HA   1 
ATOM   591  H  HB2  . GLU A 1 39 ? 10.277  4.833   -3.288  0.72 22.24 ? 39  GLU A HB2  1 
ATOM   592  H  HB3  . GLU A 1 39 ? 9.219   5.797   -2.601  0.72 22.24 ? 39  GLU A HB3  1 
ATOM   593  H  HG2  . GLU A 1 39 ? 8.692   3.947   -1.178  0.70 24.88 ? 39  GLU A HG2  1 
ATOM   594  H  HG3  . GLU A 1 39 ? 10.040  3.293   -1.714  0.70 24.88 ? 39  GLU A HG3  1 
ATOM   595  N  N    . ALA A 1 40 ? 8.907   5.367   -5.858  0.80 16.04 ? 40  ALA A N    1 
ATOM   596  C  CA   . ALA A 1 40 ? 8.763   6.327   -6.936  0.88 17.67 ? 40  ALA A CA   1 
ATOM   597  C  C    . ALA A 1 40 ? 7.447   6.130   -7.668  0.89 19.26 ? 40  ALA A C    1 
ATOM   598  O  O    . ALA A 1 40 ? 6.750   7.095   -7.992  0.72 17.80 ? 40  ALA A O    1 
ATOM   599  C  CB   . ALA A 1 40 ? 9.938   6.224   -7.909  0.68 16.82 ? 40  ALA A CB   1 
ATOM   600  H  H    . ALA A 1 40 ? 9.570   4.827   -5.952  0.80 19.24 ? 40  ALA A H    1 
ATOM   601  H  HA   . ALA A 1 40 ? 8.765   7.232   -6.557  0.88 21.21 ? 40  ALA A HA   1 
ATOM   602  H  HB1  . ALA A 1 40 ? 9.819   6.868   -8.611  0.68 20.19 ? 40  ALA A HB1  1 
ATOM   603  H  HB2  . ALA A 1 40 ? 10.754  6.402   -7.435  0.68 20.19 ? 40  ALA A HB2  1 
ATOM   604  H  HB3  . ALA A 1 40 ? 9.960   5.338   -8.278  0.68 20.19 ? 40  ALA A HB3  1 
ATOM   605  N  N    . ARG A 1 41 ? 7.103   4.881   -7.960  0.91 17.26 ? 41  ARG A N    1 
ATOM   606  C  CA   . ARG A 1 41 ? 5.809   4.621   -8.572  0.73 16.28 ? 41  ARG A CA   1 
ATOM   607  C  C    . ARG A 1 41 ? 4.672   5.038   -7.639  1.00 19.01 ? 41  ARG A C    1 
ATOM   608  O  O    . ARG A 1 41 ? 3.668   5.609   -8.074  0.79 17.63 ? 41  ARG A O    1 
ATOM   609  C  CB   . ARG A 1 41 ? 5.676   3.156   -8.990  0.90 18.26 ? 41  ARG A CB   1 
ATOM   610  C  CG   . ARG A 1 41 ? 4.329   2.853   -9.603  0.61 17.98 ? 41  ARG A CG   1 
ATOM   611  C  CD   . ARG A 1 41 ? 4.399   1.935   -10.790 0.77 18.96 ? 41  ARG A CD   1 
ATOM   612  N  NE   . ARG A 1 41 ? 3.067   1.583   -11.267 0.80 23.34 ? 41  ARG A NE   1 
ATOM   613  C  CZ   . ARG A 1 41 ? 2.336   2.307   -12.113 0.80 24.86 ? 41  ARG A CZ   1 
ATOM   614  N  NH1  . ARG A 1 41 ? 2.783   3.460   -12.585 0.76 26.73 ? 41  ARG A NH1  1 
ATOM   615  N  NH2  . ARG A 1 41 ? 1.124   1.887   -12.454 0.50 24.67 ? 41  ARG A NH2  1 
ATOM   616  H  H    . ARG A 1 41 ? 7.586   4.184   -7.816  0.73 20.71 ? 41  ARG A H    1 
ATOM   617  H  HA   . ARG A 1 41 ? 5.737   5.165   -9.384  0.73 19.54 ? 41  ARG A HA   1 
ATOM   618  H  HB2  . ARG A 1 41 ? 6.360   2.950   -9.646  0.90 21.91 ? 41  ARG A HB2  1 
ATOM   619  H  HB3  . ARG A 1 41 ? 5.785   2.593   -8.207  0.90 21.91 ? 41  ARG A HB3  1 
ATOM   620  H  HG2  . ARG A 1 41 ? 3.768   2.431   -8.934  0.61 21.57 ? 41  ARG A HG2  1 
ATOM   621  H  HG3  . ARG A 1 41 ? 3.925   3.685   -9.895  0.61 21.57 ? 41  ARG A HG3  1 
ATOM   622  H  HD2  . ARG A 1 41 ? 4.874   2.378   -11.511 0.77 22.75 ? 41  ARG A HD2  1 
ATOM   623  H  HD3  . ARG A 1 41 ? 4.857   1.119   -10.537 0.77 22.75 ? 41  ARG A HD3  1 
ATOM   624  H  HE   . ARG A 1 41 ? 2.726   0.848   -10.981 0.77 28.01 ? 41  ARG A HE   1 
ATOM   625  H  HH11 . ARG A 1 41 ? 3.565   3.743   -12.361 0.76 32.08 ? 41  ARG A HH11 1 
ATOM   626  H  HH12 . ARG A 1 41 ? 2.299   3.920   -13.127 0.76 32.08 ? 41  ARG A HH12 1 
ATOM   627  H  HH21 . ARG A 1 41 ? 0.826   1.140   -12.149 0.50 29.61 ? 41  ARG A HH21 1 
ATOM   628  H  HH22 . ARG A 1 41 ? 0.646   2.349   -13.000 0.50 29.61 ? 41  ARG A HH22 1 
ATOM   629  N  N    . GLY A 1 42 ? 4.826   4.774   -6.346  0.93 17.12 ? 42  GLY A N    1 
ATOM   630  C  CA   . GLY A 1 42 ? 3.826   5.192   -5.386  0.82 17.63 ? 42  GLY A CA   1 
ATOM   631  C  C    . GLY A 1 42 ? 3.614   6.695   -5.429  0.87 18.67 ? 42  GLY A C    1 
ATOM   632  O  O    . GLY A 1 42 ? 2.473   7.172   -5.364  0.70 19.40 ? 42  GLY A O    1 
ATOM   633  H  H    . GLY A 1 42 ? 5.496   4.356   -6.006  0.82 20.54 ? 42  GLY A H    1 
ATOM   634  H  HA2  . GLY A 1 42 ? 2.982   4.754   -5.579  0.82 21.16 ? 42  GLY A HA2  1 
ATOM   635  H  HA3  . GLY A 1 42 ? 4.107   4.944   -4.491  0.82 21.16 ? 42  GLY A HA3  1 
ATOM   636  N  N    . ARG A 1 43 ? 4.706   7.449   -5.515  0.84 18.43 ? 43  ARG A N    1 
ATOM   637  C  CA   . ARG A 1 43 ? 4.600   8.904   -5.537  0.78 21.24 ? 43  ARG A CA   1 
ATOM   638  C  C    . ARG A 1 43 ? 3.829   9.341   -6.774  0.71 22.00 ? 43  ARG A C    1 
ATOM   639  O  O    . ARG A 1 43 ? 3.001   10.245  -6.711  0.86 23.60 ? 43  ARG A O    1 
ATOM   640  C  CB   . ARG A 1 43 ? 5.974   9.578   -5.511  0.77 22.97 ? 43  ARG A CB   1 
ATOM   641  C  CG   . ARG A 1 43 ? 6.666   9.508   -4.154  0.62 24.90 ? 43  ARG A CG   1 
ATOM   642  C  CD   . ARG A 1 43 ? 7.892   10.411  -4.082  0.59 24.81 ? 43  ARG A CD   1 
ATOM   643  N  NE   . ARG A 1 43 ? 9.009   9.921   -4.893  0.55 26.10 ? 43  ARG A NE   1 
ATOM   644  C  CZ   . ARG A 1 43 ? 9.913   9.043   -4.467  0.80 31.20 ? 43  ARG A CZ   1 
ATOM   645  N  NH1  . ARG A 1 43 ? 9.831   8.542   -3.247  0.61 32.59 ? 43  ARG A NH1  1 
ATOM   646  N  NH2  . ARG A 1 43 ? 10.895  8.654   -5.268  0.54 32.62 ? 43  ARG A NH2  1 
ATOM   647  H  H    . ARG A 1 43 ? 5.510   7.147   -5.561  0.78 22.12 ? 43  ARG A H    1 
ATOM   648  H  HA   . ARG A 1 43 ? 4.101   9.200   -4.747  0.78 25.49 ? 43  ARG A HA   1 
ATOM   649  H  HB2  . ARG A 1 43 ? 6.549   9.143   -6.159  0.77 27.57 ? 43  ARG A HB2  1 
ATOM   650  H  HB3  . ARG A 1 43 ? 5.867   10.514  -5.742  0.77 27.57 ? 43  ARG A HB3  1 
ATOM   651  H  HG2  . ARG A 1 43 ? 6.043   9.790   -3.465  0.62 29.88 ? 43  ARG A HG2  1 
ATOM   652  H  HG3  . ARG A 1 43 ? 6.953   8.596   -3.991  0.62 29.88 ? 43  ARG A HG3  1 
ATOM   653  H  HD2  . ARG A 1 43 ? 7.653   11.294  -4.404  0.59 29.78 ? 43  ARG A HD2  1 
ATOM   654  H  HD3  . ARG A 1 43 ? 8.192   10.464  -3.161  0.59 29.78 ? 43  ARG A HD3  1 
ATOM   655  H  HE   . ARG A 1 43 ? 9.084   10.221  -5.695  0.55 31.32 ? 43  ARG A HE   1 
ATOM   656  H  HH11 . ARG A 1 43 ? 9.197   8.789   -2.723  0.61 39.11 ? 43  ARG A HH11 1 
ATOM   657  H  HH12 . ARG A 1 43 ? 10.416  7.973   -2.976  0.61 39.11 ? 43  ARG A HH12 1 
ATOM   658  H  HH21 . ARG A 1 43 ? 10.952  8.973   -6.064  0.54 39.14 ? 43  ARG A HH21 1 
ATOM   659  H  HH22 . ARG A 1 43 ? 11.475  8.083   -4.990  0.54 39.14 ? 43  ARG A HH22 1 
ATOM   660  N  N    . LEU A 1 44 ? 4.104   8.693   -7.901  0.84 20.00 ? 44  LEU A N    1 
ATOM   661  C  CA   . LEU A 1 44 ? 3.430   9.039   -9.151  0.81 20.47 ? 44  LEU A CA   1 
ATOM   662  C  C    . LEU A 1 44 ? 1.944   8.668   -9.084  0.83 21.83 ? 44  LEU A C    1 
ATOM   663  O  O    . LEU A 1 44 ? 1.079   9.420   -9.541  0.77 23.59 ? 44  LEU A O    1 
ATOM   664  C  CB   . LEU A 1 44 ? 4.115   8.360   -10.337 0.84 21.96 ? 44  LEU A CB   1 
ATOM   665  C  CG   . LEU A 1 44 ? 5.542   8.871   -10.587 0.55 19.16 ? 44  LEU A CG   1 
ATOM   666  C  CD1  . LEU A 1 44 ? 6.186   8.064   -11.691 0.53 21.63 ? 44  LEU A CD1  1 
ATOM   667  C  CD2  . LEU A 1 44 ? 5.578   10.364  -10.909 0.42 22.50 ? 44  LEU A CD2  1 
ATOM   668  H  H    . LEU A 1 44 ? 4.674   8.052   -7.971  0.71 24.00 ? 44  LEU A H    1 
ATOM   669  H  HA   . LEU A 1 44 ? 3.492   10.008  -9.284  0.81 24.56 ? 44  LEU A HA   1 
ATOM   670  H  HB2  . LEU A 1 44 ? 4.166   7.406   -10.166 0.84 26.35 ? 44  LEU A HB2  1 
ATOM   671  H  HB3  . LEU A 1 44 ? 3.594   8.525   -11.137 0.84 26.35 ? 44  LEU A HB3  1 
ATOM   672  H  HG   . LEU A 1 44 ? 6.065   8.733   -9.781  0.55 23.00 ? 44  LEU A HG   1 
ATOM   673  H  HD11 . LEU A 1 44 ? 7.076   8.392   -11.838 0.53 25.95 ? 44  LEU A HD11 1 
ATOM   674  H  HD12 . LEU A 1 44 ? 6.216   7.141   -11.426 0.53 25.95 ? 44  LEU A HD12 1 
ATOM   675  H  HD13 . LEU A 1 44 ? 5.664   8.159   -12.491 0.53 25.95 ? 44  LEU A HD13 1 
ATOM   676  H  HD21 . LEU A 1 44 ? 6.489   10.629  -11.056 0.42 27.00 ? 44  LEU A HD21 1 
ATOM   677  H  HD22 . LEU A 1 44 ? 5.059   10.526  -11.700 0.42 27.00 ? 44  LEU A HD22 1 
ATOM   678  H  HD23 . LEU A 1 44 ? 5.210   10.852  -10.169 0.42 27.00 ? 44  LEU A HD23 1 
ATOM   679  N  N    . LEU A 1 45 ? 1.630   7.518   -8.502  0.88 22.47 ? 45  LEU A N    1 
ATOM   680  C  CA   . LEU A 1 45 ? 0.234   7.072   -8.462  0.86 22.61 ? 45  LEU A CA   1 
ATOM   681  C  C    . LEU A 1 45 ? -0.583  7.921   -7.527  0.82 23.57 ? 45  LEU A C    1 
ATOM   682  O  O    . LEU A 1 45 ? -1.773  8.163   -7.757  0.77 25.02 ? 45  LEU A O    1 
ATOM   683  C  CB   . LEU A 1 45 ? 0.132   5.616   -8.039  0.74 20.96 ? 45  LEU A CB   1 
ATOM   684  C  CG   . LEU A 1 45 ? 0.583   4.613   -9.099  0.81 20.76 ? 45  LEU A CG   1 
ATOM   685  C  CD1  . LEU A 1 45 ? 0.615   3.232   -8.498  0.75 18.37 ? 45  LEU A CD1  1 
ATOM   686  C  CD2  . LEU A 1 45 ? -0.325  4.648   -10.310 0.63 23.16 ? 45  LEU A CD2  1 
ATOM   687  H  H    . LEU A 1 45 ? 2.190   6.983   -8.128  0.83 26.96 ? 45  LEU A H    1 
ATOM   688  H  HA   . LEU A 1 45 ? -0.151  7.154   -9.359  0.86 27.13 ? 45  LEU A HA   1 
ATOM   689  H  HB2  . LEU A 1 45 ? 0.685   5.482   -7.253  0.74 25.15 ? 45  LEU A HB2  1 
ATOM   690  H  HB3  . LEU A 1 45 ? -0.794  5.419   -7.823  0.74 25.15 ? 45  LEU A HB3  1 
ATOM   691  H  HG   . LEU A 1 45 ? 1.481   4.838   -9.387  0.81 24.91 ? 45  LEU A HG   1 
ATOM   692  H  HD11 . LEU A 1 45 ? 0.900   2.606   -9.169  0.75 22.05 ? 45  LEU A HD11 1 
ATOM   693  H  HD12 . LEU A 1 45 ? 1.232   3.226   -7.762  0.75 22.05 ? 45  LEU A HD12 1 
ATOM   694  H  HD13 . LEU A 1 45 ? -0.265  3.004   -8.190  0.75 22.05 ? 45  LEU A HD13 1 
ATOM   695  H  HD21 . LEU A 1 45 ? -0.012  4.008   -10.952 0.63 27.79 ? 45  LEU A HD21 1 
ATOM   696  H  HD22 . LEU A 1 45 ? -1.219  4.429   -10.036 0.63 27.79 ? 45  LEU A HD22 1 
ATOM   697  H  HD23 . LEU A 1 45 ? -0.305  5.529   -10.689 0.63 27.79 ? 45  LEU A HD23 1 
ATOM   698  N  N    . GLU A 1 46 ? 0.048   8.380   -6.459  0.82 22.59 ? 46  GLU A N    1 
ATOM   699  C  CA   . GLU A 1 46 ? -0.666  9.223   -5.519  0.77 22.82 ? 46  GLU A CA   1 
ATOM   700  C  C    . GLU A 1 46 ? -0.986  10.568  -6.162  0.92 25.00 ? 46  GLU A C    1 
ATOM   701  O  O    . GLU A 1 46 ? -2.065  11.133  -5.966  0.89 29.87 ? 46  GLU A O    1 
ATOM   702  C  CB   . GLU A 1 46 ? 0.158   9.454   -4.265  0.92 24.92 ? 46  GLU A CB   1 
ATOM   703  C  CG   . GLU A 1 46 ? -0.600  10.252  -3.231  0.80 27.53 ? 46  GLU A CG   1 
ATOM   704  C  CD   . GLU A 1 46 ? 0.279   10.689  -2.087  0.48 30.83 ? 46  GLU A CD   1 
ATOM   705  O  OE1  . GLU A 1 46 ? 1.497   10.871  -2.302  0.36 34.00 ? 46  GLU A OE1  1 
ATOM   706  O  OE2  . GLU A 1 46 ? -0.246  10.849  -0.972  0.43 29.64 ? 46  GLU A OE2  1 
ATOM   707  H  H    . GLU A 1 46 ? 0.869   8.223   -6.258  0.77 27.11 ? 46  GLU A H    1 
ATOM   708  H  HA   . GLU A 1 46 ? -1.507  8.790   -5.264  0.77 27.39 ? 46  GLU A HA   1 
ATOM   709  H  HB2  . GLU A 1 46 ? 0.393   8.598   -3.875  0.92 29.91 ? 46  GLU A HB2  1 
ATOM   710  H  HB3  . GLU A 1 46 ? 0.961   9.946   -4.497  0.92 29.91 ? 46  GLU A HB3  1 
ATOM   711  H  HG2  . GLU A 1 46 ? -0.968  11.046  -3.649  0.80 33.04 ? 46  GLU A HG2  1 
ATOM   712  H  HG3  . GLU A 1 46 ? -1.315  9.705   -2.869  0.80 33.04 ? 46  GLU A HG3  1 
ATOM   713  N  N    . ARG A 1 47 ? -0.037  11.088  -6.924  0.82 23.65 ? 47  ARG A N    1 
ATOM   714  C  CA   . ARG A 1 47 ? -0.202  12.402  -7.542  0.89 25.45 ? 47  ARG A CA   1 
ATOM   715  C  C    . ARG A 1 47 ? -1.143  12.357  -8.745  0.74 24.01 ? 47  ARG A C    1 
ATOM   716  O  O    . ARG A 1 47 ? -1.886  13.309  -8.991  0.71 26.25 ? 47  ARG A O    1 
ATOM   717  C  CB   . ARG A 1 47 ? 1.153   12.973  -7.950  1.00 26.61 ? 47  ARG A CB   1 
ATOM   718  C  CG   . ARG A 1 47 ? 1.070   14.276  -8.712  0.49 29.41 ? 47  ARG A CG   1 
ATOM   719  C  CD   . ARG A 1 47 ? 0.285   15.359  -7.987  0.36 31.57 ? 47  ARG A CD   1 
ATOM   720  N  NE   . ARG A 1 47 ? 0.072   16.478  -8.898  0.36 32.76 ? 47  ARG A NE   1 
ATOM   721  C  CZ   . ARG A 1 47 ? -1.022  16.658  -9.634  0.41 33.24 ? 47  ARG A CZ   1 
ATOM   722  N  NH1  . ARG A 1 47 ? -2.046  15.817  -9.551  0.61 29.02 ? 47  ARG A NH1  1 
ATOM   723  N  NH2  . ARG A 1 47 ? -1.102  17.705  -10.444 0.42 36.46 ? 47  ARG A NH2  1 
ATOM   724  H  H    . ARG A 1 47 ? 0.712   10.705  -7.102  0.82 28.38 ? 47  ARG A H    1 
ATOM   725  H  HA   . ARG A 1 47 ? -0.594  13.010  -6.882  0.89 30.54 ? 47  ARG A HA   1 
ATOM   726  H  HB2  . ARG A 1 47 ? 1.677   13.132  -7.150  1.00 31.93 ? 47  ARG A HB2  1 
ATOM   727  H  HB3  . ARG A 1 47 ? 1.605   12.329  -8.516  1.00 31.93 ? 47  ARG A HB3  1 
ATOM   728  H  HG2  . ARG A 1 47 ? 1.969   14.609  -8.861  0.49 35.30 ? 47  ARG A HG2  1 
ATOM   729  H  HG3  . ARG A 1 47 ? 0.633   14.113  -9.563  0.49 35.30 ? 47  ARG A HG3  1 
ATOM   730  H  HD2  . ARG A 1 47 ? -0.578  15.011  -7.712  0.36 37.89 ? 47  ARG A HD2  1 
ATOM   731  H  HD3  . ARG A 1 47 ? 0.789   15.672  -7.220  0.36 37.89 ? 47  ARG A HD3  1 
ATOM   732  H  HE   . ARG A 1 47 ? 0.699   17.062  -8.965  0.36 39.31 ? 47  ARG A HE   1 
ATOM   733  H  HH11 . ARG A 1 47 ? -2.000  15.134  -9.030  0.41 34.82 ? 47  ARG A HH11 1 
ATOM   734  H  HH12 . ARG A 1 47 ? -2.750  15.947  -10.027 0.41 34.82 ? 47  ARG A HH12 1 
ATOM   735  H  HH21 . ARG A 1 47 ? -0.446  18.258  -10.497 0.41 43.75 ? 47  ARG A HH21 1 
ATOM   736  H  HH22 . ARG A 1 47 ? -1.813  17.833  -10.912 0.41 43.75 ? 47  ARG A HH22 1 
ATOM   737  N  N    . ASN A 1 48 ? -1.123  11.264  -9.500  0.78 21.87 ? 48  ASN A N    1 
ATOM   738  C  CA   . ASN A 1 48 ? -1.933  11.208  -10.717 0.71 21.91 ? 48  ASN A CA   1 
ATOM   739  C  C    . ASN A 1 48 ? -3.337  10.664  -10.497 0.81 23.36 ? 48  ASN A C    1 
ATOM   740  O  O    . ASN A 1 48 ? -4.168  10.673  -11.410 0.78 25.33 ? 48  ASN A O    1 
ATOM   741  C  CB   . ASN A 1 48 ? -1.216  10.467  -11.840 0.55 21.74 ? 48  ASN A CB   1 
ATOM   742  C  CG   . ASN A 1 48 ? -1.076  8.997   -11.594 0.60 22.04 ? 48  ASN A CG   1 
ATOM   743  O  OD1  . ASN A 1 48 ? -1.761  8.415   -10.752 0.53 19.84 ? 48  ASN A OD1  1 
ATOM   744  N  ND2  . ASN A 1 48 ? -0.167  8.373   -12.341 0.35 21.80 ? 48  ASN A ND2  1 
ATOM   745  H  H    . ASN A 1 48 ? -0.662  10.556  -9.338  0.71 26.24 ? 48  ASN A H    1 
ATOM   746  H  HA   . ASN A 1 48 ? -2.046  12.131  -11.029 0.71 26.29 ? 48  ASN A HA   1 
ATOM   747  H  HB2  . ASN A 1 48 ? -1.717  10.584  -12.662 0.55 26.09 ? 48  ASN A HB2  1 
ATOM   748  H  HB3  . ASN A 1 48 ? -0.326  10.837  -11.941 0.55 26.09 ? 48  ASN A HB3  1 
ATOM   749  H  HD21 . ASN A 1 48 ? 0.293   8.816   -12.917 0.35 26.16 ? 48  ASN A HD21 1 
ATOM   750  H  HD22 . ASN A 1 48 ? -0.039  7.528   -12.246 0.35 26.16 ? 48  ASN A HD22 1 
ATOM   751  N  N    . GLY A 1 49 ? -3.600  10.211  -9.275  0.77 21.24 ? 49  GLY A N    1 
ATOM   752  C  CA   . GLY A 1 49 ? -4.931  9.795   -8.885  0.82 22.58 ? 49  GLY A CA   1 
ATOM   753  C  C    . GLY A 1 49 ? -5.389  8.488   -9.484  0.80 23.01 ? 49  GLY A C    1 
ATOM   754  O  O    . GLY A 1 49 ? -6.582  8.179   -9.434  0.56 25.36 ? 49  GLY A O    1 
ATOM   755  H  H    . GLY A 1 49 ? -3.013  10.136  -8.651  0.77 25.48 ? 49  GLY A H    1 
ATOM   756  H  HA2  . GLY A 1 49 ? -4.964  9.710   -7.919  0.82 27.09 ? 49  GLY A HA2  1 
ATOM   757  H  HA3  . GLY A 1 49 ? -5.565  10.481  -9.147  0.82 27.09 ? 49  GLY A HA3  1 
ATOM   758  N  N    . GLU A 1 50 ? -4.464  7.697   -10.025 0.79 21.68 ? 50  GLU A N    1 
ATOM   759  C  CA   . GLU A 1 50 ? -4.809  6.429   -10.671 0.73 22.96 ? 50  GLU A CA   1 
ATOM   760  C  C    . GLU A 1 50 ? -5.042  5.292   -9.669  0.78 22.59 ? 50  GLU A C    1 
ATOM   761  O  O    . GLU A 1 50 ? -4.399  5.216   -8.623  0.68 22.51 ? 50  GLU A O    1 
ATOM   762  C  CB   . GLU A 1 50 ? -3.730  6.029   -11.676 0.82 24.86 ? 50  GLU A CB   1 
ATOM   763  C  CG   . GLU A 1 50 ? -3.763  6.839   -12.962 0.58 29.93 ? 50  GLU A CG   1 
ATOM   764  C  CD   . GLU A 1 50 ? -2.662  6.432   -13.924 0.33 34.36 ? 50  GLU A CD   1 
ATOM   765  O  OE1  . GLU A 1 50 ? -1.735  5.718   -13.495 0.41 33.67 ? 50  GLU A OE1  1 
ATOM   766  O  OE2  . GLU A 1 50 ? -2.724  6.834   -15.106 0.49 39.18 ? 50  GLU A OE2  1 
ATOM   767  H  H    . GLU A 1 50 ? -3.622  7.874   -10.033 0.73 26.01 ? 50  GLU A H    1 
ATOM   768  H  HA   . GLU A 1 50 ? -5.642  6.555   -11.170 0.73 27.56 ? 50  GLU A HA   1 
ATOM   769  H  HB2  . GLU A 1 50 ? -2.860  6.156   -11.267 0.82 29.83 ? 50  GLU A HB2  1 
ATOM   770  H  HB3  . GLU A 1 50 ? -3.852  5.096   -11.910 0.82 29.83 ? 50  GLU A HB3  1 
ATOM   771  H  HG2  . GLU A 1 50 ? -4.616  6.701   -13.402 0.58 35.91 ? 50  GLU A HG2  1 
ATOM   772  H  HG3  . GLU A 1 50 ? -3.646  7.778   -12.749 0.58 35.91 ? 50  GLU A HG3  1 
ATOM   773  N  N    . ASP A 1 51 ? -5.965  4.396   -10.008 0.75 22.07 ? 51  ASP A N    1 
ATOM   774  C  CA   . ASP A 1 51 ? -6.273  3.260   -9.141  0.85 22.02 ? 51  ASP A CA   1 
ATOM   775  C  C    . ASP A 1 51 ? -5.079  2.327   -9.054  0.83 21.88 ? 51  ASP A C    1 
ATOM   776  O  O    . ASP A 1 51 ? -4.303  2.179   -10.012 0.64 25.24 ? 51  ASP A O    1 
ATOM   777  C  CB   . ASP A 1 51 ? -7.463  2.463   -9.689  0.74 24.98 ? 51  ASP A CB   1 
ATOM   778  C  CG   . ASP A 1 51 ? -8.798  3.094   -9.368  0.67 27.96 ? 51  ASP A CG   1 
ATOM   779  O  OD1  . ASP A 1 51 ? -8.811  4.203   -8.800  0.64 28.30 ? 51  ASP A OD1  1 
ATOM   780  O  OD2  . ASP A 1 51 ? -9.840  2.477   -9.696  0.49 30.71 ? 51  ASP A OD2  1 
ATOM   781  H  H    . ASP A 1 51 ? -6.427  4.422   -10.733 0.75 26.48 ? 51  ASP A H    1 
ATOM   782  H  HA   . ASP A 1 51 ? -6.492  3.579   -8.241  0.85 26.43 ? 51  ASP A HA   1 
ATOM   783  H  HB2  . ASP A 1 51 ? -7.385  2.404   -10.653 0.74 29.97 ? 51  ASP A HB2  1 
ATOM   784  H  HB3  . ASP A 1 51 ? -7.452  1.574   -9.300  0.74 29.97 ? 51  ASP A HB3  1 
ATOM   785  N  N    . TYR A 1 52 ? -4.945  1.700   -7.896  0.78 20.15 ? 52  TYR A N    1 
ATOM   786  C  CA   . TYR A 1 52 ? -4.028  0.592   -7.722  0.86 19.29 ? 52  TYR A CA   1 
ATOM   787  C  C    . TYR A 1 52 ? -4.837  -0.688  -7.505  0.87 18.98 ? 52  TYR A C    1 
ATOM   788  O  O    . TYR A 1 52 ? -5.755  -0.723  -6.676  0.83 19.28 ? 52  TYR A O    1 
ATOM   789  C  CB   . TYR A 1 52 ? -3.069  0.817   -6.541  0.84 18.91 ? 52  TYR A CB   1 
ATOM   790  C  CG   . TYR A 1 52 ? -2.263  -0.424  -6.286  0.80 17.19 ? 52  TYR A CG   1 
ATOM   791  C  CD1  . TYR A 1 52 ? -1.307  -0.843  -7.202  0.71 17.45 ? 52  TYR A CD1  1 
ATOM   792  C  CD2  . TYR A 1 52 ? -2.507  -1.223  -5.182  0.64 16.00 ? 52  TYR A CD2  1 
ATOM   793  C  CE1  . TYR A 1 52 ? -0.588  -2.006  -7.000  0.81 18.03 ? 52  TYR A CE1  1 
ATOM   794  C  CE2  . TYR A 1 52 ? -1.788  -2.384  -4.967  0.78 17.46 ? 52  TYR A CE2  1 
ATOM   795  C  CZ   . TYR A 1 52 ? -0.842  -2.780  -5.887  0.89 19.80 ? 52  TYR A CZ   1 
ATOM   796  O  OH   . TYR A 1 52 ? -0.139  -3.948  -5.697  0.73 18.13 ? 52  TYR A OH   1 
ATOM   797  H  H    . TYR A 1 52 ? -5.384  1.902   -7.185  0.78 24.18 ? 52  TYR A H    1 
ATOM   798  H  HA   . TYR A 1 52 ? -3.493  0.484   -8.536  0.86 23.15 ? 52  TYR A HA   1 
ATOM   799  H  HB2  . TYR A 1 52 ? -2.460  1.542   -6.751  0.84 22.69 ? 52  TYR A HB2  1 
ATOM   800  H  HB3  . TYR A 1 52 ? -3.580  1.023   -5.743  0.84 22.69 ? 52  TYR A HB3  1 
ATOM   801  H  HD1  . TYR A 1 52 ? -1.140  -0.328  -7.959  0.71 20.94 ? 52  TYR A HD1  1 
ATOM   802  H  HD2  . TYR A 1 52 ? -3.152  -0.964  -4.564  0.64 19.20 ? 52  TYR A HD2  1 
ATOM   803  H  HE1  . TYR A 1 52 ? 0.052   -2.273  -7.620  0.81 21.64 ? 52  TYR A HE1  1 
ATOM   804  H  HE2  . TYR A 1 52 ? -1.962  -2.909  -4.220  0.78 20.96 ? 52  TYR A HE2  1 
ATOM   805  H  HH   . TYR A 1 52 ? 0.663   -3.787  -5.644  0.73 21.76 ? 52  TYR A HH   1 
ATOM   806  N  N    . ILE A 1 53 ? -4.485  -1.732  -8.250  0.77 18.58 ? 53  ILE A N    1 
ATOM   807  C  CA   . ILE A 1 53 ? -5.119  -3.042  -8.140  0.78 19.93 ? 53  ILE A CA   1 
ATOM   808  C  C    . ILE A 1 53 ? -4.059  -4.055  -7.713  0.89 19.51 ? 53  ILE A C    1 
ATOM   809  O  O    . ILE A 1 53 ? -3.053  -4.257  -8.409  0.81 21.26 ? 53  ILE A O    1 
ATOM   810  C  CB   . ILE A 1 53 ? -5.755  -3.471  -9.470  1.00 23.83 ? 53  ILE A CB   1 
ATOM   811  C  CG1  . ILE A 1 53 ? -6.719  -2.394  -9.976  0.62 21.61 ? 53  ILE A CG1  1 
ATOM   812  C  CG2  . ILE A 1 53 ? -6.459  -4.812  -9.320  0.78 24.43 ? 53  ILE A CG2  1 
ATOM   813  C  CD1  . ILE A 1 53 ? -7.799  -2.014  -9.008  0.34 21.78 ? 53  ILE A CD1  1 
ATOM   814  H  H    . ILE A 1 53 ? -3.862  -1.706  -8.844  0.77 22.29 ? 53  ILE A H    1 
ATOM   815  H  HA   . ILE A 1 53 ? -5.819  -3.012  -7.453  0.78 23.92 ? 53  ILE A HA   1 
ATOM   816  H  HB   . ILE A 1 53 ? -5.046  -3.573  -10.125 1.00 28.59 ? 53  ILE A HB   1 
ATOM   817  H  HG12 . ILE A 1 53 ? -6.210  -1.592  -10.178 0.62 25.94 ? 53  ILE A HG12 1 
ATOM   818  H  HG13 . ILE A 1 53 ? -7.148  -2.717  -10.784 0.62 25.94 ? 53  ILE A HG13 1 
ATOM   819  H  HG21 . ILE A 1 53 ? -6.847  -5.057  -10.163 0.78 29.32 ? 53  ILE A HG21 1 
ATOM   820  H  HG22 . ILE A 1 53 ? -5.817  -5.473  -9.050  0.78 29.32 ? 53  ILE A HG22 1 
ATOM   821  H  HG23 . ILE A 1 53 ? -7.146  -4.730  -8.654  0.78 29.32 ? 53  ILE A HG23 1 
ATOM   822  H  HD11 . ILE A 1 53 ? -8.352  -1.337  -9.407  0.34 26.13 ? 53  ILE A HD11 1 
ATOM   823  H  HD12 . ILE A 1 53 ? -8.325  -2.790  -8.807  0.34 26.13 ? 53  ILE A HD12 1 
ATOM   824  H  HD13 . ILE A 1 53 ? -7.395  -1.675  -8.206  0.34 26.13 ? 53  ILE A HD13 1 
ATOM   825  N  N    . CYS A 1 54 ? -4.282  -4.666  -6.553  0.89 18.79 ? 54  CYS A N    1 
ATOM   826  C  CA   . CYS A 1 54 ? -3.290  -5.538  -5.931  0.89 19.18 ? 54  CYS A CA   1 
ATOM   827  C  C    . CYS A 1 54 ? -3.237  -6.883  -6.649  0.78 18.99 ? 54  CYS A C    1 
ATOM   828  O  O    . CYS A 1 54 ? -4.098  -7.198  -7.476  0.73 18.05 ? 54  CYS A O    1 
ATOM   829  C  CB   . CYS A 1 54 ? -3.626  -5.757  -4.452  0.92 18.95 ? 54  CYS A CB   1 
ATOM   830  S  SG   . CYS A 1 54 ? -4.914  -7.013  -4.143  0.80 18.64 ? 54  CYS A SG   1 
ATOM   831  H  H    . CYS A 1 54 ? -5.009  -4.590  -6.100  0.89 22.55 ? 54  CYS A H    1 
ATOM   832  H  HA   . CYS A 1 54 ? -2.405  -5.120  -5.990  0.89 23.01 ? 54  CYS A HA   1 
ATOM   833  H  HB2  . CYS A 1 54 ? -2.822  -6.041  -3.989  0.92 22.74 ? 54  CYS A HB2  1 
ATOM   834  H  HB3  . CYS A 1 54 ? -3.938  -4.918  -4.077  0.92 22.74 ? 54  CYS A HB3  1 
ATOM   835  N  N    . PRO A 1 55 ? -2.244  -7.711  -6.306  0.83 19.10 ? 55  PRO A N    1 
ATOM   836  C  CA   . PRO A 1 55 ? -2.109  -9.011  -6.965  0.82 21.82 ? 55  PRO A CA   1 
ATOM   837  C  C    . PRO A 1 55 ? -3.277  -9.963  -6.696  1.00 24.54 ? 55  PRO A C    1 
ATOM   838  O  O    . PRO A 1 55 ? -3.642  -10.725 -7.600  0.65 25.38 ? 55  PRO A O    1 
ATOM   839  C  CB   . PRO A 1 55 ? -0.800  -9.553  -6.387  0.69 20.27 ? 55  PRO A CB   1 
ATOM   840  C  CG   . PRO A 1 55 ? -0.025  -8.329  -6.012  0.73 20.88 ? 55  PRO A CG   1 
ATOM   841  C  CD   . PRO A 1 55 ? -1.062  -7.375  -5.493  0.73 17.31 ? 55  PRO A CD   1 
ATOM   842  H  HA   . PRO A 1 55 ? -2.008  -8.891  -7.932  0.82 26.18 ? 55  PRO A HA   1 
ATOM   843  H  HB2  . PRO A 1 55 ? -0.986  -10.097 -5.606  0.69 24.32 ? 55  PRO A HB2  1 
ATOM   844  H  HB3  . PRO A 1 55 ? -0.329  -10.065 -7.062  0.69 24.32 ? 55  PRO A HB3  1 
ATOM   845  H  HG2  . PRO A 1 55 ? 0.620   -8.546  -5.320  0.73 25.06 ? 55  PRO A HG2  1 
ATOM   846  H  HG3  . PRO A 1 55 ? 0.416   -7.966  -6.796  0.73 25.06 ? 55  PRO A HG3  1 
ATOM   847  H  HD2  . PRO A 1 55 ? -1.237  -7.541  -4.554  0.73 20.77 ? 55  PRO A HD2  1 
ATOM   848  H  HD3  . PRO A 1 55 ? -0.789  -6.457  -5.650  0.73 20.77 ? 55  PRO A HD3  1 
ATOM   849  N  N    . ASN A 1 56 ? -3.853  -9.947  -5.496  0.77 26.03 ? 56  ASN A N    1 
ATOM   850  C  CA   . ASN A 1 56 ? -4.973  -10.840 -5.188  0.79 26.57 ? 56  ASN A CA   1 
ATOM   851  C  C    . ASN A 1 56 ? -6.132  -10.502 -6.102  1.00 25.24 ? 56  ASN A C    1 
ATOM   852  O  O    . ASN A 1 56 ? -6.899  -11.364 -6.529  0.61 26.58 ? 56  ASN A O    1 
ATOM   853  C  CB   . ASN A 1 56 ? -5.483  -10.683 -3.748  0.66 29.98 ? 56  ASN A CB   1 
ATOM   854  C  CG   . ASN A 1 56 ? -4.446  -11.018 -2.696  0.62 27.98 ? 56  ASN A CG   1 
ATOM   855  O  OD1  . ASN A 1 56 ? -3.583  -11.871 -2.909  0.43 29.13 ? 56  ASN A OD1  1 
ATOM   856  N  ND2  . ASN A 1 56 ? -4.552  -10.368 -1.533  0.63 27.37 ? 56  ASN A ND2  1 
ATOM   857  H  H    . ASN A 1 56 ? -3.618  -9.434  -4.848  0.77 31.23 ? 56  ASN A H    1 
ATOM   858  H  HA   . ASN A 1 56 ? -4.711  -11.772 -5.334  0.79 31.88 ? 56  ASN A HA   1 
ATOM   859  H  HB2  . ASN A 1 56 ? -5.757  -9.762  -3.611  0.66 35.97 ? 56  ASN A HB2  1 
ATOM   860  H  HB3  . ASN A 1 56 ? -6.241  -11.275 -3.618  0.66 35.97 ? 56  ASN A HB3  1 
ATOM   861  H  HD21 . ASN A 1 56 ? -5.184  -9.797  -1.417  0.62 32.84 ? 56  ASN A HD21 1 
ATOM   862  H  HD22 . ASN A 1 56 ? -3.989  -10.522 -0.902  0.62 32.84 ? 56  ASN A HD22 1 
ATOM   863  N  N    . CYS A 1 57 ? -6.258  -9.211  -6.365  0.72 21.29 ? 57  CYS A N    1 
ATOM   864  C  CA   . CYS A 1 57 ? -7.375  -8.693  -7.122  0.91 22.22 ? 57  CYS A CA   1 
ATOM   865  C  C    . CYS A 1 57 ? -7.163  -8.717  -8.634  0.61 22.70 ? 57  CYS A C    1 
ATOM   866  O  O    . CYS A 1 57 ? -8.081  -8.410  -9.401  0.70 27.08 ? 57  CYS A O    1 
ATOM   867  C  CB   . CYS A 1 57 ? -7.677  -7.260  -6.678  0.84 21.92 ? 57  CYS A CB   1 
ATOM   868  S  SG   . CYS A 1 57 ? -8.534  -7.180  -5.099  0.75 21.19 ? 57  CYS A SG   1 
ATOM   869  H  H    . CYS A 1 57 ? -5.700  -8.609  -6.110  0.72 25.55 ? 57  CYS A H    1 
ATOM   870  H  HA   . CYS A 1 57 ? -8.166  -9.238  -6.926  0.91 26.66 ? 57  CYS A HA   1 
ATOM   871  H  HB2  . CYS A 1 57 ? -6.842  -6.776  -6.590  0.84 26.30 ? 57  CYS A HB2  1 
ATOM   872  H  HB3  . CYS A 1 57 ? -8.238  -6.835  -7.345  0.84 26.30 ? 57  CYS A HB3  1 
ATOM   873  N  N    . THR A 1 58 ? -5.965  -9.070  -9.074  0.89 25.72 ? 58  THR A N    1 
ATOM   874  C  CA   . THR A 1 58 ? -5.709  -9.252  -10.491 0.84 28.98 ? 58  THR A CA   1 
ATOM   875  C  C    . THR A 1 58 ? -6.125  -10.667 -10.895 0.57 31.80 ? 58  THR A C    1 
ATOM   876  O  O    . THR A 1 58 ? -5.688  -11.640 -10.284 0.81 38.42 ? 58  THR A O    1 
ATOM   877  C  CB   . THR A 1 58 ? -4.247  -9.073  -10.822 0.72 34.21 ? 58  THR A CB   1 
ATOM   878  O  OG1  . THR A 1 58 ? -3.506  -10.195 -10.318 0.00 35.98 ? 58  THR A OG1  1 
ATOM   879  C  CG2  . THR A 1 58 ? -3.739  -7.799  -10.212 1.00 31.30 ? 58  THR A CG2  1 
ATOM   880  H  H    . THR A 1 58 ? -5.282  -9.211  -8.570  0.61 30.86 ? 58  THR A H    1 
ATOM   881  H  HA   . THR A 1 58 ? -6.233  -8.607  -11.009 0.84 34.78 ? 58  THR A HA   1 
ATOM   882  H  HB   . THR A 1 58 ? -4.138  -9.018  -11.785 0.72 41.06 ? 58  THR A HB   1 
ATOM   883  H  HG1  . THR A 1 58 ? -2.710  -10.107 -10.494 0.00 43.18 ? 58  THR A HG1  1 
ATOM   884  H  HG21 . THR A 1 58 ? -3.842  -7.828  -9.258  1.00 37.56 ? 58  THR A HG21 1 
ATOM   885  H  HG22 . THR A 1 58 ? -2.810  -7.682  -10.422 1.00 37.56 ? 58  THR A HG22 1 
ATOM   886  H  HG23 . THR A 1 58 ? -4.233  -7.051  -10.556 1.00 37.56 ? 58  THR A HG23 1 
ATOM   887  N  N    . ALA B 2 1  ? -3.816  6.737   -6.469  0.83 17.74 ? 80  ALA U N    1 
ATOM   888  C  CA   . ALA B 2 1  ? -3.857  5.720   -5.412  1.00 17.31 ? 80  ALA U CA   1 
ATOM   889  C  C    . ALA B 2 1  ? -3.484  6.319   -4.055  0.88 15.75 ? 80  ALA U C    1 
ATOM   890  O  O    . ALA B 2 1  ? -2.752  7.304   -3.989  0.83 17.60 ? 80  ALA U O    1 
ATOM   891  C  CB   . ALA B 2 1  ? -2.931  4.582   -5.742  0.70 16.15 ? 80  ALA U CB   1 
ATOM   892  H  HA   . ALA B 2 1  ? -4.767  5.363   -5.347  1.00 20.77 ? 80  ALA U HA   1 
ATOM   893  H  HB1  . ALA B 2 1  ? -2.973  3.931   -5.038  0.70 19.38 ? 80  ALA U HB1  1 
ATOM   894  H  HB2  . ALA B 2 1  ? -3.206  4.186   -6.572  0.70 19.38 ? 80  ALA U HB2  1 
ATOM   895  H  HB3  . ALA B 2 1  ? -2.036  4.920   -5.820  0.70 19.38 ? 80  ALA U HB3  1 
ATOM   896  N  N    . ARG B 2 2  ? -3.990  5.708   -2.984  0.85 14.87 ? 81  ARG U N    1 
ATOM   897  C  CA   . ARG B 2 2  ? -3.640  6.092   -1.625  0.81 12.51 ? 81  ARG U CA   1 
ATOM   898  C  C    . ARG B 2 2  ? -2.349  5.398   -1.189  1.00 14.38 ? 81  ARG U C    1 
ATOM   899  O  O    . ARG B 2 2  ? -2.185  4.197   -1.401  0.79 12.65 ? 81  ARG U O    1 
ATOM   900  C  CB   . ARG B 2 2  ? -4.766  5.703   -0.680  0.84 14.22 ? 81  ARG U CB   1 
ATOM   901  C  CG   . ARG B 2 2  ? -6.051  6.459   -0.946  0.82 14.52 ? 81  ARG U CG   1 
ATOM   902  C  CD   . ARG B 2 2  ? -7.221  5.716   -0.414  0.70 15.34 ? 81  ARG U CD   1 
ATOM   903  N  NE   . ARG B 2 2  ? -7.553  4.580   -1.275  0.70 16.64 ? 81  ARG U NE   1 
ATOM   904  C  CZ   . ARG B 2 2  ? -8.499  3.689   -1.009  0.76 17.99 ? 81  ARG U CZ   1 
ATOM   905  N  NH1  . ARG B 2 2  ? -9.196  3.762   0.115   0.59 15.39 ? 81  ARG U NH1  1 
ATOM   906  N  NH2  . ARG B 2 2  ? -8.736  2.703   -1.864  0.77 21.14 ? 81  ARG U NH2  1 
ATOM   907  H  H    . ARG B 2 2  ? -4.548  5.056   -3.024  0.81 17.85 ? 81  ARG U H    1 
ATOM   908  H  HA   . ARG B 2 2  ? -3.509  7.062   -1.578  0.81 15.01 ? 81  ARG U HA   1 
ATOM   909  H  HB2  . ARG B 2 2  ? -4.949  4.756   -0.783  0.84 17.06 ? 81  ARG U HB2  1 
ATOM   910  H  HB3  . ARG B 2 2  ? -4.491  5.891   0.230   0.84 17.06 ? 81  ARG U HB3  1 
ATOM   911  H  HG2  . ARG B 2 2  ? -6.012  7.324   -0.507  0.82 17.42 ? 81  ARG U HG2  1 
ATOM   912  H  HG3  . ARG B 2 2  ? -6.168  6.570   -1.903  0.82 17.42 ? 81  ARG U HG3  1 
ATOM   913  H  HD2  . ARG B 2 2  ? -7.013  5.379   0.472   0.70 18.40 ? 81  ARG U HD2  1 
ATOM   914  H  HD3  . ARG B 2 2  ? -7.989  6.308   -0.378  0.70 18.40 ? 81  ARG U HD3  1 
ATOM   915  H  HE   . ARG B 2 2  ? -7.104  4.483   -2.001  0.70 19.96 ? 81  ARG U HE   1 
ATOM   916  H  HH11 . ARG B 2 2  ? -9.048  4.401   0.671   0.59 18.47 ? 81  ARG U HH11 1 
ATOM   917  H  HH12 . ARG B 2 2  ? -9.804  3.178   0.284   0.59 18.47 ? 81  ARG U HH12 1 
ATOM   918  H  HH21 . ARG B 2 2  ? -8.282  2.645   -2.592  0.76 25.37 ? 81  ARG U HH21 1 
ATOM   919  H  HH22 . ARG B 2 2  ? -9.340  2.116   -1.687  0.76 25.37 ? 81  ARG U HH22 1 
ATOM   920  N  N    . THR B 2 3  ? -1.456  6.171   -0.579  0.76 12.34 ? 82  THR U N    1 
ATOM   921  C  CA   . THR B 2 3  ? -0.173  5.667   -0.111  0.87 14.09 ? 82  THR U CA   1 
ATOM   922  C  C    . THR B 2 3  ? 0.139   6.124   1.307   0.93 15.18 ? 82  THR U C    1 
ATOM   923  O  O    . THR B 2 3  ? -0.438  7.110   1.805   0.73 14.89 ? 82  THR U O    1 
ATOM   924  C  CB   . THR B 2 3  ? 0.982   6.135   -1.027  0.80 16.14 ? 82  THR U CB   1 
ATOM   925  O  OG1  . THR B 2 3  ? 1.104   7.561   -0.951  0.79 17.91 ? 82  THR U OG1  1 
ATOM   926  C  CG2  . THR B 2 3  ? 0.737   5.722   -2.456  0.78 15.06 ? 82  THR U CG2  1 
ATOM   927  H  H    . THR B 2 3  ? -1.574  7.008   -0.422  0.76 14.81 ? 82  THR U H    1 
ATOM   928  H  HA   . THR B 2 3  ? -0.191  4.687   -0.121  0.87 16.90 ? 82  THR U HA   1 
ATOM   929  H  HB   . THR B 2 3  ? 1.810   5.728   -0.730  0.80 19.36 ? 82  THR U HB   1 
ATOM   930  H  HG1  . THR B 2 3  ? 1.715   7.815   -1.435  0.79 21.50 ? 82  THR U HG1  1 
ATOM   931  H  HG21 . THR B 2 3  ? 1.462   6.020   -3.012  0.78 18.07 ? 82  THR U HG21 1 
ATOM   932  H  HG22 . THR B 2 3  ? 0.672   4.766   -2.514  0.78 18.07 ? 82  THR U HG22 1 
ATOM   933  H  HG23 . THR B 2 3  ? -0.080  6.112   -2.774  0.78 18.07 ? 82  THR U HG23 1 
HETATM 934  N  N    . M3L B 2 4  ? 1.066   5.401   1.933   0.88 14.59 ? 83  M3L U N    1 
HETATM 935  C  CA   . M3L B 2 4  ? 1.699   5.823   3.171   1.00 16.48 ? 83  M3L U CA   1 
HETATM 936  C  CB   . M3L B 2 4  ? 1.469   4.829   4.276   0.87 16.77 ? 83  M3L U CB   1 
HETATM 937  C  CG   . M3L B 2 4  ? 0.027   4.678   4.676   0.91 16.76 ? 83  M3L U CG   1 
HETATM 938  C  CD   . M3L B 2 4  ? -0.251  3.595   5.694   1.00 17.85 ? 83  M3L U CD   1 
HETATM 939  C  CE   . M3L B 2 4  ? -1.744  3.427   5.989   0.84 17.64 ? 83  M3L U CE   1 
HETATM 940  N  NZ   . M3L B 2 4  ? -2.101  2.379   6.994   1.00 17.38 1 83  M3L U NZ   1 
HETATM 941  C  C    . M3L B 2 4  ? 3.155   5.841   2.854   0.90 16.61 ? 83  M3L U C    1 
HETATM 942  O  O    . M3L B 2 4  ? 3.715   4.826   2.361   0.80 17.01 ? 83  M3L U O    1 
HETATM 943  C  CM1  . M3L B 2 4  ? -1.563  2.711   8.304   0.90 21.03 ? 83  M3L U CM1  1 
HETATM 944  C  CM2  . M3L B 2 4  ? -1.564  1.120   6.556   0.69 16.75 ? 83  M3L U CM2  1 
HETATM 945  C  CM3  . M3L B 2 4  ? -3.546  2.299   7.054   0.83 18.27 ? 83  M3L U CM3  1 
ATOM   946  N  N    . GLN B 2 5  ? 3.825   6.962   3.073   0.75 21.90 ? 84  GLN U N    1 
ATOM   947  C  CA   . GLN B 2 5  ? 5.260   6.992   2.817   0.68 26.89 ? 84  GLN U CA   1 
ATOM   948  C  C    . GLN B 2 5  ? 5.971   7.078   4.166   0.77 32.27 ? 84  GLN U C    1 
ATOM   949  O  O    . GLN B 2 5  ? 5.426   7.623   5.128   0.60 34.23 ? 84  GLN U O    1 
ATOM   950  C  CB   . GLN B 2 5  ? 5.635   8.121   1.847   0.74 30.77 ? 84  GLN U CB   1 
ATOM   951  C  CG   . GLN B 2 5  ? 5.153   7.894   0.393   0.80 33.93 ? 84  GLN U CG   1 
ATOM   952  C  CD   . GLN B 2 5  ? 6.204   7.240   -0.515  0.01 33.92 ? 84  GLN U CD   1 
ATOM   953  O  OE1  . GLN B 2 5  ? 7.327   6.972   -0.088  0.54 37.52 ? 84  GLN U OE1  1 
ATOM   954  N  NE2  . GLN B 2 5  ? 5.841   6.994   -1.781  0.52 30.31 ? 84  GLN U NE2  1 
ATOM   955  H  H    . GLN B 2 5  ? 3.487   7.699   3.361   0.68 26.28 ? 84  GLN U H    1 
ATOM   956  H  HA   . GLN B 2 5  ? 5.520   6.145   2.398   0.68 32.27 ? 84  GLN U HA   1 
ATOM   957  H  HB2  . GLN B 2 5  ? 5.240   8.948   2.164   0.74 36.92 ? 84  GLN U HB2  1 
ATOM   958  H  HB3  . GLN B 2 5  ? 6.601   8.206   1.827   0.74 36.92 ? 84  GLN U HB3  1 
ATOM   959  H  HG2  . GLN B 2 5  ? 4.373   7.317   0.409   0.80 40.72 ? 84  GLN U HG2  1 
ATOM   960  H  HG3  . GLN B 2 5  ? 4.918   8.752   0.005   0.80 40.72 ? 84  GLN U HG3  1 
ATOM   961  H  HE21 . GLN B 2 5  ? 5.051   7.201   -2.050  0.01 36.37 ? 84  GLN U HE21 1 
ATOM   962  H  HE22 . GLN B 2 5  ? 6.398   6.628   -2.325  0.01 36.37 ? 84  GLN U HE22 1 
ATOM   963  N  N    . THR B 2 6  ? 7.159   6.483   4.244   0.58 31.70 ? 85  THR U N    1 
ATOM   964  C  CA   . THR B 2 6  ? 7.906   6.402   5.496   0.60 30.72 ? 85  THR U CA   1 
ATOM   965  C  C    . THR B 2 6  ? 8.082   7.804   6.071   0.45 32.74 ? 85  THR U C    1 
ATOM   966  O  O    . THR B 2 6  ? 8.464   8.730   5.354   0.58 31.52 ? 85  THR U O    1 
ATOM   967  C  CB   . THR B 2 6  ? 9.282   5.718   5.289   0.57 29.49 ? 85  THR U CB   1 
ATOM   968  O  OG1  . THR B 2 6  ? 9.089   4.369   4.843   0.60 32.17 ? 85  THR U OG1  1 
ATOM   969  C  CG2  . THR B 2 6  ? 10.090  5.692   6.582   0.64 28.47 ? 85  THR U CG2  1 
ATOM   970  H  H    . THR B 2 6  ? 7.558   6.114   3.577   0.58 38.04 ? 85  THR U H    1 
ATOM   971  H  HA   . THR B 2 6  ? 7.395   5.870   6.142   0.60 36.86 ? 85  THR U HA   1 
ATOM   972  H  HB   . THR B 2 6  ? 9.788   6.209   4.622   0.57 35.38 ? 85  THR U HB   1 
ATOM   973  H  HG1  . THR B 2 6  ? 8.677   4.364   4.133   0.60 38.61 ? 85  THR U HG1  1 
ATOM   974  H  HG21 . THR B 2 6  ? 9.611   5.206   7.258   0.64 34.16 ? 85  THR U HG21 1 
ATOM   975  H  HG22 . THR B 2 6  ? 10.936  5.265   6.431   0.64 34.16 ? 85  THR U HG22 1 
ATOM   976  H  HG23 . THR B 2 6  ? 10.242  6.588   6.892   0.64 34.16 ? 85  THR U HG23 1 
ATOM   977  N  N    . ALA B 2 7  ? 7.783   7.950   7.361   0.59 31.57 ? 86  ALA U N    1 
ATOM   978  C  CA   . ALA B 2 7  ? 7.825   9.244   8.035   0.58 33.18 ? 86  ALA U CA   1 
ATOM   979  C  C    . ALA B 2 7  ? 8.934   9.289   9.080   0.57 34.43 ? 86  ALA U C    1 
ATOM   980  O  O    . ALA B 2 7  ? 8.848   8.635   10.119  0.48 34.30 ? 86  ALA U O    1 
ATOM   981  C  CB   . ALA B 2 7  ? 6.485   9.538   8.684   0.53 34.59 ? 86  ALA U CB   1 
ATOM   982  H  H    . ALA B 2 7  ? 7.549   7.302   7.875   0.45 37.89 ? 86  ALA U H    1 
ATOM   983  H  HA   . ALA B 2 7  ? 8.003   9.944   7.372   0.58 39.82 ? 86  ALA U HA   1 
ATOM   984  H  HB1  . ALA B 2 7  ? 6.292   8.850   9.325   0.53 41.51 ? 86  ALA U HB1  1 
ATOM   985  H  HB2  . ALA B 2 7  ? 6.530   10.391  9.122   0.53 41.51 ? 86  ALA U HB2  1 
ATOM   986  H  HB3  . ALA B 2 7  ? 5.806   9.552   8.006   0.53 41.51 ? 86  ALA U HB3  1 
HETATM 987  ZN ZN   . ZN  C 3 .  ? -6.992  -5.932  -3.885  1.00 15.81 ? 101 ZN  A ZN   1 
HETATM 988  ZN ZN   . ZN  D 3 .  ? 3.575   -7.049  3.062   1.00 15.38 ? 102 ZN  A ZN   1 
HETATM 989  O  O    . HOH E 4 .  ? -5.581  3.439   -3.434  0.91 18.14 ? 201 HOH A O    1 
HETATM 990  O  O    . HOH E 4 .  ? 0.307   -1.566  11.745  0.90 18.85 ? 202 HOH A O    1 
HETATM 991  O  O    . HOH E 4 .  ? -9.192  0.788   3.005   0.93 18.34 ? 203 HOH A O    1 
HETATM 992  O  O    . HOH E 4 .  ? 7.446   -1.169  1.133   1.00 21.56 ? 204 HOH A O    1 
HETATM 993  O  O    . HOH E 4 .  ? -8.441  -1.813  5.347   0.88 20.19 ? 205 HOH A O    1 
HETATM 994  O  O    . HOH E 4 .  ? 6.075   -4.904  8.802   0.86 20.53 ? 206 HOH A O    1 
HETATM 995  O  O    . HOH E 4 .  ? 9.243   -2.067  3.160   0.91 22.32 ? 207 HOH A O    1 
HETATM 996  O  O    . HOH E 4 .  ? 3.079   0.081   12.597  0.92 20.88 ? 208 HOH A O    1 
HETATM 997  O  O    . HOH E 4 .  ? 13.084  4.271   1.726   0.91 22.46 ? 209 HOH A O    1 
HETATM 998  O  O    . HOH E 4 .  ? 6.607   -7.965  4.995   0.80 26.94 ? 210 HOH A O    1 
HETATM 999  O  O    . HOH E 4 .  ? -0.868  -5.782  -8.908  0.84 22.91 ? 211 HOH A O    1 
HETATM 1000 O  O    . HOH E 4 .  ? -7.924  2.712   4.307   1.00 24.20 ? 212 HOH A O    1 
HETATM 1001 O  O    . HOH E 4 .  ? -7.135  5.634   -5.086  0.79 26.07 ? 213 HOH A O    1 
HETATM 1002 O  O    . HOH E 4 .  ? -1.468  0.745   11.516  0.87 24.30 ? 214 HOH A O    1 
HETATM 1003 O  O    . HOH E 4 .  ? 1.628   -4.602  -7.660  0.84 22.10 ? 215 HOH A O    1 
HETATM 1004 O  O    . HOH E 4 .  ? 9.562   1.180   3.039   0.87 27.99 ? 216 HOH A O    1 
HETATM 1005 O  O    . HOH E 4 .  ? 11.379  1.841   -3.680  0.86 27.83 ? 217 HOH A O    1 
HETATM 1006 O  O    . HOH E 4 .  ? 0.306   2.896   11.084  0.92 30.38 ? 218 HOH A O    1 
HETATM 1007 O  O    . HOH E 4 .  ? -6.898  -4.028  6.078   0.80 20.77 ? 219 HOH A O    1 
HETATM 1008 O  O    . HOH E 4 .  ? -2.226  8.936   -0.250  0.75 25.82 ? 220 HOH A O    1 
HETATM 1009 O  O    . HOH E 4 .  ? 9.453   -1.896  -8.593  0.81 23.91 ? 221 HOH A O    1 
HETATM 1010 O  O    . HOH E 4 .  ? 9.135   -1.003  -3.098  0.80 27.10 ? 222 HOH A O    1 
HETATM 1011 O  O    . HOH E 4 .  ? -7.729  -7.633  5.528   1.00 41.96 ? 223 HOH A O    1 
HETATM 1012 O  O    . HOH E 4 .  ? 4.150   2.583   11.602  0.66 24.61 ? 224 HOH A O    1 
HETATM 1013 O  O    . HOH E 4 .  ? 10.652  1.667   0.747   0.74 29.48 ? 225 HOH A O    1 
HETATM 1014 O  O    . HOH E 4 .  ? -2.581  -1.405  -10.621 0.95 31.99 ? 226 HOH A O    1 
HETATM 1015 O  O    . HOH E 4 .  ? -6.127  -9.178  2.526   1.00 34.85 ? 227 HOH A O    1 
HETATM 1016 O  O    . HOH E 4 .  ? -6.054  -6.359  7.870   0.77 24.73 ? 228 HOH A O    1 
HETATM 1017 O  O    . HOH E 4 .  ? 9.264   -0.120  -0.589  0.77 25.20 ? 229 HOH A O    1 
HETATM 1018 O  O    . HOH E 4 .  ? 4.564   -12.963 6.799   0.73 32.62 ? 230 HOH A O    1 
HETATM 1019 O  O    . HOH E 4 .  ? -6.919  -8.648  -0.564  1.00 33.46 ? 231 HOH A O    1 
HETATM 1020 O  O    . HOH E 4 .  ? 11.855  -1.532  -7.303  1.00 45.19 ? 232 HOH A O    1 
HETATM 1021 O  O    . HOH E 4 .  ? 3.064   11.841  -4.429  0.77 40.04 ? 233 HOH A O    1 
HETATM 1022 O  O    . HOH E 4 .  ? -7.362  4.407   -12.522 1.00 40.66 ? 234 HOH A O    1 
HETATM 1023 O  O    . HOH E 4 .  ? -8.165  6.688   -7.752  0.78 30.55 ? 235 HOH A O    1 
HETATM 1024 O  O    . HOH E 4 .  ? -3.809  -5.357  15.138  1.00 49.73 ? 236 HOH A O    1 
HETATM 1025 O  O    . HOH E 4 .  ? -12.840 0.431   -3.220  0.78 30.88 ? 237 HOH A O    1 
HETATM 1026 O  O    . HOH E 4 .  ? -1.810  3.494   -13.460 0.81 38.75 ? 238 HOH A O    1 
HETATM 1027 O  O    . HOH E 4 .  ? 0.971   7.136   -15.927 0.74 36.95 ? 239 HOH A O    1 
HETATM 1028 O  O    . HOH E 4 .  ? 9.753   -3.623  -7.268  0.90 44.24 ? 240 HOH A O    1 
HETATM 1029 O  O    . HOH E 4 .  ? 10.435  -3.063  -4.302  0.88 41.89 ? 241 HOH A O    1 
HETATM 1030 O  O    . HOH E 4 .  ? -4.189  10.705  -14.181 0.70 33.21 ? 242 HOH A O    1 
HETATM 1031 O  O    . HOH E 4 .  ? -3.873  -10.425 1.823   0.75 39.20 ? 243 HOH A O    1 
HETATM 1032 O  O    . HOH E 4 .  ? 1.004   5.367   -18.165 1.00 44.60 ? 244 HOH A O    1 
HETATM 1033 O  O    . HOH E 4 .  ? -14.624 -2.929  -5.245  0.80 41.45 ? 245 HOH A O    1 
HETATM 1034 O  O    . HOH E 4 .  ? -2.510  -12.938 -4.656  0.97 49.55 ? 246 HOH A O    1 
HETATM 1035 O  O    . HOH E 4 .  ? -5.867  12.429  -15.820 1.00 50.76 ? 247 HOH A O    1 
HETATM 1036 O  O    . HOH E 4 .  ? -1.979  1.562   -10.973 0.81 41.66 ? 248 HOH A O    1 
HETATM 1037 O  O    . HOH E 4 .  ? -4.206  13.764  -17.563 1.00 48.67 ? 249 HOH A O    1 
HETATM 1038 O  O    . HOH E 4 .  ? -11.908 -2.234  -8.966  1.00 51.37 ? 250 HOH A O    1 
HETATM 1039 O  O    . HOH E 4 .  ? 2.046   11.947  -11.079 1.00 36.78 ? 251 HOH A O    1 
HETATM 1040 O  O    . HOH E 4 .  ? -1.760  17.589  -12.823 1.00 47.17 ? 252 HOH A O    1 
HETATM 1041 O  O    . HOH E 4 .  ? 8.427   9.671   -8.457  1.00 44.44 ? 253 HOH A O    1 
HETATM 1042 O  O    . HOH E 4 .  ? 3.427   5.130   11.595  1.00 50.21 ? 254 HOH A O    1 
HETATM 1043 O  O    . HOH E 4 .  ? -1.905  -13.768 2.881   1.00 47.63 ? 255 HOH A O    1 
HETATM 1044 O  O    . HOH E 4 .  ? 0.818   4.515   -14.297 1.00 45.41 ? 256 HOH A O    1 
HETATM 1045 O  O    . HOH E 4 .  ? 4.483   6.250   8.958   1.00 53.69 ? 257 HOH A O    1 
HETATM 1046 O  O    . HOH E 4 .  ? -13.269 -0.166  -7.585  1.00 50.78 ? 258 HOH A O    1 
HETATM 1047 O  O    . HOH E 4 .  ? 12.664  -3.443  0.648   1.00 49.53 ? 259 HOH A O    1 
HETATM 1048 O  O    . HOH E 4 .  ? 3.925   13.601  -10.738 1.00 51.15 ? 260 HOH A O    1 
HETATM 1049 O  O    . HOH E 4 .  ? 0.229   6.417   8.114   1.00 46.42 ? 261 HOH A O    1 
HETATM 1050 O  O    . HOH E 4 .  ? 6.929   -7.294  9.829   1.00 37.74 ? 262 HOH A O    1 
HETATM 1051 O  O    . HOH E 4 .  ? 6.603   -8.015  8.193   1.00 48.35 ? 263 HOH A O    1 
HETATM 1052 O  O    . HOH E 4 .  ? -8.329  1.935   18.525  1.00 45.42 ? 264 HOH A O    1 
HETATM 1053 O  O    . HOH E 4 .  ? -15.140 -0.104  -7.836  1.00 47.77 ? 265 HOH A O    1 
HETATM 1054 O  O    . HOH E 4 .  ? 3.037   -10.050 12.430  1.00 50.32 ? 266 HOH A O    1 
HETATM 1055 O  O    . HOH F 4 .  ? -8.879  5.401   2.596   1.00 34.08 ? 101 HOH U O    1 
HETATM 1056 O  O    . HOH F 4 .  ? 3.396   8.520   -2.330  0.85 38.06 ? 102 HOH U O    1 
HETATM 1057 O  O    . HOH F 4 .  ? 12.181  3.345   4.216   1.00 39.69 ? 103 HOH U O    1 
HETATM 1058 O  O    . HOH F 4 .  ? 2.215   8.762   4.942   1.00 44.23 ? 104 HOH U O    1 
HETATM 1059 O  O    . HOH F 4 .  ? 8.650   5.770   2.056   1.00 47.12 ? 105 HOH U O    1 
HETATM 1060 O  O    . HOH F 4 .  ? 9.394   8.921   3.716   1.00 48.27 ? 106 HOH U O    1 
HETATM 1061 O  O    . HOH F 4 .  ? 4.846   5.275   6.076   1.00 46.10 ? 107 HOH U O    1 
HETATM 1062 O  O    . HOH F 4 .  ? 8.382   8.528   -1.334  1.00 45.42 ? 108 HOH U O    1 
# 
loop_
_atom_site_anisotrop.id 
_atom_site_anisotrop.type_symbol 
_atom_site_anisotrop.pdbx_label_atom_id 
_atom_site_anisotrop.pdbx_label_alt_id 
_atom_site_anisotrop.pdbx_label_comp_id 
_atom_site_anisotrop.pdbx_label_asym_id 
_atom_site_anisotrop.pdbx_label_seq_id 
_atom_site_anisotrop.pdbx_PDB_ins_code 
_atom_site_anisotrop.U[1][1] 
_atom_site_anisotrop.U[2][2] 
_atom_site_anisotrop.U[3][3] 
_atom_site_anisotrop.U[1][2] 
_atom_site_anisotrop.U[1][3] 
_atom_site_anisotrop.U[2][3] 
_atom_site_anisotrop.pdbx_auth_seq_id 
_atom_site_anisotrop.pdbx_auth_comp_id 
_atom_site_anisotrop.pdbx_auth_asym_id 
_atom_site_anisotrop.pdbx_auth_atom_id 
1   N  N   . GLY A 1  ? 0.4539 0.4194 0.4436 -0.0031 -0.0100 -0.0070 1   GLY A N   
2   C  CA  . GLY A 1  ? 0.4263 0.4140 0.4194 0.0016  -0.0051 0.0027  1   GLY A CA  
3   C  C   . GLY A 1  ? 0.4331 0.3819 0.3977 0.0121  0.0052  0.0192  1   GLY A C   
4   O  O   . GLY A 1  ? 0.4370 0.4341 0.4331 0.0272  0.0260  -0.0310 1   GLY A O   
10  N  N   . PRO A 2  ? 0.4609 0.3129 0.3755 -0.0205 0.0754  0.1126  2   PRO A N   
11  C  CA  . PRO A 2  ? 0.3763 0.3031 0.3255 0.0254  0.0120  0.1082  2   PRO A CA  
12  C  C   . PRO A 2  ? 0.2809 0.3428 0.3488 -0.0503 0.0304  0.0254  2   PRO A C   
13  O  O   . PRO A 2  ? 0.2581 0.3083 0.4497 -0.1114 0.0447  0.0539  2   PRO A O   
14  C  CB  . PRO A 2  ? 0.4259 0.3113 0.3414 0.0304  0.0185  0.0657  2   PRO A CB  
15  C  CG  . PRO A 2  ? 0.4591 0.3588 0.4171 0.0272  0.0888  0.0422  2   PRO A CG  
16  C  CD  . PRO A 2  ? 0.4819 0.3588 0.3798 -0.0127 0.0800  0.0778  2   PRO A CD  
24  N  N   . LEU A 3  ? 0.2188 0.2673 0.2709 -0.0201 0.0286  -0.0146 3   LEU A N   
25  C  CA  . LEU A 3  ? 0.2236 0.4407 0.2862 -0.0010 0.0149  -0.0748 3   LEU A CA  
26  C  C   . LEU A 3  ? 0.1443 0.3861 0.2698 -0.0724 0.0029  -0.0181 3   LEU A C   
27  O  O   . LEU A 3  ? 0.1749 0.3783 0.2192 -0.0477 -0.0084 -0.0379 3   LEU A O   
28  C  CB  . LEU A 3  ? 0.2129 0.4125 0.3513 0.0213  0.0432  -0.0526 3   LEU A CB  
29  C  CG  . LEU A 3  ? 0.2802 0.4556 0.3516 0.0062  0.0136  -0.0547 3   LEU A CG  
30  C  CD1 . LEU A 3  ? 0.2683 0.5349 0.3020 -0.0229 -0.0302 0.0010  3   LEU A CD1 
31  C  CD2 . LEU A 3  ? 0.4492 0.4111 0.3892 -0.0065 0.0238  -0.0080 3   LEU A CD2 
43  N  N   . PRO A 4  ? 0.2371 0.4438 0.2217 -0.0507 -0.0078 -0.0526 4   PRO A N   
44  C  CA  . PRO A 4  ? 0.2393 0.4680 0.2221 -0.0101 0.0653  -0.0307 4   PRO A CA  
45  C  C   . PRO A 4  ? 0.1937 0.4613 0.2698 -0.0163 -0.0009 0.0464  4   PRO A C   
46  O  O   . PRO A 4  ? 0.1637 0.4664 0.2043 0.0079  0.0019  0.0177  4   PRO A O   
47  C  CB  . PRO A 4  ? 0.2296 0.5352 0.2643 -0.0751 0.0332  -0.0817 4   PRO A CB  
48  C  CG  . PRO A 4  ? 0.2136 0.5602 0.2799 -0.0464 0.0086  -0.0806 4   PRO A CG  
49  C  CD  . PRO A 4  ? 0.2562 0.5512 0.2603 -0.0389 -0.0232 -0.0776 4   PRO A CD  
57  N  N   . ASN A 5  ? 0.1946 0.5069 0.1945 0.0114  -0.0214 -0.0139 5   ASN A N   
58  C  CA  . ASN A 5  ? 0.1984 0.3798 0.1884 0.0202  -0.0216 0.0316  5   ASN A CA  
59  C  C   . ASN A 5  ? 0.1550 0.4050 0.2596 -0.0049 0.0241  0.0721  5   ASN A C   
60  O  O   . ASN A 5  ? 0.1860 0.3809 0.2406 -0.0517 -0.0017 0.0787  5   ASN A O   
61  C  CB  . ASN A 5  ? 0.1992 0.4327 0.2236 0.0475  0.0667  0.0284  5   ASN A CB  
62  C  CG  . ASN A 5  ? 0.3387 0.4563 0.2352 0.0229  0.0747  0.0442  5   ASN A CG  
63  O  OD1 . ASN A 5  ? 0.3389 0.4625 0.3339 0.0488  0.0844  0.0586  5   ASN A OD1 
64  N  ND2 . ASN A 5  ? 0.3088 0.4206 0.2831 0.0363  0.0887  0.0993  5   ASN A ND2 
71  N  N   . ALA A 6  ? 0.1925 0.4606 0.1805 0.0344  -0.0315 -0.0009 6   ALA A N   
72  C  CA  . ALA A 6  ? 0.2068 0.4589 0.2311 -0.0420 0.0380  0.0011  6   ALA A CA  
73  C  C   . ALA A 6  ? 0.1870 0.3314 0.2153 -0.0091 -0.0095 0.0703  6   ALA A C   
74  O  O   . ALA A 6  ? 0.1440 0.3760 0.2739 -0.0432 0.0154  0.0166  6   ALA A O   
75  C  CB  . ALA A 6  ? 0.2388 0.4724 0.1897 0.0159  -0.0426 0.0037  6   ALA A CB  
81  N  N   . LEU A 7  ? 0.2042 0.3650 0.2025 -0.0783 0.0020  0.0914  7   LEU A N   
82  C  CA  . LEU A 7  ? 0.1895 0.3109 0.1908 -0.0632 -0.0174 0.0937  7   LEU A CA  
83  C  C   . LEU A 7  ? 0.1971 0.2666 0.1916 -0.0049 -0.0163 0.1067  7   LEU A C   
84  O  O   . LEU A 7  ? 0.1889 0.4350 0.1926 -0.0512 -0.0138 0.0911  7   LEU A O   
85  C  CB  . LEU A 7  ? 0.2606 0.3556 0.2504 -0.0936 -0.0609 0.1637  7   LEU A CB  
86  C  CG  . LEU A 7  ? 0.2339 0.3733 0.2513 -0.0814 -0.0015 0.1261  7   LEU A CG  
87  C  CD1 . LEU A 7  ? 0.3654 0.3166 0.2907 -0.0725 0.0234  0.1644  7   LEU A CD1 
88  C  CD2 . LEU A 7  ? 0.2452 0.3439 0.2621 -0.0229 -0.0002 0.1123  7   LEU A CD2 
100 N  N   . TYR A 8  ? 0.2305 0.2253 0.2055 -0.0173 0.0360  0.0622  8   TYR A N   
101 C  CA  . TYR A 8  ? 0.2101 0.2545 0.1867 -0.0237 0.0257  0.0456  8   TYR A CA  
102 C  C   . TYR A 8  ? 0.1980 0.2118 0.2047 -0.0170 0.0214  0.0792  8   TYR A C   
103 O  O   . TYR A 8  ? 0.2450 0.2199 0.2228 -0.0101 0.0254  0.0719  8   TYR A O   
104 C  CB  . TYR A 8  ? 0.1972 0.2140 0.1985 -0.0226 0.0145  0.0574  8   TYR A CB  
105 C  CG  . TYR A 8  ? 0.2343 0.2419 0.1590 0.0028  0.0170  0.0154  8   TYR A CG  
106 C  CD1 . TYR A 8  ? 0.1835 0.2555 0.1597 0.0025  0.0041  0.0399  8   TYR A CD1 
107 C  CD2 . TYR A 8  ? 0.2157 0.2250 0.1653 -0.0127 0.0093  0.0250  8   TYR A CD2 
108 C  CE1 . TYR A 8  ? 0.2201 0.2247 0.1352 -0.0178 -0.0034 0.0157  8   TYR A CE1 
109 C  CE2 . TYR A 8  ? 0.1785 0.3112 0.1662 -0.0092 0.0131  0.0524  8   TYR A CE2 
110 C  CZ  . TYR A 8  ? 0.2066 0.2210 0.1987 0.0298  0.0385  0.0330  8   TYR A CZ  
111 O  OH  . TYR A 8  ? 0.2861 0.2067 0.2305 0.0155  0.0879  0.0243  8   TYR A OH  
121 N  N   . CYS A 9  ? 0.2106 0.1823 0.2015 0.0070  0.0421  0.0381  9   CYS A N   
122 C  CA  . CYS A 9  ? 0.2339 0.1466 0.2552 -0.0153 0.0331  0.0057  9   CYS A CA  
123 C  C   . CYS A 9  ? 0.2940 0.1707 0.2598 -0.0399 0.0269  -0.0022 9   CYS A C   
124 O  O   . CYS A 9  ? 0.2934 0.1644 0.3137 -0.0497 0.0845  0.0287  9   CYS A O   
125 C  CB  . CYS A 9  ? 0.2550 0.1807 0.2310 0.0011  0.0716  0.0147  9   CYS A CB  
126 S  SG  . CYS A 9  ? 0.2341 0.1677 0.2521 0.0168  0.0363  0.0209  9   CYS A SG  
131 N  N   . ILE A 10 ? 0.3588 0.1364 0.3028 0.0065  0.0904  -0.0102 10  ILE A N   
132 C  CA  . ILE A 10 ? 0.2869 0.1762 0.3519 -0.0093 0.0315  0.0135  10  ILE A CA  
133 C  C   . ILE A 10 ? 0.3109 0.2252 0.3271 -0.0134 0.0417  -0.0114 10  ILE A C   
134 O  O   . ILE A 10 ? 0.4222 0.1719 0.4253 -0.0293 0.0519  0.0637  10  ILE A O   
135 C  CB  . ILE A 10 ? 0.4147 0.1844 0.3222 0.0538  0.0310  -0.0482 10  ILE A CB  
136 C  CG1 . ILE A 10 ? 0.4430 0.2088 0.3450 0.0348  0.0205  0.0038  10  ILE A CG1 
137 C  CG2 . ILE A 10 ? 0.5097 0.1708 0.3255 0.0620  -0.0143 0.0199  10  ILE A CG2 
138 C  CD1 . ILE A 10 ? 0.4265 0.3439 0.3285 0.0266  -0.0047 0.0173  10  ILE A CD1 
150 N  N   . CYS A 11 ? 0.3185 0.1654 0.3180 -0.0061 0.0662  0.0381  11  CYS A N   
151 C  CA  . CYS A 11 ? 0.3366 0.1709 0.3009 0.0303  0.0789  0.0431  11  CYS A CA  
152 C  C   . CYS A 11 ? 0.2487 0.2908 0.2705 -0.0240 0.0063  0.0191  11  CYS A C   
153 O  O   . CYS A 11 ? 0.3068 0.2530 0.3543 0.0544  0.0618  0.1046  11  CYS A O   
154 C  CB  . CYS A 11 ? 0.3119 0.2224 0.3223 0.0206  0.0616  0.0641  11  CYS A CB  
155 S  SG  . CYS A 11 ? 0.2826 0.1880 0.2727 0.0320  0.0454  0.0616  11  CYS A SG  
160 N  N   . ARG A 12 ? 0.2859 0.2314 0.2949 -0.0077 0.0551  0.0925  12  ARG A N   
161 C  CA  . ARG A 12 ? 0.2742 0.1812 0.3094 -0.0170 0.0386  0.0868  12  ARG A CA  
162 C  C   . ARG A 12 ? 0.2697 0.2244 0.3553 0.0122  0.0083  0.0718  12  ARG A C   
163 O  O   . ARG A 12 ? 0.3174 0.2601 0.3315 0.0021  0.0066  0.1260  12  ARG A O   
164 C  CB  . ARG A 12 ? 0.2324 0.2273 0.3706 -0.0037 0.0670  0.0954  12  ARG A CB  
165 C  CG  . ARG A 12 ? 0.3990 0.1954 0.3421 -0.0532 0.0833  0.0624  12  ARG A CG  
166 C  CD  . ARG A 12 ? 0.3365 0.2100 0.3189 -0.0475 0.0874  0.0235  12  ARG A CD  
167 N  NE  . ARG A 12 ? 0.3135 0.2110 0.2670 -0.0416 -0.0012 0.0355  12  ARG A NE  
168 C  CZ  . ARG A 12 ? 0.2173 0.2182 0.3631 0.0220  0.0748  0.0554  12  ARG A CZ  
169 N  NH1 . ARG A 12 ? 0.2826 0.2084 0.4032 -0.0193 0.0801  0.0969  12  ARG A NH1 
170 N  NH2 . ARG A 12 ? 0.2239 0.2481 0.3485 0.0305  0.0765  0.1024  12  ARG A NH2 
184 N  N   . GLN A 13 ? 0.3130 0.2274 0.3167 -0.0308 0.0121  0.0891  13  GLN A N   
185 C  CA  . GLN A 13 ? 0.2971 0.1829 0.2823 -0.0045 -0.0181 0.0888  13  GLN A CA  
186 C  C   . GLN A 13 ? 0.1908 0.2813 0.2309 -0.0151 -0.0001 0.1014  13  GLN A C   
187 O  O   . GLN A 13 ? 0.1963 0.2245 0.2120 0.0065  -0.0148 0.0800  13  GLN A O   
188 C  CB  . GLN A 13 ? 0.3193 0.2726 0.2878 0.0306  0.0111  0.1016  13  GLN A CB  
189 C  CG  . GLN A 13 ? 0.3449 0.3618 0.3513 0.0805  -0.0072 0.0893  13  GLN A CG  
190 C  CD  . GLN A 13 ? 0.4060 0.3870 0.4275 -0.0058 0.0266  0.0667  13  GLN A CD  
191 O  OE1 . GLN A 13 ? 0.4378 0.4421 0.4484 -0.0201 0.0317  0.0321  13  GLN A OE1 
192 N  NE2 . GLN A 13 ? 0.4128 0.3100 0.4698 0.0520  0.0833  0.1837  13  GLN A NE2 
201 N  N   . PRO A 14 ? 0.1766 0.2848 0.2029 -0.0030 -0.0269 0.0965  14  PRO A N   
202 C  CA  . PRO A 14 ? 0.1768 0.2917 0.1863 -0.0023 0.0236  0.0462  14  PRO A CA  
203 C  C   . PRO A 14 ? 0.1474 0.2768 0.1587 -0.0083 -0.0017 0.0508  14  PRO A C   
204 O  O   . PRO A 14 ? 0.1753 0.2499 0.1682 0.0170  0.0108  0.0486  14  PRO A O   
205 C  CB  . PRO A 14 ? 0.1738 0.3411 0.1968 -0.0024 -0.0022 0.1028  14  PRO A CB  
206 C  CG  . PRO A 14 ? 0.1716 0.4004 0.2106 -0.0403 -0.0097 0.1216  14  PRO A CG  
207 C  CD  . PRO A 14 ? 0.1779 0.3411 0.2162 0.0257  0.0127  0.0998  14  PRO A CD  
215 N  N   . HIS A 15 ? 0.1452 0.2844 0.1766 0.0356  0.0154  0.0472  15  HIS A N   
216 C  CA  . HIS A 15 ? 0.1358 0.2576 0.1826 0.0262  -0.0033 0.0315  15  HIS A CA  
217 C  C   . HIS A 15 ? 0.1961 0.2090 0.1644 0.0096  -0.0067 0.0200  15  HIS A C   
218 O  O   . HIS A 15 ? 0.1739 0.2571 0.1793 0.0284  0.0000  0.0301  15  HIS A O   
219 C  CB  . HIS A 15 ? 0.1672 0.2690 0.1729 0.0455  -0.0023 0.0053  15  HIS A CB  
220 C  CG  . HIS A 15 ? 0.2090 0.1935 0.2022 0.0324  -0.0256 -0.0068 15  HIS A CG  
221 N  ND1 . HIS A 15 ? 0.2181 0.2802 0.2152 0.0174  -0.0309 -0.0518 15  HIS A ND1 
222 C  CD2 . HIS A 15 ? 0.1823 0.3089 0.2100 0.0007  -0.0298 0.0154  15  HIS A CD2 
223 C  CE1 . HIS A 15 ? 0.2210 0.2159 0.2468 0.0187  -0.0087 -0.0229 15  HIS A CE1 
224 N  NE2 . HIS A 15 ? 0.1818 0.2669 0.2369 0.0208  -0.0434 0.0137  15  HIS A NE2 
233 N  N   . ASN A 16 ? 0.1169 0.2860 0.1972 0.0207  0.0114  0.0284  16  ASN A N   
234 C  CA  . ASN A 16 ? 0.2049 0.2607 0.1654 0.0457  0.0076  0.0181  16  ASN A CA  
235 C  C   . ASN A 16 ? 0.1488 0.2806 0.1438 -0.0119 -0.0191 0.0295  16  ASN A C   
236 O  O   . ASN A 16 ? 0.1388 0.2428 0.2298 0.0067  -0.0151 0.0550  16  ASN A O   
237 C  CB  . ASN A 16 ? 0.1809 0.2397 0.1725 0.0204  0.0105  0.0591  16  ASN A CB  
238 C  CG  . ASN A 16 ? 0.1382 0.2781 0.2236 0.0407  0.0213  0.0557  16  ASN A CG  
239 O  OD1 . ASN A 16 ? 0.1607 0.3495 0.2223 0.0144  0.0229  0.0916  16  ASN A OD1 
240 N  ND2 . ASN A 16 ? 0.1819 0.2730 0.1981 0.0064  -0.0163 0.0763  16  ASN A ND2 
247 N  N   . ASN A 17 ? 0.1495 0.2418 0.1711 0.0522  -0.0128 0.0254  17  ASN A N   
248 C  CA  . ASN A 17 ? 0.2230 0.2656 0.2180 0.0284  0.0035  0.0190  17  ASN A CA  
249 C  C   . ASN A 17 ? 0.1693 0.2530 0.2034 0.0421  -0.0163 0.0131  17  ASN A C   
250 O  O   . ASN A 17 ? 0.2151 0.2562 0.2338 -0.0357 0.0109  0.0086  17  ASN A O   
251 C  CB  . ASN A 17 ? 0.2630 0.2733 0.2401 0.0120  -0.0246 -0.0192 17  ASN A CB  
252 C  CG  . ASN A 17 ? 0.3367 0.3442 0.3525 0.0168  -0.0183 -0.0072 17  ASN A CG  
253 O  OD1 . ASN A 17 ? 0.3976 0.2799 0.4228 0.0389  -0.0351 0.0625  17  ASN A OD1 
254 N  ND2 . ASN A 17 ? 0.3141 0.3777 0.3598 0.0290  0.0154  -0.0300 17  ASN A ND2 
261 N  N   . ARG A 18 ? 0.1715 0.2601 0.2051 0.0096  0.0015  0.0208  18  ARG A N   
262 C  CA  . ARG A 18 ? 0.1554 0.2501 0.1947 -0.0049 -0.0058 0.0388  18  ARG A CA  
263 C  C   . ARG A 18 ? 0.1818 0.2059 0.1810 -0.0072 -0.0208 0.0401  18  ARG A C   
264 O  O   . ARG A 18 ? 0.1514 0.2439 0.1947 0.0223  -0.0016 0.0278  18  ARG A O   
265 C  CB  . ARG A 18 ? 0.1410 0.2739 0.1947 0.0166  0.0014  0.0367  18  ARG A CB  
266 C  CG  . ARG A 18 ? 0.1642 0.2558 0.1895 0.0381  0.0032  0.0301  18  ARG A CG  
267 C  CD  . ARG A 18 ? 0.1421 0.2385 0.2147 0.0273  -0.0128 0.0378  18  ARG A CD  
268 N  NE  . ARG A 18 ? 0.1704 0.2317 0.2165 0.0404  -0.0244 0.0366  18  ARG A NE  
269 C  CZ  . ARG A 18 ? 0.1707 0.2645 0.2625 0.0495  0.0019  0.0630  18  ARG A CZ  
270 N  NH1 . ARG A 18 ? 0.2306 0.2495 0.2563 0.0812  0.0225  0.0530  18  ARG A NH1 
271 N  NH2 . ARG A 18 ? 0.2521 0.2432 0.2276 0.0904  0.0116  0.0185  18  ARG A NH2 
285 N  N   . PHE A 19 ? 0.1356 0.1916 0.1617 0.0086  -0.0096 0.0345  19  PHE A N   
286 C  CA  . PHE A 19 ? 0.1707 0.1773 0.1735 -0.0075 0.0132  0.0256  19  PHE A CA  
287 C  C   . PHE A 19 ? 0.1858 0.1794 0.1696 -0.0384 0.0140  0.0474  19  PHE A C   
288 O  O   . PHE A 19 ? 0.1556 0.1765 0.1811 0.0000  0.0049  0.0234  19  PHE A O   
289 C  CB  . PHE A 19 ? 0.1443 0.2236 0.2096 0.0056  0.0524  0.0482  19  PHE A CB  
290 C  CG  . PHE A 19 ? 0.1773 0.1878 0.1835 0.0050  0.0184  0.0345  19  PHE A CG  
291 C  CD1 . PHE A 19 ? 0.2314 0.2072 0.1681 0.0119  0.0231  0.0235  19  PHE A CD1 
292 C  CD2 . PHE A 19 ? 0.2757 0.2017 0.1741 0.0403  0.0369  0.0239  19  PHE A CD2 
293 C  CE1 . PHE A 19 ? 0.1944 0.2381 0.1710 0.0347  0.0165  0.0471  19  PHE A CE1 
294 C  CE2 . PHE A 19 ? 0.3264 0.1975 0.1678 0.0503  0.0396  0.0270  19  PHE A CE2 
295 C  CZ  . PHE A 19 ? 0.3074 0.2233 0.1501 0.0244  0.0296  -0.0215 19  PHE A CZ  
305 N  N   . MET A 20 ? 0.1273 0.1787 0.1782 -0.0029 -0.0097 0.0015  20  MET A N   
306 C  CA  . MET A 20 ? 0.1768 0.1974 0.1545 0.0279  0.0162  0.0009  20  MET A CA  
307 C  C   . MET A 20 ? 0.1361 0.2064 0.1493 0.0248  -0.0020 0.0116  20  MET A C   
308 O  O   . MET A 20 ? 0.1656 0.1561 0.1823 0.0147  0.0027  0.0185  20  MET A O   
309 C  CB  . MET A 20 ? 0.1418 0.1845 0.1731 0.0102  0.0048  -0.0064 20  MET A CB  
310 C  CG  . MET A 20 ? 0.1550 0.2087 0.1856 0.0265  0.0103  0.0293  20  MET A CG  
311 S  SD  . MET A 20 ? 0.1595 0.2013 0.1667 0.0179  0.0145  0.0282  20  MET A SD  
312 C  CE  . MET A 20 ? 0.1235 0.1722 0.1587 0.0182  -0.0020 0.0053  20  MET A CE  
322 N  N   . ILE A 21 ? 0.1331 0.1681 0.1556 0.0063  -0.0069 0.0055  21  ILE A N   
323 C  CA  . ILE A 21 ? 0.1477 0.1680 0.1493 -0.0114 -0.0045 0.0012  21  ILE A CA  
324 C  C   . ILE A 21 ? 0.1759 0.1828 0.1471 0.0066  0.0110  -0.0071 21  ILE A C   
325 O  O   . ILE A 21 ? 0.1582 0.1578 0.1722 0.0003  0.0072  0.0123  21  ILE A O   
326 C  CB  . ILE A 21 ? 0.1777 0.1758 0.1466 -0.0020 0.0247  -0.0001 21  ILE A CB  
327 C  CG1 . ILE A 21 ? 0.1894 0.2106 0.1485 0.0103  0.0127  0.0159  21  ILE A CG1 
328 C  CG2 . ILE A 21 ? 0.1880 0.2030 0.1614 0.0111  0.0337  -0.0128 21  ILE A CG2 
329 C  CD1 . ILE A 21 ? 0.1527 0.2003 0.1623 0.0253  0.0328  0.0133  21  ILE A CD1 
341 N  N   . CYS A 22 ? 0.1489 0.1525 0.1605 0.0108  0.0169  0.0101  22  CYS A N   
342 C  CA  . CYS A 22 ? 0.1648 0.1804 0.1632 -0.0391 0.0119  0.0022  22  CYS A CA  
343 C  C   . CYS A 22 ? 0.1609 0.2221 0.1701 -0.0351 0.0326  -0.0038 22  CYS A C   
344 O  O   . CYS A 22 ? 0.2069 0.2133 0.1627 -0.0337 0.0187  0.0272  22  CYS A O   
345 C  CB  . CYS A 22 ? 0.1295 0.2038 0.1519 -0.0175 0.0178  0.0004  22  CYS A CB  
346 S  SG  . CYS A 22 ? 0.1634 0.2215 0.1860 -0.0013 0.0259  0.0063  22  CYS A SG  
352 N  N   . CYS A 23 ? 0.1835 0.2224 0.1374 -0.0403 0.0104  -0.0025 23  CYS A N   
353 C  CA  . CYS A 23 ? 0.1950 0.2284 0.1886 -0.0165 0.0159  0.0019  23  CYS A CA  
354 C  C   . CYS A 23 ? 0.1786 0.2078 0.1686 -0.0181 0.0178  0.0147  23  CYS A C   
355 O  O   . CYS A 23 ? 0.1579 0.2343 0.1771 -0.0275 0.0236  0.0044  23  CYS A O   
356 C  CB  . CYS A 23 ? 0.1913 0.2200 0.1710 -0.0222 0.0244  -0.0238 23  CYS A CB  
357 S  SG  . CYS A 23 ? 0.2303 0.2568 0.1718 -0.0536 0.0168  -0.0237 23  CYS A SG  
362 N  N   . ASP A 24 ? 0.1931 0.2578 0.1526 -0.0328 -0.0003 0.0105  24  ASP A N   
363 C  CA  . ASP A 24 ? 0.1934 0.2746 0.1900 -0.0439 0.0035  0.0404  24  ASP A CA  
364 C  C   . ASP A 24 ? 0.1940 0.2680 0.2028 -0.0432 -0.0139 -0.0045 24  ASP A C   
365 O  O   . ASP A 24 ? 0.1349 0.3104 0.2777 -0.0285 -0.0088 -0.0036 24  ASP A O   
366 C  CB  . ASP A 24 ? 0.1677 0.2860 0.2041 0.0076  -0.0028 0.0345  24  ASP A CB  
367 C  CG  . ASP A 24 ? 0.2614 0.2222 0.1739 -0.0213 -0.0090 0.0521  24  ASP A CG  
368 O  OD1 . ASP A 24 ? 0.2283 0.2164 0.2284 0.0277  0.0337  -0.0018 24  ASP A OD1 
369 O  OD2 . ASP A 24 ? 0.2253 0.3161 0.1648 -0.0497 0.0218  -0.0019 24  ASP A OD2 
374 N  N   . ARG A 25 ? 0.2474 0.3446 0.1682 -0.0647 0.0102  0.0101  25  ARG A N   
375 C  CA  . ARG A 25 ? 0.1975 0.2715 0.2403 -0.1071 -0.0047 0.0012  25  ARG A CA  
376 C  C   . ARG A 25 ? 0.2158 0.3586 0.1852 -0.1284 -0.0076 -0.0289 25  ARG A C   
377 O  O   . ARG A 25 ? 0.2072 0.4618 0.2376 -0.1269 -0.0012 0.0402  25  ARG A O   
378 C  CB  . ARG A 25 ? 0.3202 0.3538 0.2374 -0.1167 0.0227  -0.0414 25  ARG A CB  
379 C  CG  . ARG A 25 ? 0.3771 0.4186 0.3444 -0.0499 0.0284  -0.0277 25  ARG A CG  
380 C  CD  . ARG A 25 ? 0.4578 0.4798 0.4270 -0.0171 0.0293  0.0043  25  ARG A CD  
381 N  NE  . ARG A 25 ? 0.4961 0.5291 0.4833 -0.0179 0.0189  0.0223  25  ARG A NE  
382 C  CZ  . ARG A 25 ? 0.5086 0.5604 0.5105 -0.0464 -0.0055 0.0306  25  ARG A CZ  
383 N  NH1 . ARG A 25 ? 0.5360 0.5642 0.5420 -0.0204 0.0108  0.0308  25  ARG A NH1 
384 N  NH2 . ARG A 25 ? 0.5206 0.5808 0.4716 -0.1030 -0.0516 0.0259  25  ARG A NH2 
397 N  N   . CYS A 26 ? 0.2102 0.2808 0.1902 -0.0738 0.0189  -0.0153 26  CYS A N   
398 C  CA  . CYS A 26 ? 0.2438 0.3149 0.1897 -0.1272 0.0339  -0.0441 26  CYS A CA  
399 C  C   . CYS A 26 ? 0.1757 0.2278 0.1980 -0.0538 0.0150  -0.0096 26  CYS A C   
400 O  O   . CYS A 26 ? 0.2440 0.2603 0.1804 -0.0801 0.0303  -0.0025 26  CYS A O   
401 C  CB  . CYS A 26 ? 0.2442 0.2506 0.2186 -0.1001 0.0435  -0.0477 26  CYS A CB  
402 S  SG  . CYS A 26 ? 0.2605 0.2425 0.1842 -0.0581 0.0326  -0.0219 26  CYS A SG  
407 N  N   . GLU A 27 ? 0.2271 0.2284 0.1616 -0.0634 0.0263  -0.0248 27  GLU A N   
408 C  CA  . GLU A 27 ? 0.1548 0.2639 0.1951 -0.0151 0.0187  0.0097  27  GLU A CA  
409 C  C   . GLU A 27 ? 0.1952 0.2461 0.1888 -0.0429 0.0453  -0.0157 27  GLU A C   
410 O  O   . GLU A 27 ? 0.1952 0.2059 0.1497 -0.0192 0.0083  -0.0038 27  GLU A O   
411 C  CB  . GLU A 27 ? 0.1733 0.2448 0.1670 -0.0472 0.0106  -0.0065 27  GLU A CB  
412 C  CG  . GLU A 27 ? 0.1827 0.3220 0.1982 -0.0265 0.0039  0.0019  27  GLU A CG  
413 C  CD  . GLU A 27 ? 0.1842 0.2675 0.2574 -0.0085 0.0098  -0.0197 27  GLU A CD  
414 O  OE1 . GLU A 27 ? 0.2090 0.2250 0.2459 -0.0156 0.0042  0.0467  27  GLU A OE1 
415 O  OE2 . GLU A 27 ? 0.2923 0.3445 0.2349 -0.0665 -0.0196 0.0657  27  GLU A OE2 
422 N  N   . GLU A 28 ? 0.1709 0.1999 0.1482 -0.0333 0.0106  -0.0065 28  GLU A N   
423 C  CA  . GLU A 28 ? 0.2024 0.1797 0.1748 -0.0306 0.0444  -0.0101 28  GLU A CA  
424 C  C   . GLU A 28 ? 0.2274 0.1908 0.1304 -0.0304 0.0324  0.0058  28  GLU A C   
425 O  O   . GLU A 28 ? 0.1869 0.1841 0.1527 -0.0163 0.0125  -0.0009 28  GLU A O   
426 C  CB  . GLU A 28 ? 0.1954 0.2013 0.2023 -0.0151 0.0017  0.0038  28  GLU A CB  
427 C  CG  . GLU A 28 ? 0.2592 0.1597 0.1793 -0.0252 0.0392  0.0063  28  GLU A CG  
428 C  CD  . GLU A 28 ? 0.1916 0.2113 0.2495 -0.0281 0.0624  0.0709  28  GLU A CD  
429 O  OE1 . GLU A 28 ? 0.2016 0.2062 0.1862 -0.0305 0.0185  0.0332  28  GLU A OE1 
430 O  OE2 . GLU A 28 ? 0.2815 0.2162 0.2579 -0.0660 0.0262  0.0522  28  GLU A OE2 
437 N  N   . TRP A 29 ? 0.1788 0.1863 0.1504 -0.0129 0.0326  0.0093  29  TRP A N   
438 C  CA  . TRP A 29 ? 0.1686 0.1799 0.1523 -0.0103 0.0355  0.0265  29  TRP A CA  
439 C  C   . TRP A 29 ? 0.1251 0.1941 0.1864 0.0003  0.0366  -0.0156 29  TRP A C   
440 O  O   . TRP A 29 ? 0.1945 0.1524 0.1961 0.0104  0.0369  0.0205  29  TRP A O   
441 C  CB  . TRP A 29 ? 0.1623 0.1724 0.1567 0.0063  0.0212  -0.0184 29  TRP A CB  
442 C  CG  . TRP A 29 ? 0.1471 0.2049 0.1563 0.0149  0.0275  -0.0167 29  TRP A CG  
443 C  CD1 . TRP A 29 ? 0.1617 0.1906 0.1687 0.0067  0.0150  -0.0045 29  TRP A CD1 
444 C  CD2 . TRP A 29 ? 0.1667 0.1484 0.1735 0.0100  0.0021  0.0183  29  TRP A CD2 
445 N  NE1 . TRP A 29 ? 0.1617 0.1935 0.1606 0.0234  0.0323  0.0080  29  TRP A NE1 
446 C  CE2 . TRP A 29 ? 0.2114 0.1491 0.1839 0.0066  -0.0086 0.0142  29  TRP A CE2 
447 C  CE3 . TRP A 29 ? 0.1539 0.2008 0.1557 0.0015  0.0088  -0.0025 29  TRP A CE3 
448 C  CZ2 . TRP A 29 ? 0.2196 0.2115 0.1884 0.0308  -0.0076 -0.0066 29  TRP A CZ2 
449 C  CZ3 . TRP A 29 ? 0.2073 0.1673 0.1488 -0.0315 -0.0108 0.0220  29  TRP A CZ3 
450 C  CH2 . TRP A 29 ? 0.1868 0.1696 0.1776 0.0266  -0.0207 0.0226  29  TRP A CH2 
461 N  N   . PHE A 30 ? 0.1356 0.1817 0.1659 -0.0048 0.0225  -0.0093 30  PHE A N   
462 C  CA  . PHE A 30 ? 0.1448 0.1626 0.1671 0.0078  0.0320  0.0175  30  PHE A CA  
463 C  C   . PHE A 30 ? 0.1763 0.1480 0.1647 0.0193  0.0309  0.0190  30  PHE A C   
464 O  O   . PHE A 30 ? 0.1601 0.1467 0.1851 0.0087  0.0238  0.0142  30  PHE A O   
465 C  CB  . PHE A 30 ? 0.1968 0.1726 0.1679 0.0191  0.0497  -0.0135 30  PHE A CB  
466 C  CG  . PHE A 30 ? 0.1944 0.1911 0.1680 -0.0337 0.0140  -0.0022 30  PHE A CG  
467 C  CD1 . PHE A 30 ? 0.2263 0.1848 0.1406 -0.0247 0.0155  -0.0202 30  PHE A CD1 
468 C  CD2 . PHE A 30 ? 0.2395 0.1586 0.1897 -0.0168 0.0200  -0.0016 30  PHE A CD2 
469 C  CE1 . PHE A 30 ? 0.2107 0.1945 0.1692 -0.0435 0.0159  -0.0131 30  PHE A CE1 
470 C  CE2 . PHE A 30 ? 0.2527 0.1455 0.1716 -0.0265 0.0192  -0.0357 30  PHE A CE2 
471 C  CZ  . PHE A 30 ? 0.2516 0.2263 0.1822 -0.0732 0.0478  -0.0232 30  PHE A CZ  
481 N  N   . HIS A 31 ? 0.2050 0.1413 0.1699 0.0169  0.0299  0.0325  31  HIS A N   
482 C  CA  . HIS A 31 ? 0.1606 0.2051 0.1914 0.0047  0.0341  0.0157  31  HIS A CA  
483 C  C   . HIS A 31 ? 0.2075 0.1527 0.1785 0.0318  0.0216  0.0097  31  HIS A C   
484 O  O   . HIS A 31 ? 0.1954 0.1722 0.2158 0.0286  0.0427  0.0033  31  HIS A O   
485 C  CB  . HIS A 31 ? 0.1916 0.1906 0.1959 0.0555  0.0091  0.0280  31  HIS A CB  
486 C  CG  . HIS A 31 ? 0.1506 0.2255 0.2069 0.0438  0.0232  0.0173  31  HIS A CG  
487 N  ND1 . HIS A 31 ? 0.2382 0.1616 0.2550 0.0037  0.0582  -0.0008 31  HIS A ND1 
488 C  CD2 . HIS A 31 ? 0.1493 0.2112 0.2085 0.0389  0.0173  0.0496  31  HIS A CD2 
489 C  CE1 . HIS A 31 ? 0.1965 0.2002 0.1943 0.0704  0.0385  0.0492  31  HIS A CE1 
490 N  NE2 . HIS A 31 ? 0.1963 0.2134 0.1906 0.0565  0.0309  0.0614  31  HIS A NE2 
498 N  N   . GLY A 32 ? 0.1651 0.1961 0.2021 0.0279  0.0257  0.0112  32  GLY A N   
499 C  CA  . GLY A 32 ? 0.1936 0.1997 0.1703 0.0261  0.0416  -0.0026 32  GLY A CA  
500 C  C   . GLY A 32 ? 0.2028 0.2337 0.2086 0.0256  0.0881  0.0245  32  GLY A C   
501 O  O   . GLY A 32 ? 0.2304 0.2053 0.1825 0.0317  0.0639  0.0087  32  GLY A O   
505 N  N   . ASP A 33 ? 0.1646 0.2104 0.2211 0.0309  0.0506  0.0095  33  ASP A N   
506 C  CA  . ASP A 33 ? 0.1922 0.2595 0.2313 0.0336  0.0782  0.0059  33  ASP A CA  
507 C  C   . ASP A 33 ? 0.1797 0.2617 0.3033 -0.0650 0.0918  0.0095  33  ASP A C   
508 O  O   . ASP A 33 ? 0.2821 0.2311 0.4312 -0.0225 0.1768  -0.1002 33  ASP A O   
509 C  CB  . ASP A 33 ? 0.1872 0.3019 0.2752 0.0648  0.0367  -0.0257 33  ASP A CB  
510 C  CG  . ASP A 33 ? 0.2303 0.2972 0.3441 0.1466  0.0481  0.0015  33  ASP A CG  
511 O  OD1 . ASP A 33 ? 0.2038 0.3222 0.2266 0.0605  0.0202  0.0016  33  ASP A OD1 
512 O  OD2 . ASP A 33 ? 0.1953 0.4231 0.3453 0.1033  0.0281  -0.0271 33  ASP A OD2 
517 N  N   . CYS A 34 ? 0.2449 0.1581 0.2772 0.0197  0.0284  -0.0055 34  CYS A N   
518 C  CA  . CYS A 34 ? 0.3023 0.2110 0.3131 0.0189  0.0962  0.0354  34  CYS A CA  
519 C  C   . CYS A 34 ? 0.3036 0.2101 0.2735 0.0501  0.0316  -0.0159 34  CYS A C   
520 O  O   . CYS A 34 ? 0.3553 0.1880 0.2352 0.0412  -0.0165 -0.0449 34  CYS A O   
521 C  CB  . CYS A 34 ? 0.2899 0.1856 0.2172 0.0596  0.0478  0.0393  34  CYS A CB  
522 S  SG  . CYS A 34 ? 0.2748 0.1881 0.2676 0.0731  0.0799  0.0206  34  CYS A SG  
527 N  N   . VAL A 35 ? 0.3052 0.1785 0.2098 0.0396  0.0905  -0.0055 35  VAL A N   
528 C  CA  . VAL A 35 ? 0.2920 0.2430 0.1665 0.0017  0.0553  -0.0190 35  VAL A CA  
529 C  C   . VAL A 35 ? 0.2808 0.1997 0.1980 0.0577  0.0407  -0.0127 35  VAL A C   
530 O  O   . VAL A 35 ? 0.2558 0.3164 0.1714 0.1050  0.0431  0.0146  35  VAL A O   
531 C  CB  . VAL A 35 ? 0.2455 0.2704 0.1829 0.0056  0.0404  -0.0372 35  VAL A CB  
532 C  CG1 . VAL A 35 ? 0.2822 0.2831 0.1759 -0.0187 0.0605  -0.0746 35  VAL A CG1 
533 C  CG2 . VAL A 35 ? 0.2316 0.2394 0.1954 0.0053  0.0398  -0.0101 35  VAL A CG2 
543 N  N   . GLY A 36 ? 0.4351 0.2069 0.2825 -0.0291 0.1797  -0.0416 36  GLY A N   
544 C  CA  . GLY A 36 ? 0.3756 0.2214 0.2379 -0.0008 0.1235  -0.0132 36  GLY A CA  
545 C  C   . GLY A 36 ? 0.3426 0.2098 0.2504 -0.0642 0.1220  -0.0407 36  GLY A C   
546 O  O   . GLY A 36 ? 0.4934 0.2134 0.2011 0.0205  0.1374  -0.0128 36  GLY A O   
550 N  N   . ILE A 37 ? 0.2975 0.2269 0.1913 -0.0155 0.0816  -0.0412 37  ILE A N   
551 C  CA  . ILE A 37 ? 0.2630 0.2318 0.2098 -0.0443 0.0463  -0.0124 37  ILE A CA  
552 C  C   . ILE A 37 ? 0.2227 0.1992 0.1916 0.0238  0.0619  -0.0212 37  ILE A C   
553 O  O   . ILE A 37 ? 0.2513 0.2126 0.1545 0.0239  0.0412  -0.0198 37  ILE A O   
554 C  CB  . ILE A 37 ? 0.2138 0.2924 0.2220 -0.0182 0.0650  -0.0635 37  ILE A CB  
555 C  CG1 . ILE A 37 ? 0.2497 0.3148 0.1722 -0.0581 0.0540  -0.0797 37  ILE A CG1 
556 C  CG2 . ILE A 37 ? 0.2175 0.2133 0.1815 0.0234  -0.0095 -0.0170 37  ILE A CG2 
557 C  CD1 . ILE A 37 ? 0.1848 0.2430 0.2116 -0.0773 0.0481  -0.0874 37  ILE A CD1 
569 N  N   . SER A 38 ? 0.2141 0.1899 0.1797 0.0039  0.0256  -0.0306 38  SER A N   
570 C  CA  . SER A 38 ? 0.1961 0.1855 0.1749 -0.0084 0.0114  0.0160  38  SER A CA  
571 C  C   . SER A 38 ? 0.2115 0.2136 0.1636 0.0150  0.0393  -0.0515 38  SER A C   
572 O  O   . SER A 38 ? 0.1853 0.2066 0.1662 0.0178  0.0015  -0.0108 38  SER A O   
573 C  CB  . SER A 38 ? 0.1722 0.1673 0.2086 0.0070  0.0106  -0.0305 38  SER A CB  
574 O  OG  . SER A 38 ? 0.1804 0.2309 0.1757 0.0205  0.0226  0.0078  38  SER A OG  
580 N  N   . GLU A 39 ? 0.2132 0.1919 0.1748 0.0134  -0.0122 -0.0334 39  GLU A N   
581 C  CA  . GLU A 39 ? 0.3039 0.2086 0.1360 0.0160  -0.0152 -0.0396 39  GLU A CA  
582 C  C   . GLU A 39 ? 0.2303 0.2316 0.1746 -0.0092 0.0072  -0.0150 39  GLU A C   
583 O  O   . GLU A 39 ? 0.2304 0.2147 0.2265 0.0625  0.0375  -0.0044 39  GLU A O   
584 C  CB  . GLU A 39 ? 0.3550 0.2115 0.1377 0.0126  -0.0190 -0.0209 39  GLU A CB  
585 C  CG  . GLU A 39 ? 0.2865 0.2924 0.2089 -0.0614 0.0297  -0.0503 39  GLU A CG  
586 C  CD  . GLU A 39 ? 0.3844 0.3920 0.2558 -0.0726 -0.0348 -0.0481 39  GLU A CD  
587 O  OE1 . GLU A 39 ? 0.3065 0.4426 0.2840 -0.0115 -0.0761 -0.0120 39  GLU A OE1 
588 O  OE2 . GLU A 39 ? 0.3261 0.4287 0.2517 -0.0197 -0.0321 -0.0489 39  GLU A OE2 
595 N  N   . ALA A 40 ? 0.2231 0.1800 0.2063 -0.0079 0.0336  -0.0126 40  ALA A N   
596 C  CA  . ALA A 40 ? 0.2649 0.1723 0.2343 -0.0059 0.0223  0.0075  40  ALA A CA  
597 C  C   . ALA A 40 ? 0.2303 0.2917 0.2097 0.0051  0.0263  0.0303  40  ALA A C   
598 O  O   . ALA A 40 ? 0.2279 0.2320 0.2165 0.0402  0.0435  0.0460  40  ALA A O   
599 C  CB  . ALA A 40 ? 0.1855 0.2387 0.2149 0.0038  0.0259  0.0159  40  ALA A CB  
605 N  N   . ARG A 41 ? 0.2138 0.2610 0.1809 0.0337  0.0486  -0.0092 41  ARG A N   
606 C  CA  . ARG A 41 ? 0.1626 0.2759 0.1800 0.0447  0.0073  0.0226  41  ARG A CA  
607 C  C   . ARG A 41 ? 0.2334 0.3171 0.1719 0.0464  0.0526  0.0427  41  ARG A C   
608 O  O   . ARG A 41 ? 0.1959 0.2870 0.1872 0.0658  0.0292  0.0487  41  ARG A O   
609 C  CB  . ARG A 41 ? 0.2126 0.2657 0.2155 -0.0028 0.0754  -0.0397 41  ARG A CB  
610 C  CG  . ARG A 41 ? 0.1143 0.3651 0.2037 0.0174  0.0173  0.0044  41  ARG A CG  
611 C  CD  . ARG A 41 ? 0.1838 0.3371 0.1995 0.0197  0.0393  0.0033  41  ARG A CD  
612 N  NE  . ARG A 41 ? 0.1916 0.5134 0.1817 -0.0358 0.0390  -0.0434 41  ARG A NE  
613 C  CZ  . ARG A 41 ? 0.2287 0.5069 0.2087 -0.0634 0.0250  -0.0059 41  ARG A CZ  
614 N  NH1 . ARG A 41 ? 0.2010 0.5831 0.2315 0.0034  0.0055  0.0572  41  ARG A NH1 
615 N  NH2 . ARG A 41 ? 0.1545 0.5667 0.2163 -0.0616 0.0101  -0.0070 41  ARG A NH2 
629 N  N   . GLY A 42 ? 0.2210 0.2401 0.1893 0.0603  0.0461  0.0503  42  GLY A N   
630 C  CA  . GLY A 42 ? 0.2712 0.2320 0.1667 0.0631  0.0704  0.0475  42  GLY A CA  
631 C  C   . GLY A 42 ? 0.2542 0.2792 0.1759 0.0354  0.0559  0.0456  42  GLY A C   
632 O  O   . GLY A 42 ? 0.2439 0.2814 0.2117 0.1054  0.0843  0.0768  42  GLY A O   
636 N  N   . ARG A 43 ? 0.2507 0.2359 0.2138 0.0649  0.0650  0.0237  43  ARG A N   
637 C  CA  . ARG A 43 ? 0.2657 0.2730 0.2684 0.0655  0.0743  0.0510  43  ARG A CA  
638 C  C   . ARG A 43 ? 0.3168 0.2944 0.2248 0.0862  0.0945  0.0190  43  ARG A C   
639 O  O   . ARG A 43 ? 0.3103 0.2754 0.3109 0.0939  0.1088  0.0842  43  ARG A O   
640 C  CB  . ARG A 43 ? 0.3564 0.2143 0.3022 0.0523  0.0318  0.0538  43  ARG A CB  
641 C  CG  . ARG A 43 ? 0.3922 0.2735 0.2806 0.0374  0.0023  0.0217  43  ARG A CG  
642 C  CD  . ARG A 43 ? 0.4236 0.2324 0.2868 0.0236  -0.0548 -0.0080 43  ARG A CD  
643 N  NE  . ARG A 43 ? 0.3443 0.2290 0.4184 0.0126  -0.0611 0.0449  43  ARG A NE  
644 C  CZ  . ARG A 43 ? 0.4075 0.3563 0.4215 -0.0677 -0.0852 -0.0597 43  ARG A CZ  
645 N  NH1 . ARG A 43 ? 0.4958 0.2692 0.4732 -0.0736 -0.0908 0.0167  43  ARG A NH1 
646 N  NH2 . ARG A 43 ? 0.3863 0.3779 0.4750 -0.0365 -0.0861 -0.0861 43  ARG A NH2 
660 N  N   . LEU A 44 ? 0.2772 0.2828 0.2000 0.1213  0.0712  0.0772  44  LEU A N   
661 C  CA  . LEU A 44 ? 0.2236 0.2761 0.2779 0.0622  0.0923  0.1373  44  LEU A CA  
662 C  C   . LEU A 44 ? 0.2487 0.3275 0.2534 0.0721  0.1068  0.1380  44  LEU A C   
663 O  O   . LEU A 44 ? 0.2334 0.3446 0.3181 0.0944  0.0791  0.1886  44  LEU A O   
664 C  CB  . LEU A 44 ? 0.1963 0.4150 0.2231 0.0474  0.0695  0.0604  44  LEU A CB  
665 C  CG  . LEU A 44 ? 0.2446 0.2112 0.2721 0.0264  0.0650  0.0746  44  LEU A CG  
666 C  CD1 . LEU A 44 ? 0.2671 0.2517 0.3029 0.0318  0.1194  0.0000  44  LEU A CD1 
667 C  CD2 . LEU A 44 ? 0.2815 0.2866 0.2868 0.0159  0.0958  -0.0119 44  LEU A CD2 
679 N  N   . LEU A 45 ? 0.2304 0.3570 0.2662 0.0842  0.0962  0.1598  45  LEU A N   
680 C  CA  . LEU A 45 ? 0.2068 0.3610 0.2913 0.0455  0.0912  0.1583  45  LEU A CA  
681 C  C   . LEU A 45 ? 0.1795 0.3718 0.3441 0.0483  0.0731  0.1900  45  LEU A C   
682 O  O   . LEU A 45 ? 0.2031 0.3735 0.3740 0.0802  0.0965  0.2078  45  LEU A O   
683 C  CB  . LEU A 45 ? 0.1873 0.3168 0.2922 0.0874  0.1006  0.1429  45  LEU A CB  
684 C  CG  . LEU A 45 ? 0.1877 0.3894 0.2117 0.0655  0.0341  0.0880  45  LEU A CG  
685 C  CD1 . LEU A 45 ? 0.2136 0.2824 0.2020 0.0317  0.0426  0.0315  45  LEU A CD1 
686 C  CD2 . LEU A 45 ? 0.2156 0.4057 0.2588 0.0649  0.0346  0.1251  45  LEU A CD2 
698 N  N   . GLU A 46 ? 0.2275 0.2920 0.3387 0.1071  0.1295  0.1474  46  GLU A N   
699 C  CA  . GLU A 46 ? 0.2271 0.2871 0.3530 0.0716  0.1392  0.1317  46  GLU A CA  
700 C  C   . GLU A 46 ? 0.2797 0.2687 0.4014 0.0622  0.1687  0.1376  46  GLU A C   
701 O  O   . GLU A 46 ? 0.2883 0.2852 0.5615 0.0906  0.1936  0.1802  46  GLU A O   
702 C  CB  . GLU A 46 ? 0.3260 0.2688 0.3522 0.0927  0.1071  0.0653  46  GLU A CB  
703 C  CG  . GLU A 46 ? 0.2932 0.3599 0.3930 0.0555  0.1001  0.0696  46  GLU A CG  
704 C  CD  . GLU A 46 ? 0.3620 0.3909 0.4185 -0.0071 0.0355  0.0231  46  GLU A CD  
705 O  OE1 . GLU A 46 ? 0.4000 0.4381 0.4536 -0.0596 0.0882  0.0402  46  GLU A OE1 
706 O  OE2 . GLU A 46 ? 0.3527 0.3466 0.4269 0.0029  0.0346  0.1162  46  GLU A OE2 
713 N  N   . ARG A 47 ? 0.2294 0.2822 0.3870 0.0909  0.1244  0.1791  47  ARG A N   
714 C  CA  . ARG A 47 ? 0.2593 0.3031 0.4047 0.0529  0.1345  0.1377  47  ARG A CA  
715 C  C   . ARG A 47 ? 0.2900 0.2376 0.3847 0.0664  0.1217  0.1537  47  ARG A C   
716 O  O   . ARG A 47 ? 0.2956 0.3268 0.3749 0.1179  0.1440  0.1881  47  ARG A O   
717 C  CB  . ARG A 47 ? 0.2850 0.2846 0.4414 0.0289  0.0719  0.1809  47  ARG A CB  
718 C  CG  . ARG A 47 ? 0.3035 0.3725 0.4415 -0.0349 0.0650  0.1355  47  ARG A CG  
719 C  CD  . ARG A 47 ? 0.3798 0.3514 0.4684 -0.0438 0.0441  0.1032  47  ARG A CD  
720 N  NE  . ARG A 47 ? 0.4020 0.3644 0.4783 0.0276  0.0633  0.0316  47  ARG A NE  
721 C  CZ  . ARG A 47 ? 0.4079 0.3813 0.4740 0.0330  0.0360  0.0303  47  ARG A CZ  
722 N  NH1 . ARG A 47 ? 0.2746 0.3500 0.4778 0.0182  0.0460  0.0508  47  ARG A NH1 
723 N  NH2 . ARG A 47 ? 0.4742 0.3753 0.5357 0.0190  0.0758  0.0511  47  ARG A NH2 
737 N  N   . ASN A 48 ? 0.2489 0.2612 0.3208 0.0889  0.0974  0.1581  48  ASN A N   
738 C  CA  . ASN A 48 ? 0.2485 0.3145 0.2693 0.0772  0.0455  0.1651  48  ASN A CA  
739 C  C   . ASN A 48 ? 0.2469 0.3347 0.3061 0.1108  0.0844  0.1761  48  ASN A C   
740 O  O   . ASN A 48 ? 0.2596 0.3903 0.3124 0.1371  0.0918  0.1864  48  ASN A O   
741 C  CB  . ASN A 48 ? 0.2273 0.3211 0.2776 0.0924  0.0895  0.1650  48  ASN A CB  
742 C  CG  . ASN A 48 ? 0.2599 0.3823 0.1952 0.0688  0.0400  0.0609  48  ASN A CG  
743 O  OD1 . ASN A 48 ? 0.2442 0.2958 0.2137 0.0850  0.0487  0.1133  48  ASN A OD1 
744 N  ND2 . ASN A 48 ? 0.2919 0.3113 0.2249 0.0950  0.1249  0.0431  48  ASN A ND2 
751 N  N   . GLY A 49 ? 0.2188 0.3112 0.2768 0.1118  0.0547  0.1301  49  GLY A N   
752 C  CA  . GLY A 49 ? 0.2389 0.3503 0.2687 0.1198  0.0611  0.1219  49  GLY A CA  
753 C  C   . GLY A 49 ? 0.1994 0.3558 0.3191 0.0426  0.0007  0.1861  49  GLY A C   
754 O  O   . GLY A 49 ? 0.1638 0.3360 0.4636 0.0165  -0.0001 0.1819  49  GLY A O   
758 N  N   . GLU A 50 ? 0.2190 0.3737 0.2311 0.0785  0.0172  0.1135  50  GLU A N   
759 C  CA  . GLU A 50 ? 0.2414 0.4123 0.2188 -0.0073 -0.0152 0.1178  50  GLU A CA  
760 C  C   . GLU A 50 ? 0.2625 0.3618 0.2340 -0.0296 -0.0029 0.1188  50  GLU A C   
761 O  O   . GLU A 50 ? 0.2935 0.3700 0.1918 -0.0565 -0.0583 0.1268  50  GLU A O   
762 C  CB  . GLU A 50 ? 0.3433 0.3798 0.2215 -0.0120 -0.0276 0.0851  50  GLU A CB  
763 C  CG  . GLU A 50 ? 0.3668 0.4942 0.2762 -0.0661 0.0224  0.0661  50  GLU A CG  
764 C  CD  . GLU A 50 ? 0.4706 0.5037 0.3314 -0.0202 0.0508  0.0795  50  GLU A CD  
765 O  OE1 . GLU A 50 ? 0.4469 0.5588 0.2736 -0.0318 0.0378  0.0773  50  GLU A OE1 
766 O  OE2 . GLU A 50 ? 0.5618 0.5605 0.3665 0.0241  0.0339  0.0644  50  GLU A OE2 
773 N  N   . ASP A 51 ? 0.3089 0.3544 0.1752 -0.0409 -0.0128 0.0673  51  ASP A N   
774 C  CA  . ASP A 51 ? 0.2741 0.3635 0.1992 -0.0124 0.0111  0.0532  51  ASP A CA  
775 C  C   . ASP A 51 ? 0.3153 0.3168 0.1993 -0.0197 0.0225  0.0461  51  ASP A C   
776 O  O   . ASP A 51 ? 0.3981 0.3819 0.1790 0.0280  0.0771  0.0653  51  ASP A O   
777 C  CB  . ASP A 51 ? 0.2872 0.4013 0.2605 -0.0698 -0.0129 0.0003  51  ASP A CB  
778 C  CG  . ASP A 51 ? 0.3346 0.3849 0.3427 -0.0521 -0.0186 -0.0120 51  ASP A CG  
779 O  OD1 . ASP A 51 ? 0.3422 0.3500 0.3829 -0.0030 0.0112  -0.0424 51  ASP A OD1 
780 O  OD2 . ASP A 51 ? 0.3065 0.4625 0.3978 -0.1155 -0.0347 -0.0919 51  ASP A OD2 
785 N  N   . TYR A 52 ? 0.3084 0.2897 0.1677 -0.0223 0.0284  0.0331  52  TYR A N   
786 C  CA  . TYR A 52 ? 0.2860 0.2351 0.2118 -0.0401 0.0801  -0.0070 52  TYR A CA  
787 C  C   . TYR A 52 ? 0.2923 0.3028 0.1259 -0.0313 -0.0198 0.0187  52  TYR A C   
788 O  O   . TYR A 52 ? 0.2728 0.3050 0.1545 -0.0301 0.0529  0.0086  52  TYR A O   
789 C  CB  . TYR A 52 ? 0.2655 0.2475 0.2054 -0.0264 0.0200  -0.0022 52  TYR A CB  
790 C  CG  . TYR A 52 ? 0.1998 0.2307 0.2227 -0.0513 0.0246  -0.0196 52  TYR A CG  
791 C  CD1 . TYR A 52 ? 0.2101 0.2416 0.2112 -0.0165 0.0573  -0.0336 52  TYR A CD1 
792 C  CD2 . TYR A 52 ? 0.2198 0.1907 0.1973 -0.0154 0.0280  0.0010  52  TYR A CD2 
793 C  CE1 . TYR A 52 ? 0.1980 0.2403 0.2470 -0.0142 0.0419  -0.0269 52  TYR A CE1 
794 C  CE2 . TYR A 52 ? 0.2164 0.2521 0.1950 -0.0538 0.0283  -0.0008 52  TYR A CE2 
795 C  CZ  . TYR A 52 ? 0.2574 0.2752 0.2198 -0.0689 0.0325  0.0009  52  TYR A CZ  
796 O  OH  . TYR A 52 ? 0.2059 0.2141 0.2690 -0.0457 0.0085  -0.0180 52  TYR A OH  
806 N  N   . ILE A 53 ? 0.2548 0.2736 0.1774 -0.0482 0.0371  -0.0092 53  ILE A N   
807 C  CA  . ILE A 53 ? 0.2725 0.3019 0.1828 -0.0464 0.0169  -0.0202 53  ILE A CA  
808 C  C   . ILE A 53 ? 0.2886 0.2507 0.2021 -0.0752 0.0369  -0.0246 53  ILE A C   
809 O  O   . ILE A 53 ? 0.2750 0.3289 0.2040 -0.0587 0.0734  -0.0434 53  ILE A O   
810 C  CB  . ILE A 53 ? 0.3128 0.3603 0.2321 -0.0401 0.0012  -0.0289 53  ILE A CB  
811 C  CG1 . ILE A 53 ? 0.3148 0.3130 0.1934 -0.0136 -0.0032 -0.0179 53  ILE A CG1 
812 C  CG2 . ILE A 53 ? 0.3135 0.3559 0.2588 -0.0552 -0.0156 -0.0875 53  ILE A CG2 
813 C  CD1 . ILE A 53 ? 0.2425 0.3223 0.2626 -0.0163 -0.0190 0.0444  53  ILE A CD1 
825 N  N   . CYS A 54 ? 0.2878 0.2217 0.2047 -0.0734 0.0421  -0.0092 54  CYS A N   
826 C  CA  . CYS A 54 ? 0.2694 0.2878 0.1715 -0.0421 0.0291  -0.0685 54  CYS A CA  
827 C  C   . CYS A 54 ? 0.2222 0.2879 0.2113 -0.0749 0.0604  -0.0242 54  CYS A C   
828 O  O   . CYS A 54 ? 0.2251 0.2685 0.1923 -0.0733 0.0123  -0.0450 54  CYS A O   
829 C  CB  . CYS A 54 ? 0.2580 0.2773 0.1848 -0.0535 0.0088  -0.0418 54  CYS A CB  
830 S  SG  . CYS A 54 ? 0.2686 0.2485 0.1913 -0.0759 0.0256  -0.0417 54  CYS A SG  
835 N  N   . PRO A 55 ? 0.2632 0.2512 0.2114 -0.0602 0.0244  -0.0651 55  PRO A N   
836 C  CA  . PRO A 55 ? 0.3001 0.3078 0.2209 -0.0473 -0.0035 -0.0666 55  PRO A CA  
837 C  C   . PRO A 55 ? 0.2795 0.2807 0.3724 -0.0550 0.0239  -0.0552 55  PRO A C   
838 O  O   . PRO A 55 ? 0.2878 0.3100 0.3667 -0.0780 0.0032  -0.1608 55  PRO A O   
839 C  CB  . PRO A 55 ? 0.3159 0.1720 0.2822 0.0008  0.0147  -0.0479 55  PRO A CB  
840 C  CG  . PRO A 55 ? 0.3524 0.1979 0.2430 0.0105  0.0061  0.0158  55  PRO A CG  
841 C  CD  . PRO A 55 ? 0.2716 0.1803 0.2059 -0.0408 0.0262  -0.0199 55  PRO A CD  
849 N  N   . ASN A 56 ? 0.3384 0.2969 0.3538 -0.1399 0.0194  0.0219  56  ASN A N   
850 C  CA  . ASN A 56 ? 0.3230 0.2910 0.3953 -0.1269 -0.0307 0.0152  56  ASN A CA  
851 C  C   . ASN A 56 ? 0.3202 0.3096 0.3292 -0.1087 0.0021  -0.0474 56  ASN A C   
852 O  O   . ASN A 56 ? 0.3330 0.2872 0.3895 -0.1702 -0.0179 -0.0642 56  ASN A O   
853 C  CB  . ASN A 56 ? 0.3128 0.3923 0.4340 -0.0983 -0.0028 0.0420  56  ASN A CB  
854 C  CG  . ASN A 56 ? 0.3637 0.4263 0.2731 -0.0975 0.0390  -0.0540 56  ASN A CG  
855 O  OD1 . ASN A 56 ? 0.3571 0.3102 0.4396 -0.0705 0.1022  0.0542  56  ASN A OD1 
856 N  ND2 . ASN A 56 ? 0.3510 0.3235 0.3653 -0.0318 0.0593  0.0297  56  ASN A ND2 
863 N  N   . CYS A 57 ? 0.3090 0.2465 0.2534 -0.0792 0.0126  -0.0286 57  CYS A N   
864 C  CA  . CYS A 57 ? 0.3366 0.2880 0.2196 -0.0717 0.0318  -0.1152 57  CYS A CA  
865 C  C   . CYS A 57 ? 0.2636 0.3632 0.2359 -0.0964 -0.0130 -0.1343 57  CYS A C   
866 O  O   . CYS A 57 ? 0.2863 0.5571 0.1856 -0.0938 0.0111  -0.1093 57  CYS A O   
867 C  CB  . CYS A 57 ? 0.2874 0.3244 0.2210 -0.0778 0.0583  -0.0930 57  CYS A CB  
868 S  SG  . CYS A 57 ? 0.2580 0.3282 0.2187 -0.1283 0.0383  -0.0962 57  CYS A SG  
873 N  N   . THR A 58 ? 0.2865 0.4693 0.2214 -0.0942 0.0343  -0.0816 58  THR A N   
874 C  CA  . THR A 58 ? 0.3512 0.4414 0.3085 -0.0896 0.0837  -0.1372 58  THR A CA  
875 C  C   . THR A 58 ? 0.4204 0.4756 0.3124 -0.0660 0.0351  -0.0781 58  THR A C   
876 O  O   . THR A 58 ? 0.4729 0.5762 0.4109 -0.0344 0.0201  -0.0633 58  THR A O   
877 C  CB  . THR A 58 ? 0.3814 0.5103 0.4083 -0.0357 0.1026  -0.0306 58  THR A CB  
878 O  OG1 . THR A 58 ? 0.4081 0.5006 0.4586 -0.0681 0.0275  -0.0278 58  THR A OG1 
879 C  CG2 . THR A 58 ? 0.3993 0.4676 0.3222 -0.0302 0.1095  -0.0697 58  THR A CG2 
887 N  N   . ALA B 1  ? 0.2124 0.2766 0.1851 0.0528  0.0308  0.0962  80  ALA U N   
888 C  CA  . ALA B 1  ? 0.1722 0.2755 0.2098 0.0603  0.0355  0.0587  80  ALA U CA  
889 C  C   . ALA B 1  ? 0.1755 0.2374 0.1855 0.0476  0.0299  0.0731  80  ALA U C   
890 O  O   . ALA B 1  ? 0.2212 0.2349 0.2126 0.0113  0.0389  0.0731  80  ALA U O   
891 C  CB  . ALA B 1  ? 0.1927 0.2292 0.1916 0.0193  -0.0070 0.0555  80  ALA U CB  
896 N  N   . ARG B 2  ? 0.1790 0.2181 0.1682 -0.0159 0.0047  0.0428  81  ARG U N   
897 C  CA  . ARG B 2  ? 0.1203 0.1722 0.1829 0.0258  -0.0054 0.0439  81  ARG U CA  
898 C  C   . ARG B 2  ? 0.1623 0.2240 0.1600 0.0139  0.0292  0.0126  81  ARG U C   
899 O  O   . ARG B 2  ? 0.1563 0.1531 0.1711 0.0241  -0.0092 0.0128  81  ARG U O   
900 C  CB  . ARG B 2  ? 0.1484 0.2096 0.1821 0.0012  0.0054  0.0436  81  ARG U CB  
901 C  CG  . ARG B 2  ? 0.1160 0.2178 0.2176 0.0358  0.0259  0.0516  81  ARG U CG  
902 C  CD  . ARG B 2  ? 0.1414 0.2398 0.2013 0.0526  0.0122  0.0470  81  ARG U CD  
903 N  NE  . ARG B 2  ? 0.1662 0.2566 0.2093 -0.0076 0.0085  0.0533  81  ARG U NE  
904 C  CZ  . ARG B 2  ? 0.1874 0.2241 0.2721 0.0085  0.0350  0.0683  81  ARG U CZ  
905 N  NH1 . ARG B 2  ? 0.1425 0.2184 0.2238 -0.0024 0.0454  0.0310  81  ARG U NH1 
906 N  NH2 . ARG B 2  ? 0.2395 0.3358 0.2280 -0.0488 0.0259  -0.0098 81  ARG U NH2 
920 N  N   . THR B 3  ? 0.1610 0.1443 0.1637 0.0085  -0.0286 0.0138  82  THR U N   
921 C  CA  . THR B 3  ? 0.1693 0.1896 0.1763 0.0288  0.0046  0.0208  82  THR U CA  
922 C  C   . THR B 3  ? 0.2330 0.1827 0.1611 -0.0039 0.0044  0.0060  82  THR U C   
923 O  O   . THR B 3  ? 0.2117 0.1710 0.1830 0.0426  -0.0180 -0.0073 82  THR U O   
924 C  CB  . THR B 3  ? 0.2249 0.2044 0.1838 0.0009  0.0452  0.0120  82  THR U CB  
925 O  OG1 . THR B 3  ? 0.2381 0.2095 0.2330 -0.0335 0.0222  0.0192  82  THR U OG1 
926 C  CG2 . THR B 3  ? 0.1738 0.1936 0.2048 0.0006  0.0311  0.0474  82  THR U CG2 
934 N  N   . M3L B 4  ? 0.1803 0.1746 0.1996 0.0144  -0.0215 0.0175  83  M3L U N   
935 C  CA  . M3L B 4  ? 0.1836 0.2406 0.2019 -0.0098 -0.0045 0.0097  83  M3L U CA  
936 C  CB  . M3L B 4  ? 0.2076 0.2467 0.1829 -0.0115 0.0165  0.0262  83  M3L U CB  
937 C  CG  . M3L B 4  ? 0.2168 0.2313 0.1888 0.0073  0.0184  0.0178  83  M3L U CG  
938 C  CD  . M3L B 4  ? 0.2692 0.2445 0.1645 0.0143  0.0012  0.0309  83  M3L U CD  
939 C  CE  . M3L B 4  ? 0.1523 0.2851 0.2327 0.0127  0.0327  -0.0188 83  M3L U CE  
940 N  NZ  . M3L B 4  ? 0.2001 0.2754 0.1848 0.0313  0.0381  0.0269  83  M3L U NZ  
941 C  C   . M3L B 4  ? 0.2225 0.1729 0.2356 -0.0073 -0.0632 0.0004  83  M3L U C   
942 O  O   . M3L B 4  ? 0.2114 0.1796 0.2553 0.0230  -0.0009 -0.0307 83  M3L U O   
943 C  CM1 . M3L B 4  ? 0.2718 0.3845 0.1426 0.0058  -0.0205 0.0046  83  M3L U CM1 
944 C  CM2 . M3L B 4  ? 0.2119 0.2085 0.2160 0.0243  0.0452  -0.0042 83  M3L U CM2 
945 C  CM3 . M3L B 4  ? 0.1632 0.2916 0.2391 0.0341  0.0340  0.0078  83  M3L U CM3 
946 N  N   . GLN B 5  ? 0.1790 0.2234 0.4296 0.0104  0.0001  -0.0444 84  GLN U N   
947 C  CA  . GLN B 5  ? 0.2490 0.2875 0.4853 -0.1007 0.0481  -0.0092 84  GLN U CA  
948 C  C   . GLN B 5  ? 0.2783 0.4785 0.4696 -0.0334 0.0105  -0.0284 84  GLN U C   
949 O  O   . GLN B 5  ? 0.2979 0.5219 0.4806 -0.0844 -0.0819 0.0031  84  GLN U O   
950 C  CB  . GLN B 5  ? 0.3873 0.3072 0.4745 -0.0896 0.0319  -0.0087 84  GLN U CB  
951 C  CG  . GLN B 5  ? 0.4711 0.3831 0.4351 -0.0723 0.0180  0.0923  84  GLN U CG  
952 C  CD  . GLN B 5  ? 0.4656 0.4206 0.4027 -0.0488 -0.0131 0.0582  84  GLN U CD  
953 O  OE1 . GLN B 5  ? 0.5347 0.5110 0.3797 -0.0201 0.0115  0.0204  84  GLN U OE1 
954 N  NE2 . GLN B 5  ? 0.4080 0.2897 0.4539 -0.1047 -0.0503 0.1006  84  GLN U NE2 
963 N  N   . THR B 6  ? 0.3678 0.4309 0.4058 -0.0097 -0.0551 0.0369  85  THR U N   
964 C  CA  . THR B 6  ? 0.4309 0.3007 0.4356 0.0055  -0.0072 -0.0036 85  THR U CA  
965 C  C   . THR B 6  ? 0.4767 0.3805 0.3867 0.0138  -0.0336 0.0133  85  THR U C   
966 O  O   . THR B 6  ? 0.4948 0.3373 0.3657 -0.0113 -0.0493 0.0232  85  THR U O   
967 C  CB  . THR B 6  ? 0.3343 0.3999 0.3862 -0.0210 -0.0139 0.0005  85  THR U CB  
968 O  OG1 . THR B 6  ? 0.4071 0.3900 0.4253 -0.0755 0.0522  0.0712  85  THR U OG1 
969 C  CG2 . THR B 6  ? 0.3060 0.4281 0.3477 -0.0387 -0.0642 0.0210  85  THR U CG2 
977 N  N   . ALA B 7  ? 0.4235 0.2959 0.4803 0.0204  0.0244  -0.0013 86  ALA U N   
978 C  CA  . ALA B 7  ? 0.3631 0.4657 0.4319 -0.0001 -0.0312 0.0067  86  ALA U CA  
979 C  C   . ALA B 7  ? 0.4725 0.4384 0.3973 -0.0202 -0.0429 0.0242  86  ALA U C   
980 O  O   . ALA B 7  ? 0.5073 0.4182 0.3776 -0.0047 0.0101  0.0301  86  ALA U O   
981 C  CB  . ALA B 7  ? 0.4357 0.4597 0.4190 0.0038  -0.0140 -0.0298 86  ALA U CB  
987 ZN ZN  . ZN  C .  ? 0.2211 0.2134 0.1662 -0.0787 0.0370  -0.0478 101 ZN  A ZN  
988 ZN ZN  . ZN  D .  ? 0.2195 0.1460 0.2190 0.0373  0.0421  0.0346  102 ZN  A ZN  
# 
